data_9EP8
#
_entry.id   9EP8
#
_cell.length_a   151.409
_cell.length_b   134.292
_cell.length_c   93.548
_cell.angle_alpha   90.00
_cell.angle_beta   109.71
_cell.angle_gamma   90.00
#
_symmetry.space_group_name_H-M   'C 1 2 1'
#
loop_
_entity.id
_entity.type
_entity.pdbx_description
1 polymer 'Rho-associated protein kinase 2'
2 non-polymer 8-(azaindolyl)-benzoazepinone
3 non-polymer 1,2-ETHANEDIOL
4 water water
#
_entity_poly.entity_id   1
_entity_poly.type   'polypeptide(L)'
_entity_poly.pdbx_seq_one_letter_code
;GAAGDGAGASRQRKLEALIRDPRSPINVESLLDGLNSLVLDLDFPALRKNKNIDNFLNRYEKIVKKIRGLQMKAEDYDVV
KVIGRGAFGEVQLVRHKASQKVYAMKLLSKFEMIKRSDSAFFWEERDIMAFANSPWVVQLFYAFQDDRYLYMVMEYMPGG
DLVNLMSNYDVPEKWAKFYTAEVVLALDAIHSMGLIHRDVKPDNMLLDKHGHLKLADFGTCMKMDETGMVHCDTAVGTPD
YISPEVLKSQGGDGFYGRECDWWSVGVFLYEMLVGDTPFYADSLVGTYSKIMDHKNSLCFPEDAEISKHAKNLICAFLTD
REVRLGRNGVEEIRQHPFFKNDQWHWDNIRETAAPVVPELSSDIDSSNFDDIEDDKGDVETFPIPKAFVGNQLPFIGFTY
YR
;
_entity_poly.pdbx_strand_id   A,B,C,D
#
# COMPACT_ATOMS: atom_id res chain seq x y z
N ALA A 7 -55.71 -22.72 -18.53
CA ALA A 7 -56.28 -21.39 -18.98
C ALA A 7 -55.19 -20.37 -19.34
N GLY A 8 -55.47 -19.53 -20.36
CA GLY A 8 -54.61 -18.38 -20.74
C GLY A 8 -54.50 -17.30 -19.66
N ALA A 9 -55.62 -17.04 -18.98
CA ALA A 9 -55.67 -16.19 -17.75
C ALA A 9 -54.80 -16.69 -16.56
N SER A 10 -54.78 -18.01 -16.37
CA SER A 10 -53.94 -18.68 -15.36
C SER A 10 -52.43 -18.60 -15.64
N ARG A 11 -52.07 -18.70 -16.91
CA ARG A 11 -50.67 -18.45 -17.36
C ARG A 11 -50.21 -16.99 -17.08
N GLN A 12 -51.13 -16.02 -17.24
CA GLN A 12 -50.85 -14.62 -16.89
C GLN A 12 -50.85 -14.42 -15.37
N ARG A 13 -51.70 -15.14 -14.63
CA ARG A 13 -51.64 -15.15 -13.14
C ARG A 13 -50.28 -15.62 -12.61
N LYS A 14 -49.81 -16.77 -13.13
CA LYS A 14 -48.49 -17.35 -12.79
C LYS A 14 -47.33 -16.40 -13.09
N LEU A 15 -47.37 -15.79 -14.28
CA LEU A 15 -46.34 -14.84 -14.72
C LEU A 15 -46.24 -13.59 -13.84
N GLU A 16 -47.38 -13.03 -13.48
CA GLU A 16 -47.46 -11.90 -12.55
C GLU A 16 -46.93 -12.25 -11.15
N ALA A 17 -47.20 -13.48 -10.69
CA ALA A 17 -46.70 -13.99 -9.39
C ALA A 17 -45.18 -14.07 -9.29
N LEU A 18 -44.52 -14.48 -10.37
CA LEU A 18 -43.05 -14.43 -10.45
C LEU A 18 -42.52 -13.00 -10.29
N ILE A 19 -43.14 -12.05 -10.99
CA ILE A 19 -42.64 -10.66 -11.03
C ILE A 19 -42.91 -9.89 -9.71
N ARG A 20 -44.02 -10.18 -9.05
CA ARG A 20 -44.34 -9.61 -7.73
C ARG A 20 -43.43 -10.13 -6.59
N ASP A 21 -42.90 -11.35 -6.70
CA ASP A 21 -42.07 -11.98 -5.67
C ASP A 21 -40.75 -11.19 -5.50
N PRO A 22 -40.44 -10.67 -4.28
CA PRO A 22 -39.16 -9.95 -4.09
C PRO A 22 -37.89 -10.82 -4.16
N ARG A 23 -38.02 -12.14 -3.94
CA ARG A 23 -36.91 -13.10 -4.16
C ARG A 23 -36.62 -13.46 -5.62
N SER A 24 -37.51 -13.07 -6.55
CA SER A 24 -37.44 -13.54 -7.93
C SER A 24 -36.32 -12.84 -8.72
N PRO A 25 -35.63 -13.62 -9.60
CA PRO A 25 -34.66 -12.97 -10.49
C PRO A 25 -35.23 -12.00 -11.53
N ILE A 26 -36.52 -12.14 -11.85
CA ILE A 26 -37.19 -11.28 -12.80
C ILE A 26 -38.24 -10.37 -12.15
N ASN A 27 -38.01 -9.93 -10.90
CA ASN A 27 -38.78 -8.82 -10.31
C ASN A 27 -38.51 -7.49 -11.06
N VAL A 28 -39.29 -6.46 -10.72
CA VAL A 28 -39.28 -5.19 -11.47
C VAL A 28 -37.91 -4.50 -11.41
N GLU A 29 -37.33 -4.45 -10.20
CA GLU A 29 -36.00 -3.85 -10.01
C GLU A 29 -34.94 -4.57 -10.85
N SER A 30 -35.00 -5.90 -10.86
CA SER A 30 -34.09 -6.70 -11.70
C SER A 30 -34.28 -6.46 -13.18
N LEU A 31 -35.53 -6.37 -13.60
CA LEU A 31 -35.85 -6.01 -14.97
C LEU A 31 -35.32 -4.61 -15.36
N LEU A 32 -35.50 -3.62 -14.48
CA LEU A 32 -34.87 -2.30 -14.66
C LEU A 32 -33.35 -2.32 -14.70
N ASP A 33 -32.72 -3.12 -13.85
CA ASP A 33 -31.25 -3.33 -13.96
C ASP A 33 -30.90 -3.89 -15.32
N GLY A 34 -31.66 -4.89 -15.77
CA GLY A 34 -31.56 -5.46 -17.13
C GLY A 34 -31.46 -4.41 -18.21
N LEU A 35 -32.42 -3.47 -18.17
CA LEU A 35 -32.48 -2.39 -19.16
C LEU A 35 -31.34 -1.39 -18.99
N ASN A 36 -31.09 -0.94 -17.75
CA ASN A 36 -29.99 0.01 -17.46
C ASN A 36 -28.63 -0.52 -17.83
N SER A 37 -28.36 -1.74 -17.42
CA SER A 37 -27.08 -2.41 -17.68
C SER A 37 -26.84 -2.62 -19.17
N LEU A 38 -27.90 -2.96 -19.90
CA LEU A 38 -27.83 -3.06 -21.34
C LEU A 38 -27.44 -1.74 -21.99
N VAL A 39 -28.12 -0.67 -21.60
CA VAL A 39 -27.83 0.68 -22.14
C VAL A 39 -26.42 1.16 -21.79
N LEU A 40 -25.97 0.90 -20.55
CA LEU A 40 -24.57 1.20 -20.14
C LEU A 40 -23.56 0.45 -20.96
N ASP A 41 -23.78 -0.86 -21.15
CA ASP A 41 -22.88 -1.69 -21.97
C ASP A 41 -22.86 -1.39 -23.46
N LEU A 42 -23.93 -0.79 -23.99
CA LEU A 42 -24.04 -0.45 -25.42
C LEU A 42 -23.67 0.98 -25.82
N ASP A 43 -23.86 1.96 -24.92
CA ASP A 43 -23.69 3.37 -25.26
C ASP A 43 -22.21 3.78 -25.27
N PHE A 44 -21.55 3.45 -26.37
CA PHE A 44 -20.16 3.79 -26.65
C PHE A 44 -20.07 4.08 -28.14
N PRO A 45 -19.50 5.25 -28.54
CA PRO A 45 -19.64 5.72 -29.92
C PRO A 45 -19.26 4.72 -31.02
N ALA A 46 -18.28 3.86 -30.73
CA ALA A 46 -17.83 2.79 -31.63
C ALA A 46 -18.92 1.74 -31.91
N LEU A 47 -19.53 1.26 -30.84
CA LEU A 47 -20.65 0.30 -30.89
C LEU A 47 -21.90 0.87 -31.59
N ARG A 48 -22.13 2.18 -31.45
CA ARG A 48 -23.20 2.89 -32.19
C ARG A 48 -23.06 2.96 -33.74
N LYS A 49 -21.94 2.51 -34.30
CA LYS A 49 -21.84 2.20 -35.75
C LYS A 49 -22.83 1.11 -36.21
N ASN A 50 -23.23 0.24 -35.29
CA ASN A 50 -24.33 -0.72 -35.49
C ASN A 50 -25.68 0.01 -35.37
N LYS A 51 -26.47 0.01 -36.45
CA LYS A 51 -27.79 0.69 -36.49
C LYS A 51 -28.79 0.12 -35.47
N ASN A 52 -28.80 -1.20 -35.30
CA ASN A 52 -29.61 -1.87 -34.26
C ASN A 52 -29.38 -1.28 -32.87
N ILE A 53 -28.10 -1.16 -32.51
CA ILE A 53 -27.70 -0.55 -31.24
C ILE A 53 -28.04 0.97 -31.22
N ASP A 54 -27.69 1.68 -32.29
CA ASP A 54 -27.89 3.13 -32.34
C ASP A 54 -29.35 3.52 -32.18
N ASN A 55 -30.22 2.87 -32.95
CA ASN A 55 -31.67 3.15 -32.91
C ASN A 55 -32.30 2.80 -31.56
N PHE A 56 -31.92 1.64 -31.01
CA PHE A 56 -32.34 1.22 -29.66
C PHE A 56 -31.99 2.27 -28.60
N LEU A 57 -30.75 2.73 -28.60
CA LEU A 57 -30.33 3.81 -27.67
C LEU A 57 -31.11 5.12 -27.87
N ASN A 58 -31.37 5.48 -29.13
CA ASN A 58 -32.20 6.67 -29.42
C ASN A 58 -33.63 6.52 -28.84
N ARG A 59 -34.23 5.34 -29.00
CA ARG A 59 -35.52 5.03 -28.38
C ARG A 59 -35.54 5.13 -26.84
N TYR A 60 -34.49 4.63 -26.19
CA TYR A 60 -34.40 4.56 -24.73
C TYR A 60 -33.53 5.64 -24.05
N GLU A 61 -33.09 6.67 -24.77
CA GLU A 61 -32.27 7.75 -24.19
C GLU A 61 -33.03 8.49 -23.07
N LYS A 62 -34.18 9.06 -23.43
CA LYS A 62 -35.02 9.87 -22.52
C LYS A 62 -35.38 9.11 -21.25
N ILE A 63 -36.06 7.99 -21.45
CA ILE A 63 -36.63 7.20 -20.35
C ILE A 63 -35.57 6.65 -19.37
N VAL A 64 -34.40 6.27 -19.87
CA VAL A 64 -33.28 5.82 -19.03
C VAL A 64 -32.71 6.97 -18.19
N LYS A 65 -32.51 8.14 -18.80
CA LYS A 65 -32.14 9.36 -18.06
C LYS A 65 -33.17 9.64 -16.95
N LYS A 66 -34.46 9.52 -17.29
CA LYS A 66 -35.56 9.67 -16.33
C LYS A 66 -35.52 8.63 -15.20
N ILE A 67 -35.26 7.36 -15.51
CA ILE A 67 -35.11 6.28 -14.50
C ILE A 67 -33.92 6.55 -13.58
N ARG A 68 -32.77 6.87 -14.19
CA ARG A 68 -31.52 7.19 -13.47
C ARG A 68 -31.67 8.28 -12.42
N GLY A 69 -32.37 9.34 -12.80
CA GLY A 69 -32.72 10.43 -11.89
C GLY A 69 -33.55 9.99 -10.69
N LEU A 70 -34.58 9.19 -10.97
CA LEU A 70 -35.54 8.77 -9.94
C LEU A 70 -35.01 7.68 -9.03
N GLN A 71 -34.31 6.71 -9.60
CA GLN A 71 -33.75 5.61 -8.80
C GLN A 71 -32.69 6.08 -7.81
N MET A 72 -32.56 5.31 -6.73
CA MET A 72 -31.67 5.63 -5.63
C MET A 72 -30.23 5.57 -6.12
N LYS A 73 -29.41 6.49 -5.61
CA LYS A 73 -28.03 6.69 -6.08
C LYS A 73 -27.12 7.27 -4.97
N ALA A 74 -25.82 7.23 -5.22
CA ALA A 74 -24.79 7.68 -4.24
C ALA A 74 -24.96 9.12 -3.79
N GLU A 75 -25.36 10.00 -4.72
CA GLU A 75 -25.63 11.43 -4.46
C GLU A 75 -26.75 11.68 -3.44
N ASP A 76 -27.66 10.71 -3.25
CA ASP A 76 -28.65 10.75 -2.16
C ASP A 76 -28.08 10.69 -0.73
N TYR A 77 -26.83 10.24 -0.60
CA TYR A 77 -26.17 10.06 0.69
C TYR A 77 -24.99 11.00 0.85
N ASP A 78 -24.85 11.58 2.06
CA ASP A 78 -23.63 12.32 2.47
C ASP A 78 -22.69 11.32 3.13
N VAL A 79 -21.47 11.22 2.61
CA VAL A 79 -20.42 10.41 3.24
C VAL A 79 -19.88 11.18 4.45
N VAL A 80 -20.09 10.65 5.66
CA VAL A 80 -19.56 11.25 6.88
C VAL A 80 -18.12 10.82 7.09
N LYS A 81 -17.90 9.52 7.09
CA LYS A 81 -16.59 8.94 7.44
C LYS A 81 -16.48 7.53 6.89
N VAL A 82 -15.28 7.12 6.47
CA VAL A 82 -15.00 5.72 6.13
C VAL A 82 -14.70 4.98 7.43
N ILE A 83 -15.55 4.01 7.76
CA ILE A 83 -15.43 3.23 9.03
C ILE A 83 -14.79 1.85 8.89
N GLY A 84 -14.44 1.46 7.66
CA GLY A 84 -13.71 0.20 7.45
C GLY A 84 -13.42 -0.06 5.99
N ARG A 85 -12.30 -0.72 5.78
CA ARG A 85 -11.85 -1.13 4.47
C ARG A 85 -11.90 -2.67 4.37
N GLY A 86 -12.03 -3.19 3.16
CA GLY A 86 -12.08 -4.63 2.94
C GLY A 86 -11.83 -5.03 1.51
N ALA A 87 -12.13 -6.30 1.24
CA ALA A 87 -11.77 -6.99 -0.01
C ALA A 87 -11.87 -6.17 -1.28
N PHE A 88 -13.09 -5.77 -1.64
CA PHE A 88 -13.31 -5.02 -2.90
C PHE A 88 -13.80 -3.61 -2.74
N GLY A 89 -13.56 -3.03 -1.58
CA GLY A 89 -14.05 -1.70 -1.29
C GLY A 89 -13.99 -1.34 0.19
N GLU A 90 -15.09 -0.77 0.67
CA GLU A 90 -15.13 -0.10 1.96
C GLU A 90 -16.53 -0.01 2.52
N VAL A 91 -16.61 0.30 3.82
CA VAL A 91 -17.85 0.62 4.51
C VAL A 91 -17.70 2.08 4.98
N GLN A 92 -18.69 2.89 4.61
CA GLN A 92 -18.72 4.30 4.97
C GLN A 92 -19.97 4.59 5.76
N LEU A 93 -19.81 5.41 6.80
CA LEU A 93 -20.92 5.94 7.61
C LEU A 93 -21.54 7.04 6.79
N VAL A 94 -22.84 6.92 6.51
CA VAL A 94 -23.55 7.85 5.63
C VAL A 94 -24.82 8.38 6.26
N ARG A 95 -25.21 9.57 5.82
CA ARG A 95 -26.50 10.17 6.18
C ARG A 95 -27.29 10.30 4.89
N HIS A 96 -28.51 9.73 4.89
CA HIS A 96 -29.43 9.92 3.78
C HIS A 96 -29.93 11.37 3.84
N LYS A 97 -29.71 12.12 2.75
CA LYS A 97 -29.97 13.58 2.72
C LYS A 97 -31.41 14.00 3.04
N ALA A 98 -32.37 13.35 2.38
CA ALA A 98 -33.78 13.72 2.51
C ALA A 98 -34.38 13.32 3.87
N SER A 99 -34.12 12.09 4.30
CA SER A 99 -34.63 11.56 5.58
C SER A 99 -33.78 11.94 6.81
N GLN A 100 -32.53 12.37 6.62
CA GLN A 100 -31.57 12.69 7.69
C GLN A 100 -31.22 11.49 8.61
N LYS A 101 -31.46 10.26 8.12
CA LYS A 101 -31.27 9.04 8.91
C LYS A 101 -29.90 8.51 8.58
N VAL A 102 -29.23 7.96 9.58
CA VAL A 102 -27.86 7.43 9.46
C VAL A 102 -27.90 5.94 9.14
N TYR A 103 -27.03 5.52 8.23
CA TYR A 103 -26.85 4.11 7.86
C TYR A 103 -25.35 3.82 7.64
N ALA A 104 -24.97 2.55 7.70
CA ALA A 104 -23.66 2.07 7.16
C ALA A 104 -23.88 1.65 5.72
N MET A 105 -22.98 2.09 4.81
CA MET A 105 -23.08 1.80 3.38
C MET A 105 -21.80 1.14 2.89
N LYS A 106 -21.93 -0.08 2.38
CA LYS A 106 -20.79 -0.86 1.91
C LYS A 106 -20.71 -0.73 0.40
N LEU A 107 -19.53 -0.35 -0.10
CA LEU A 107 -19.26 -0.20 -1.52
C LEU A 107 -18.39 -1.36 -1.97
N LEU A 108 -18.63 -1.83 -3.18
CA LEU A 108 -17.83 -2.87 -3.83
C LEU A 108 -17.53 -2.45 -5.26
N SER A 109 -16.23 -2.42 -5.62
CA SER A 109 -15.79 -2.03 -6.95
C SER A 109 -16.12 -3.11 -8.00
N LYS A 110 -16.94 -2.75 -8.99
CA LYS A 110 -17.24 -3.62 -10.13
C LYS A 110 -15.96 -4.01 -10.88
N PHE A 111 -15.11 -3.03 -11.17
CA PHE A 111 -13.84 -3.29 -11.88
C PHE A 111 -12.98 -4.34 -11.17
N GLU A 112 -12.73 -4.12 -9.88
CA GLU A 112 -11.88 -5.01 -9.09
C GLU A 112 -12.45 -6.42 -8.99
N MET A 113 -13.77 -6.53 -8.83
CA MET A 113 -14.46 -7.84 -8.85
C MET A 113 -14.35 -8.56 -10.18
N ILE A 114 -14.54 -7.84 -11.28
CA ILE A 114 -14.35 -8.42 -12.62
C ILE A 114 -12.90 -8.82 -12.80
N LYS A 115 -11.97 -7.93 -12.45
CA LYS A 115 -10.53 -8.14 -12.67
C LYS A 115 -9.98 -9.28 -11.81
N ARG A 116 -10.24 -9.25 -10.50
CA ARG A 116 -9.88 -10.36 -9.60
C ARG A 116 -10.85 -11.60 -9.66
N SER A 117 -11.92 -11.53 -10.45
CA SER A 117 -12.76 -12.67 -10.87
C SER A 117 -13.63 -13.31 -9.75
N ASP A 118 -13.80 -12.54 -8.68
CA ASP A 118 -14.49 -12.96 -7.49
C ASP A 118 -15.77 -12.10 -7.52
N SER A 119 -16.66 -12.42 -8.49
CA SER A 119 -17.87 -11.59 -8.78
C SER A 119 -19.24 -12.33 -8.72
N ALA A 120 -19.39 -13.21 -7.71
CA ALA A 120 -20.71 -13.69 -7.25
C ALA A 120 -20.92 -13.80 -5.74
N PHE A 121 -19.91 -13.53 -4.87
CA PHE A 121 -20.08 -13.55 -3.38
C PHE A 121 -21.16 -12.61 -2.85
N PHE A 122 -21.32 -11.47 -3.56
CA PHE A 122 -22.24 -10.37 -3.14
C PHE A 122 -23.74 -10.75 -3.14
N TRP A 123 -24.11 -11.75 -3.95
CA TRP A 123 -25.52 -12.20 -4.02
C TRP A 123 -25.99 -12.73 -2.68
N GLU A 124 -25.27 -13.69 -2.12
CA GLU A 124 -25.60 -14.21 -0.78
C GLU A 124 -25.42 -13.15 0.31
N GLU A 125 -24.39 -12.32 0.21
CA GLU A 125 -24.23 -11.19 1.16
C GLU A 125 -25.46 -10.28 1.18
N ARG A 126 -25.95 -9.92 0.02
CA ARG A 126 -27.16 -9.13 -0.12
C ARG A 126 -28.38 -9.87 0.41
N ASP A 127 -28.60 -11.08 -0.08
CA ASP A 127 -29.80 -11.87 0.27
C ASP A 127 -29.94 -12.14 1.78
N ILE A 128 -28.84 -12.49 2.45
CA ILE A 128 -28.90 -12.80 3.89
C ILE A 128 -29.30 -11.56 4.68
N MET A 129 -28.64 -10.43 4.40
CA MET A 129 -28.95 -9.18 5.08
C MET A 129 -30.34 -8.64 4.76
N ALA A 130 -30.77 -8.84 3.52
CA ALA A 130 -32.13 -8.45 3.11
C ALA A 130 -33.25 -9.26 3.72
N PHE A 131 -33.05 -10.58 3.84
CA PHE A 131 -34.13 -11.54 4.10
C PHE A 131 -34.07 -12.37 5.36
N ALA A 132 -33.02 -12.22 6.19
CA ALA A 132 -32.91 -12.95 7.44
C ALA A 132 -34.01 -12.68 8.42
N ASN A 133 -34.44 -11.42 8.52
CA ASN A 133 -35.41 -10.96 9.56
C ASN A 133 -35.03 -11.55 10.94
N SER A 134 -33.76 -11.37 11.30
CA SER A 134 -33.18 -11.87 12.54
C SER A 134 -32.46 -10.71 13.24
N PRO A 135 -32.66 -10.54 14.55
CA PRO A 135 -31.86 -9.56 15.26
C PRO A 135 -30.37 -9.87 15.36
N TRP A 136 -29.93 -11.11 15.03
CA TRP A 136 -28.47 -11.43 14.96
C TRP A 136 -27.75 -11.08 13.66
N VAL A 137 -28.49 -10.65 12.64
CA VAL A 137 -27.96 -10.39 11.29
C VAL A 137 -28.21 -8.94 10.98
N VAL A 138 -27.17 -8.28 10.45
CA VAL A 138 -27.26 -6.89 10.06
C VAL A 138 -28.27 -6.79 8.92
N GLN A 139 -29.19 -5.86 9.06
CA GLN A 139 -30.29 -5.68 8.12
C GLN A 139 -29.86 -4.82 6.94
N LEU A 140 -30.29 -5.22 5.74
CA LEU A 140 -30.12 -4.47 4.51
C LEU A 140 -31.46 -3.76 4.27
N PHE A 141 -31.38 -2.43 4.08
CA PHE A 141 -32.55 -1.63 3.72
C PHE A 141 -32.66 -1.41 2.22
N TYR A 142 -31.53 -1.09 1.59
CA TYR A 142 -31.46 -0.83 0.15
C TYR A 142 -30.16 -1.41 -0.40
N ALA A 143 -30.24 -1.92 -1.62
CA ALA A 143 -29.09 -2.21 -2.46
C ALA A 143 -29.32 -1.47 -3.77
N PHE A 144 -28.27 -0.80 -4.25
CA PHE A 144 -28.34 -0.11 -5.54
C PHE A 144 -26.97 -0.12 -6.21
N GLN A 145 -26.92 0.44 -7.43
CA GLN A 145 -25.70 0.37 -8.24
C GLN A 145 -25.61 1.48 -9.28
N ASP A 146 -24.38 1.86 -9.59
CA ASP A 146 -24.04 2.74 -10.70
C ASP A 146 -23.06 1.99 -11.57
N ASP A 147 -22.51 2.69 -12.55
CA ASP A 147 -21.54 2.07 -13.45
C ASP A 147 -20.25 1.54 -12.80
N ARG A 148 -19.82 2.15 -11.68
CA ARG A 148 -18.56 1.82 -11.02
C ARG A 148 -18.68 0.88 -9.82
N TYR A 149 -19.75 1.01 -9.04
CA TYR A 149 -19.90 0.35 -7.70
C TYR A 149 -21.28 -0.30 -7.45
N LEU A 150 -21.26 -1.39 -6.68
CA LEU A 150 -22.44 -1.89 -5.96
C LEU A 150 -22.47 -1.24 -4.57
N TYR A 151 -23.66 -1.02 -4.04
CA TYR A 151 -23.89 -0.32 -2.74
C TYR A 151 -24.89 -1.13 -1.92
N MET A 152 -24.59 -1.31 -0.64
CA MET A 152 -25.48 -1.97 0.30
C MET A 152 -25.68 -1.03 1.49
N VAL A 153 -26.92 -0.58 1.71
CA VAL A 153 -27.26 0.34 2.80
C VAL A 153 -27.84 -0.51 3.91
N MET A 154 -27.17 -0.46 5.05
CA MET A 154 -27.38 -1.39 6.16
C MET A 154 -27.55 -0.63 7.47
N GLU A 155 -28.17 -1.26 8.46
CA GLU A 155 -28.35 -0.61 9.77
C GLU A 155 -26.98 -0.38 10.39
N TYR A 156 -26.78 0.80 10.95
CA TYR A 156 -25.50 1.21 11.52
C TYR A 156 -25.45 0.65 12.91
N MET A 157 -24.27 0.16 13.27
CA MET A 157 -23.99 -0.49 14.53
C MET A 157 -22.97 0.34 15.28
N PRO A 158 -23.45 1.29 16.12
CA PRO A 158 -22.53 2.29 16.68
C PRO A 158 -21.65 1.80 17.82
N GLY A 159 -21.95 0.60 18.35
CA GLY A 159 -21.12 -0.02 19.39
C GLY A 159 -19.71 -0.45 19.05
N GLY A 160 -19.40 -0.55 17.75
CA GLY A 160 -18.08 -1.02 17.30
C GLY A 160 -17.99 -2.54 17.35
N ASP A 161 -16.82 -3.05 17.03
CA ASP A 161 -16.59 -4.51 16.99
C ASP A 161 -15.97 -5.07 18.28
N LEU A 162 -15.95 -6.39 18.39
CA LEU A 162 -15.30 -7.09 19.53
C LEU A 162 -13.77 -6.95 19.58
N VAL A 163 -13.12 -6.60 18.47
CA VAL A 163 -11.67 -6.27 18.49
C VAL A 163 -11.48 -5.04 19.39
N ASN A 164 -12.24 -4.00 19.05
CA ASN A 164 -12.30 -2.75 19.80
C ASN A 164 -12.64 -2.93 21.28
N LEU A 165 -13.59 -3.81 21.55
CA LEU A 165 -13.93 -4.13 22.94
C LEU A 165 -12.76 -4.80 23.67
N MET A 166 -12.16 -5.82 23.05
CA MET A 166 -11.03 -6.54 23.67
C MET A 166 -9.80 -5.65 23.96
N SER A 167 -9.56 -4.67 23.09
CA SER A 167 -8.44 -3.74 23.28
C SER A 167 -8.69 -2.73 24.41
N ASN A 168 -9.96 -2.37 24.67
CA ASN A 168 -10.34 -1.40 25.72
C ASN A 168 -10.77 -1.96 27.07
N TYR A 169 -11.15 -3.23 27.13
CA TYR A 169 -11.55 -3.90 28.37
C TYR A 169 -10.78 -5.19 28.49
N ASP A 170 -10.22 -5.37 29.67
CA ASP A 170 -9.79 -6.71 30.12
C ASP A 170 -11.10 -7.45 30.35
N VAL A 171 -11.35 -8.54 29.63
CA VAL A 171 -12.69 -9.06 29.47
C VAL A 171 -12.91 -10.16 30.52
N PRO A 172 -13.82 -9.94 31.51
CA PRO A 172 -14.11 -11.02 32.46
C PRO A 172 -14.94 -12.14 31.85
N GLU A 173 -14.87 -13.30 32.49
CA GLU A 173 -15.54 -14.54 32.01
C GLU A 173 -17.05 -14.38 31.87
N LYS A 174 -17.67 -13.67 32.82
CA LYS A 174 -19.10 -13.33 32.77
C LYS A 174 -19.53 -12.61 31.47
N TRP A 175 -18.68 -11.70 31.01
CA TRP A 175 -18.90 -10.98 29.75
C TRP A 175 -18.65 -11.91 28.57
N ALA A 176 -17.53 -12.64 28.62
CA ALA A 176 -17.18 -13.63 27.59
C ALA A 176 -18.29 -14.63 27.30
N LYS A 177 -18.86 -15.15 28.39
CA LYS A 177 -20.06 -15.98 28.37
C LYS A 177 -21.22 -15.36 27.59
N PHE A 178 -21.47 -14.07 27.83
CA PHE A 178 -22.55 -13.31 27.16
C PHE A 178 -22.32 -13.19 25.66
N TYR A 179 -21.15 -12.69 25.27
CA TYR A 179 -20.89 -12.47 23.82
C TYR A 179 -20.81 -13.80 23.06
N THR A 180 -20.19 -14.81 23.69
CA THR A 180 -20.11 -16.16 23.11
C THR A 180 -21.50 -16.75 22.88
N ALA A 181 -22.34 -16.67 23.91
CA ALA A 181 -23.75 -17.10 23.81
C ALA A 181 -24.51 -16.41 22.68
N GLU A 182 -24.28 -15.10 22.51
CA GLU A 182 -24.89 -14.36 21.40
C GLU A 182 -24.32 -14.81 20.05
N VAL A 183 -23.02 -15.06 19.97
CA VAL A 183 -22.40 -15.64 18.77
C VAL A 183 -23.03 -16.99 18.44
N VAL A 184 -23.24 -17.83 19.45
CA VAL A 184 -23.81 -19.17 19.23
C VAL A 184 -25.19 -19.08 18.57
N LEU A 185 -26.07 -18.29 19.17
CA LEU A 185 -27.42 -18.06 18.64
C LEU A 185 -27.43 -17.41 17.28
N ALA A 186 -26.50 -16.48 17.08
CA ALA A 186 -26.29 -15.83 15.80
C ALA A 186 -25.99 -16.84 14.73
N LEU A 187 -24.96 -17.65 14.98
CA LEU A 187 -24.56 -18.70 14.06
C LEU A 187 -25.62 -19.76 13.82
N ASP A 188 -26.31 -20.18 14.87
CA ASP A 188 -27.43 -21.09 14.73
C ASP A 188 -28.55 -20.55 13.82
N ALA A 189 -28.82 -19.23 13.92
CA ALA A 189 -29.79 -18.57 13.05
C ALA A 189 -29.38 -18.60 11.56
N ILE A 190 -28.12 -18.25 11.31
CA ILE A 190 -27.48 -18.35 9.97
C ILE A 190 -27.51 -19.82 9.48
N HIS A 191 -27.05 -20.75 10.32
CA HIS A 191 -27.04 -22.19 9.98
C HIS A 191 -28.42 -22.74 9.69
N SER A 192 -29.43 -22.30 10.45
CA SER A 192 -30.84 -22.70 10.18
C SER A 192 -31.41 -22.11 8.88
N MET A 193 -30.82 -21.04 8.35
CA MET A 193 -31.11 -20.56 6.98
C MET A 193 -30.36 -21.31 5.85
N GLY A 194 -29.50 -22.28 6.20
CA GLY A 194 -28.76 -23.14 5.28
C GLY A 194 -27.43 -22.58 4.82
N LEU A 195 -26.84 -21.71 5.62
CA LEU A 195 -25.69 -20.90 5.25
C LEU A 195 -24.58 -21.07 6.29
N ILE A 196 -23.33 -20.94 5.83
CA ILE A 196 -22.13 -20.94 6.66
C ILE A 196 -21.48 -19.54 6.50
N HIS A 197 -21.03 -18.94 7.61
CA HIS A 197 -20.33 -17.65 7.59
C HIS A 197 -18.93 -17.78 7.00
N ARG A 198 -18.17 -18.74 7.52
CA ARG A 198 -16.76 -19.03 7.14
C ARG A 198 -15.72 -17.93 7.50
N ASP A 199 -16.09 -16.97 8.32
CA ASP A 199 -15.20 -15.82 8.69
C ASP A 199 -15.67 -15.19 10.00
N VAL A 200 -15.94 -16.08 10.97
CA VAL A 200 -16.37 -15.69 12.29
C VAL A 200 -15.08 -15.23 12.97
N LYS A 201 -15.03 -13.95 13.26
CA LYS A 201 -13.91 -13.33 13.96
C LYS A 201 -14.41 -12.04 14.57
N PRO A 202 -13.74 -11.57 15.63
CA PRO A 202 -14.24 -10.40 16.37
C PRO A 202 -14.47 -9.13 15.55
N ASP A 203 -13.74 -8.96 14.44
CA ASP A 203 -13.91 -7.85 13.49
C ASP A 203 -15.32 -7.78 12.89
N ASN A 204 -15.91 -8.96 12.65
CA ASN A 204 -17.23 -9.12 12.04
C ASN A 204 -18.38 -9.32 13.06
N MET A 205 -18.10 -9.15 14.36
CA MET A 205 -19.10 -9.16 15.43
C MET A 205 -19.24 -7.70 15.88
N LEU A 206 -20.41 -7.13 15.65
CA LEU A 206 -20.68 -5.71 15.84
C LEU A 206 -21.70 -5.53 16.94
N LEU A 207 -21.56 -4.42 17.66
CA LEU A 207 -22.44 -4.06 18.73
C LEU A 207 -23.40 -2.95 18.31
N ASP A 208 -24.69 -3.19 18.59
CA ASP A 208 -25.76 -2.24 18.28
C ASP A 208 -25.78 -1.13 19.35
N LYS A 209 -26.73 -0.20 19.21
CA LYS A 209 -26.86 0.92 20.18
C LYS A 209 -27.07 0.49 21.64
N HIS A 210 -27.57 -0.73 21.87
CA HIS A 210 -27.76 -1.31 23.20
C HIS A 210 -26.72 -2.33 23.69
N GLY A 211 -25.59 -2.41 22.99
CA GLY A 211 -24.52 -3.35 23.36
C GLY A 211 -24.73 -4.84 23.04
N HIS A 212 -25.68 -5.13 22.15
CA HIS A 212 -25.98 -6.50 21.71
C HIS A 212 -25.41 -6.78 20.35
N LEU A 213 -25.04 -8.05 20.16
CA LEU A 213 -24.24 -8.49 19.02
C LEU A 213 -25.07 -8.70 17.77
N LYS A 214 -24.47 -8.37 16.62
CA LYS A 214 -24.88 -8.86 15.32
C LYS A 214 -23.65 -9.22 14.50
N LEU A 215 -23.80 -10.26 13.69
CA LEU A 215 -22.78 -10.65 12.73
C LEU A 215 -22.89 -9.80 11.47
N ALA A 216 -21.73 -9.60 10.83
CA ALA A 216 -21.58 -8.81 9.61
C ALA A 216 -20.54 -9.44 8.67
N ASP A 217 -20.35 -8.82 7.51
CA ASP A 217 -19.47 -9.31 6.45
C ASP A 217 -19.85 -10.74 6.02
N PHE A 218 -20.95 -10.81 5.28
CA PHE A 218 -21.45 -12.07 4.73
C PHE A 218 -20.92 -12.31 3.30
N GLY A 219 -19.74 -11.76 2.98
CA GLY A 219 -19.07 -11.97 1.70
C GLY A 219 -18.28 -13.25 1.52
N THR A 220 -18.16 -14.08 2.57
CA THR A 220 -17.64 -15.45 2.41
C THR A 220 -18.71 -16.50 2.70
N CYS A 221 -19.99 -16.10 2.67
CA CYS A 221 -21.11 -17.03 2.79
C CYS A 221 -21.24 -17.95 1.61
N MET A 222 -21.34 -19.24 1.91
CA MET A 222 -21.75 -20.26 0.95
C MET A 222 -23.08 -20.87 1.41
N LYS A 223 -23.95 -21.22 0.45
CA LYS A 223 -25.16 -22.00 0.73
C LYS A 223 -24.77 -23.49 0.89
N MET A 224 -25.16 -24.09 2.01
CA MET A 224 -25.01 -25.54 2.24
C MET A 224 -25.91 -26.37 1.31
N ASP A 225 -25.40 -27.53 0.93
CA ASP A 225 -26.17 -28.51 0.13
C ASP A 225 -27.05 -29.34 1.10
N GLU A 226 -27.77 -30.32 0.54
CA GLU A 226 -28.62 -31.23 1.34
C GLU A 226 -27.88 -32.15 2.36
N THR A 227 -26.56 -32.32 2.19
CA THR A 227 -25.68 -33.00 3.18
C THR A 227 -25.01 -32.09 4.25
N GLY A 228 -25.22 -30.77 4.17
CA GLY A 228 -24.65 -29.78 5.15
C GLY A 228 -23.26 -29.21 4.85
N MET A 229 -22.84 -29.29 3.59
CA MET A 229 -21.45 -29.06 3.11
C MET A 229 -21.39 -28.02 1.98
N VAL A 230 -20.18 -27.49 1.75
CA VAL A 230 -19.92 -26.46 0.74
C VAL A 230 -18.54 -26.61 0.07
N HIS A 231 -18.45 -26.26 -1.23
CA HIS A 231 -17.16 -26.18 -1.96
C HIS A 231 -16.37 -24.88 -1.63
N THR A 234 -14.26 -19.60 -1.24
CA THR A 234 -13.18 -20.39 -1.87
C THR A 234 -11.76 -19.94 -1.40
N ALA A 235 -11.50 -18.62 -1.31
CA ALA A 235 -10.21 -18.06 -0.80
C ALA A 235 -10.28 -17.66 0.68
N VAL A 236 -9.14 -17.20 1.25
CA VAL A 236 -9.09 -16.59 2.63
C VAL A 236 -8.11 -15.39 2.84
N GLY A 237 -8.56 -14.42 3.64
CA GLY A 237 -7.70 -13.33 4.15
C GLY A 237 -6.75 -13.81 5.24
N THR A 238 -7.06 -13.48 6.50
CA THR A 238 -6.18 -13.70 7.64
C THR A 238 -6.51 -14.99 8.41
N PRO A 239 -5.46 -15.76 8.77
CA PRO A 239 -5.62 -17.16 9.13
C PRO A 239 -6.03 -17.49 10.59
N ASP A 240 -5.88 -16.55 11.51
CA ASP A 240 -5.98 -16.81 12.95
C ASP A 240 -7.25 -17.56 13.39
N TYR A 241 -8.37 -17.25 12.75
CA TYR A 241 -9.71 -17.82 13.08
C TYR A 241 -10.18 -19.01 12.21
N ILE A 242 -9.36 -19.43 11.25
CA ILE A 242 -9.74 -20.41 10.25
C ILE A 242 -9.39 -21.79 10.81
N SER A 243 -10.30 -22.73 10.59
CA SER A 243 -10.22 -24.10 11.08
C SER A 243 -9.31 -24.95 10.19
N PRO A 244 -8.74 -26.05 10.73
CA PRO A 244 -7.72 -26.80 9.96
C PRO A 244 -8.26 -27.53 8.72
N GLU A 245 -9.50 -28.03 8.79
CA GLU A 245 -10.18 -28.57 7.61
C GLU A 245 -10.31 -27.57 6.44
N VAL A 246 -10.57 -26.30 6.77
CA VAL A 246 -10.61 -25.21 5.78
C VAL A 246 -9.24 -24.98 5.13
N LEU A 247 -8.16 -25.10 5.89
CA LEU A 247 -6.80 -24.96 5.38
C LEU A 247 -6.39 -26.09 4.41
N LYS A 248 -6.72 -27.34 4.72
CA LYS A 248 -6.43 -28.49 3.83
C LYS A 248 -7.28 -28.51 2.53
N SER A 249 -8.54 -28.08 2.62
CA SER A 249 -9.45 -27.98 1.45
C SER A 249 -8.99 -26.99 0.36
N GLN A 250 -8.33 -25.91 0.78
CA GLN A 250 -7.81 -24.85 -0.17
C GLN A 250 -6.76 -25.38 -1.15
N GLY A 251 -5.82 -26.18 -0.64
CA GLY A 251 -4.81 -26.86 -1.44
C GLY A 251 -5.37 -28.02 -2.26
N GLY A 252 -6.13 -28.87 -1.58
CA GLY A 252 -6.85 -29.99 -2.22
C GLY A 252 -8.20 -29.58 -2.79
N ASP A 253 -9.13 -30.54 -2.83
CA ASP A 253 -10.54 -30.31 -3.20
C ASP A 253 -11.50 -30.88 -2.12
N GLY A 254 -11.08 -30.83 -0.86
CA GLY A 254 -11.91 -31.29 0.27
C GLY A 254 -13.14 -30.43 0.53
N PHE A 255 -14.15 -31.04 1.16
CA PHE A 255 -15.37 -30.35 1.62
C PHE A 255 -15.26 -29.98 3.10
N TYR A 256 -16.04 -28.97 3.48
CA TYR A 256 -16.34 -28.70 4.87
C TYR A 256 -17.74 -28.08 5.00
N GLY A 257 -18.23 -28.08 6.23
CA GLY A 257 -19.58 -27.63 6.59
C GLY A 257 -19.59 -26.65 7.74
N ARG A 258 -20.70 -26.67 8.50
CA ARG A 258 -21.00 -25.66 9.53
C ARG A 258 -20.03 -25.64 10.72
N GLU A 259 -19.46 -26.81 11.01
CA GLU A 259 -18.41 -26.97 12.02
C GLU A 259 -17.23 -26.00 11.95
N CYS A 260 -16.88 -25.50 10.76
CA CYS A 260 -15.84 -24.45 10.62
C CYS A 260 -16.18 -23.14 11.36
N ASP A 261 -17.45 -22.78 11.44
CA ASP A 261 -17.89 -21.64 12.26
C ASP A 261 -17.72 -21.94 13.74
N TRP A 262 -18.04 -23.17 14.17
CA TRP A 262 -17.91 -23.56 15.59
C TRP A 262 -16.47 -23.58 16.09
N TRP A 263 -15.52 -23.89 15.21
CA TRP A 263 -14.08 -23.74 15.52
C TRP A 263 -13.81 -22.33 15.98
N SER A 264 -14.23 -21.37 15.14
CA SER A 264 -13.99 -19.96 15.36
C SER A 264 -14.53 -19.43 16.68
N VAL A 265 -15.64 -20.01 17.15
CA VAL A 265 -16.22 -19.68 18.48
C VAL A 265 -15.22 -20.10 19.59
N GLY A 266 -14.63 -21.29 19.46
CA GLY A 266 -13.55 -21.71 20.34
C GLY A 266 -12.40 -20.72 20.38
N VAL A 267 -11.97 -20.30 19.19
CA VAL A 267 -10.87 -19.33 19.02
C VAL A 267 -11.25 -17.98 19.65
N PHE A 268 -12.47 -17.53 19.39
CA PHE A 268 -13.04 -16.31 19.97
C PHE A 268 -12.96 -16.27 21.49
N LEU A 269 -13.44 -17.33 22.11
CA LEU A 269 -13.44 -17.46 23.57
C LEU A 269 -12.06 -17.54 24.18
N TYR A 270 -11.13 -18.20 23.50
CA TYR A 270 -9.72 -18.20 23.90
C TYR A 270 -9.19 -16.76 23.82
N GLU A 271 -9.46 -16.04 22.72
CA GLU A 271 -8.97 -14.64 22.57
C GLU A 271 -9.46 -13.73 23.67
N MET A 272 -10.75 -13.82 23.96
CA MET A 272 -11.37 -13.04 25.00
C MET A 272 -10.83 -13.23 26.39
N LEU A 273 -10.59 -14.48 26.76
CA LEU A 273 -10.20 -14.84 28.13
C LEU A 273 -8.69 -14.76 28.35
N VAL A 274 -7.88 -15.07 27.33
CA VAL A 274 -6.41 -15.11 27.42
C VAL A 274 -5.78 -13.78 27.00
N GLY A 275 -6.37 -13.11 26.00
CA GLY A 275 -5.85 -11.85 25.46
C GLY A 275 -5.05 -12.00 24.18
N ASP A 276 -4.80 -13.25 23.76
CA ASP A 276 -4.04 -13.58 22.56
C ASP A 276 -4.80 -14.62 21.77
N THR A 277 -4.47 -14.74 20.50
CA THR A 277 -4.95 -15.85 19.66
C THR A 277 -4.27 -17.20 20.10
N PRO A 278 -5.03 -18.31 20.14
CA PRO A 278 -4.45 -19.63 20.54
C PRO A 278 -3.29 -20.15 19.69
N PHE A 279 -3.30 -19.81 18.40
CA PHE A 279 -2.24 -20.16 17.46
C PHE A 279 -1.51 -18.94 16.89
N TYR A 280 -1.24 -17.96 17.76
CA TYR A 280 -0.44 -16.78 17.40
C TYR A 280 0.97 -17.17 16.99
N ALA A 281 1.42 -16.55 15.92
CA ALA A 281 2.81 -16.49 15.51
C ALA A 281 3.04 -15.18 14.71
N ASP A 282 4.32 -14.86 14.51
CA ASP A 282 4.73 -13.59 13.85
C ASP A 282 4.34 -13.51 12.40
N SER A 283 4.66 -14.60 11.67
CA SER A 283 4.27 -14.79 10.27
C SER A 283 2.90 -15.47 10.14
N LEU A 284 2.38 -15.43 8.92
CA LEU A 284 1.19 -16.22 8.54
C LEU A 284 1.49 -17.71 8.51
N VAL A 285 2.61 -18.07 7.89
CA VAL A 285 3.11 -19.45 7.84
C VAL A 285 3.27 -20.11 9.22
N GLY A 286 3.68 -19.32 10.22
CA GLY A 286 3.75 -19.78 11.60
C GLY A 286 2.39 -20.15 12.15
N THR A 287 1.44 -19.24 11.95
CA THR A 287 0.04 -19.42 12.38
C THR A 287 -0.58 -20.65 11.74
N TYR A 288 -0.47 -20.73 10.41
CA TYR A 288 -0.97 -21.88 9.62
C TYR A 288 -0.41 -23.19 10.15
N SER A 289 0.90 -23.23 10.39
CA SER A 289 1.55 -24.43 10.93
C SER A 289 1.08 -24.82 12.34
N LYS A 290 0.88 -23.82 13.20
CA LYS A 290 0.34 -24.03 14.55
C LYS A 290 -1.09 -24.54 14.52
N ILE A 291 -1.93 -23.98 13.65
CA ILE A 291 -3.34 -24.43 13.49
C ILE A 291 -3.41 -25.91 13.05
N MET A 292 -2.59 -26.30 12.07
CA MET A 292 -2.52 -27.72 11.64
C MET A 292 -2.05 -28.66 12.76
N ASP A 293 -1.16 -28.15 13.60
CA ASP A 293 -0.65 -28.87 14.78
C ASP A 293 -1.42 -28.49 16.09
N HIS A 294 -2.73 -28.23 15.97
CA HIS A 294 -3.57 -27.84 17.15
C HIS A 294 -3.65 -28.88 18.28
N LYS A 295 -3.48 -30.16 17.95
CA LYS A 295 -3.41 -31.25 18.92
C LYS A 295 -2.27 -31.06 19.94
N ASN A 296 -1.13 -30.56 19.47
CA ASN A 296 0.01 -30.20 20.31
C ASN A 296 0.08 -28.72 20.67
N SER A 297 -0.07 -27.85 19.66
CA SER A 297 0.21 -26.41 19.81
C SER A 297 -0.74 -25.60 20.67
N LEU A 298 -1.96 -26.11 20.91
CA LEU A 298 -2.91 -25.45 21.80
C LEU A 298 -2.43 -25.62 23.23
N CYS A 299 -2.28 -24.50 23.92
CA CYS A 299 -1.72 -24.44 25.24
C CYS A 299 -2.24 -23.21 25.98
N PHE A 300 -2.96 -23.44 27.10
CA PHE A 300 -3.39 -22.37 27.99
C PHE A 300 -2.25 -21.89 28.86
N PRO A 301 -1.93 -20.57 28.80
CA PRO A 301 -0.81 -20.10 29.61
C PRO A 301 -1.13 -20.15 31.12
N GLU A 302 -0.14 -20.48 31.92
CA GLU A 302 -0.30 -20.67 33.37
C GLU A 302 -0.78 -19.44 34.15
N ASP A 303 -0.58 -18.23 33.61
CA ASP A 303 -1.10 -16.97 34.18
C ASP A 303 -2.54 -16.55 33.75
N ALA A 304 -3.17 -17.30 32.86
CA ALA A 304 -4.51 -16.98 32.34
C ALA A 304 -5.62 -17.22 33.37
N GLU A 305 -6.50 -16.25 33.56
CA GLU A 305 -7.60 -16.33 34.53
C GLU A 305 -8.76 -16.99 33.80
N ILE A 306 -8.87 -18.32 33.92
CA ILE A 306 -9.87 -19.09 33.15
C ILE A 306 -10.42 -20.28 33.93
N SER A 307 -11.75 -20.49 33.87
CA SER A 307 -12.39 -21.60 34.59
C SER A 307 -12.15 -22.96 33.89
N LYS A 308 -12.33 -24.06 34.62
CA LYS A 308 -12.25 -25.42 34.08
C LYS A 308 -13.31 -25.65 32.99
N HIS A 309 -14.53 -25.15 33.23
CA HIS A 309 -15.62 -25.22 32.23
C HIS A 309 -15.31 -24.44 30.93
N ALA A 310 -14.74 -23.24 31.05
CA ALA A 310 -14.32 -22.43 29.89
C ALA A 310 -13.20 -23.08 29.08
N LYS A 311 -12.22 -23.66 29.77
CA LYS A 311 -11.19 -24.51 29.10
C LYS A 311 -11.84 -25.72 28.36
N ASN A 312 -12.77 -26.39 29.05
CA ASN A 312 -13.45 -27.52 28.47
C ASN A 312 -14.27 -27.12 27.21
N LEU A 313 -14.92 -25.95 27.24
CA LEU A 313 -15.68 -25.45 26.05
C LEU A 313 -14.76 -25.11 24.89
N ILE A 314 -13.68 -24.39 25.17
CA ILE A 314 -12.71 -24.03 24.13
C ILE A 314 -12.13 -25.33 23.55
N CYS A 315 -11.69 -26.25 24.42
CA CYS A 315 -11.15 -27.56 23.98
C CYS A 315 -12.13 -28.42 23.17
N ALA A 316 -13.43 -28.33 23.48
CA ALA A 316 -14.47 -29.05 22.72
C ALA A 316 -14.66 -28.53 21.29
N PHE A 317 -14.48 -27.21 21.08
CA PHE A 317 -14.51 -26.61 19.75
C PHE A 317 -13.22 -26.77 18.97
N LEU A 318 -12.08 -26.68 19.64
CA LEU A 318 -10.78 -26.75 18.99
C LEU A 318 -10.27 -28.20 18.91
N THR A 319 -11.04 -29.08 18.28
CA THR A 319 -10.62 -30.45 17.94
C THR A 319 -10.76 -30.64 16.44
N ASP A 320 -10.35 -31.82 15.97
CA ASP A 320 -10.71 -32.31 14.63
C ASP A 320 -12.25 -32.28 14.45
N ARG A 321 -12.69 -31.93 13.25
CA ARG A 321 -14.14 -31.82 12.91
C ARG A 321 -15.05 -32.98 13.37
N GLU A 322 -14.55 -34.21 13.26
CA GLU A 322 -15.37 -35.45 13.54
C GLU A 322 -15.83 -35.62 14.98
N VAL A 323 -15.04 -35.12 15.92
CA VAL A 323 -15.38 -35.11 17.36
C VAL A 323 -15.77 -33.70 17.90
N ARG A 324 -15.92 -32.72 17.02
CA ARG A 324 -16.12 -31.31 17.41
C ARG A 324 -17.55 -31.02 17.84
N LEU A 325 -17.67 -30.11 18.78
CA LEU A 325 -18.95 -29.65 19.30
C LEU A 325 -19.65 -28.79 18.25
N GLY A 326 -20.95 -29.00 18.06
CA GLY A 326 -21.73 -28.36 16.99
C GLY A 326 -21.95 -29.17 15.71
N ARG A 327 -21.44 -30.40 15.68
CA ARG A 327 -21.87 -31.36 14.64
C ARG A 327 -23.32 -31.75 14.82
N ASN A 328 -23.65 -32.23 16.02
CA ASN A 328 -25.02 -32.69 16.37
C ASN A 328 -25.96 -31.53 16.82
N GLY A 329 -25.95 -30.43 16.08
CA GLY A 329 -26.75 -29.26 16.41
C GLY A 329 -26.31 -28.44 17.61
N VAL A 330 -26.99 -27.31 17.76
CA VAL A 330 -26.71 -26.30 18.77
C VAL A 330 -27.07 -26.67 20.23
N GLU A 331 -27.93 -27.68 20.45
CA GLU A 331 -28.44 -27.97 21.82
C GLU A 331 -27.36 -28.44 22.80
N GLU A 332 -26.46 -29.29 22.34
CA GLU A 332 -25.27 -29.71 23.11
C GLU A 332 -24.34 -28.54 23.47
N ILE A 333 -24.27 -27.52 22.60
CA ILE A 333 -23.53 -26.27 22.89
C ILE A 333 -24.22 -25.49 24.02
N ARG A 334 -25.53 -25.35 23.92
CA ARG A 334 -26.32 -24.56 24.86
C ARG A 334 -26.30 -25.11 26.27
N GLN A 335 -26.37 -26.43 26.40
CA GLN A 335 -26.33 -27.15 27.68
C GLN A 335 -24.94 -27.24 28.36
N HIS A 336 -23.88 -26.74 27.71
CA HIS A 336 -22.53 -26.77 28.30
C HIS A 336 -22.46 -25.94 29.62
N PRO A 337 -21.89 -26.50 30.72
CA PRO A 337 -22.00 -25.86 32.04
C PRO A 337 -21.35 -24.46 32.20
N PHE A 338 -20.31 -24.19 31.44
CA PHE A 338 -19.81 -22.84 31.18
C PHE A 338 -20.88 -21.76 31.07
N PHE A 339 -21.93 -22.02 30.31
CA PHE A 339 -23.04 -21.09 30.11
C PHE A 339 -24.03 -20.91 31.27
N LYS A 340 -23.92 -21.71 32.34
CA LYS A 340 -24.80 -21.57 33.52
C LYS A 340 -24.58 -20.20 34.18
N ASN A 341 -25.66 -19.45 34.40
CA ASN A 341 -25.56 -18.09 34.90
C ASN A 341 -26.84 -17.57 35.55
N ASP A 342 -26.68 -16.50 36.30
CA ASP A 342 -27.78 -15.83 37.00
C ASP A 342 -28.52 -14.74 36.16
N GLN A 343 -27.93 -14.31 35.05
CA GLN A 343 -28.35 -13.10 34.34
C GLN A 343 -29.32 -13.29 33.18
N TRP A 344 -29.21 -14.39 32.44
CA TRP A 344 -29.97 -14.60 31.20
C TRP A 344 -30.23 -16.06 30.90
N HIS A 345 -31.32 -16.29 30.14
CA HIS A 345 -31.63 -17.55 29.48
C HIS A 345 -31.44 -17.40 27.97
N TRP A 346 -31.34 -18.54 27.29
CA TRP A 346 -31.17 -18.61 25.83
C TRP A 346 -32.30 -17.95 25.06
N ASP A 347 -33.53 -18.13 25.53
CA ASP A 347 -34.72 -17.48 24.94
C ASP A 347 -34.80 -15.94 25.10
N ASN A 348 -34.07 -15.35 26.05
CA ASN A 348 -34.16 -13.91 26.36
C ASN A 348 -32.86 -13.10 26.41
N ILE A 349 -31.72 -13.73 26.10
CA ILE A 349 -30.42 -13.07 26.29
C ILE A 349 -30.35 -11.69 25.64
N ARG A 350 -30.85 -11.59 24.42
CA ARG A 350 -30.75 -10.36 23.62
C ARG A 350 -31.63 -9.20 24.12
N GLU A 351 -32.60 -9.51 24.98
CA GLU A 351 -33.45 -8.53 25.68
C GLU A 351 -33.03 -8.33 27.17
N THR A 352 -31.83 -8.78 27.57
CA THR A 352 -31.25 -8.46 28.89
C THR A 352 -30.27 -7.31 28.72
N ALA A 353 -29.86 -6.72 29.85
CA ALA A 353 -28.86 -5.67 29.87
C ALA A 353 -27.48 -6.21 29.45
N ALA A 354 -26.98 -5.72 28.33
CA ALA A 354 -25.67 -6.06 27.84
C ALA A 354 -24.57 -5.59 28.80
N PRO A 355 -23.36 -6.21 28.75
CA PRO A 355 -22.25 -5.79 29.61
C PRO A 355 -21.82 -4.31 29.48
N VAL A 356 -21.74 -3.83 28.23
CA VAL A 356 -21.24 -2.52 27.87
C VAL A 356 -22.26 -1.87 26.92
N VAL A 357 -23.06 -0.94 27.45
CA VAL A 357 -24.07 -0.22 26.63
C VAL A 357 -23.38 1.04 26.09
N PRO A 358 -23.11 1.14 24.77
CA PRO A 358 -22.34 2.31 24.26
C PRO A 358 -22.97 3.68 24.58
N GLU A 359 -22.15 4.67 24.91
CA GLU A 359 -22.59 6.03 25.23
C GLU A 359 -22.16 6.88 24.06
N LEU A 360 -23.15 7.37 23.32
CA LEU A 360 -22.88 8.02 22.04
C LEU A 360 -23.39 9.47 22.09
N SER A 361 -22.59 10.41 21.62
CA SER A 361 -22.85 11.88 21.76
C SER A 361 -23.70 12.48 20.61
N SER A 362 -23.82 11.73 19.51
CA SER A 362 -24.69 12.08 18.39
C SER A 362 -24.97 10.83 17.54
N ASP A 363 -25.83 10.97 16.55
CA ASP A 363 -26.16 9.87 15.61
C ASP A 363 -25.06 9.52 14.58
N ILE A 364 -24.03 10.36 14.48
CA ILE A 364 -22.81 10.06 13.66
C ILE A 364 -21.54 9.77 14.50
N ASP A 365 -21.70 9.66 15.82
CA ASP A 365 -20.62 9.22 16.71
C ASP A 365 -20.14 7.84 16.24
N SER A 366 -18.91 7.82 15.72
CA SER A 366 -18.19 6.59 15.34
C SER A 366 -16.92 6.42 16.19
N SER A 367 -16.98 6.83 17.46
CA SER A 367 -15.83 6.80 18.36
C SER A 367 -15.41 5.38 18.79
N ASN A 368 -16.31 4.38 18.68
CA ASN A 368 -15.95 2.95 18.83
C ASN A 368 -15.36 2.28 17.57
N PHE A 369 -15.05 3.07 16.53
CA PHE A 369 -14.30 2.64 15.34
C PHE A 369 -13.01 3.43 15.16
N ASP A 370 -11.94 2.76 14.73
CA ASP A 370 -10.65 3.39 14.52
C ASP A 370 -10.68 4.26 13.25
N ASP A 371 -9.91 5.34 13.24
CA ASP A 371 -9.83 6.23 12.06
C ASP A 371 -9.12 5.54 10.91
N ILE A 372 -9.42 5.98 9.67
CA ILE A 372 -8.87 5.38 8.44
C ILE A 372 -8.43 6.50 7.47
N VAL A 379 -8.93 5.25 -7.81
CA VAL A 379 -9.49 4.03 -8.43
C VAL A 379 -9.09 3.81 -9.91
N GLU A 380 -9.64 2.76 -10.54
CA GLU A 380 -9.54 2.61 -12.01
C GLU A 380 -10.73 1.89 -12.61
N THR A 381 -11.08 2.36 -13.80
CA THR A 381 -12.32 2.03 -14.47
C THR A 381 -12.08 1.07 -15.63
N PHE A 382 -13.18 0.60 -16.20
CA PHE A 382 -13.15 -0.19 -17.43
C PHE A 382 -12.72 0.73 -18.59
N PRO A 383 -11.92 0.20 -19.53
CA PRO A 383 -11.63 0.99 -20.74
C PRO A 383 -12.86 1.08 -21.64
N ILE A 384 -12.90 2.12 -22.48
CA ILE A 384 -13.93 2.31 -23.49
C ILE A 384 -13.76 1.16 -24.48
N PRO A 385 -14.72 0.20 -24.50
CA PRO A 385 -14.47 -1.04 -25.23
C PRO A 385 -14.70 -0.89 -26.73
N LYS A 386 -13.98 -1.71 -27.49
CA LYS A 386 -14.04 -1.71 -28.94
C LYS A 386 -15.28 -2.48 -29.46
N ALA A 387 -15.63 -3.56 -28.76
CA ALA A 387 -16.87 -4.31 -29.00
C ALA A 387 -17.62 -4.53 -27.68
N PHE A 388 -18.85 -5.05 -27.80
CA PHE A 388 -19.67 -5.42 -26.63
C PHE A 388 -18.93 -6.44 -25.73
N VAL A 389 -18.78 -6.09 -24.45
CA VAL A 389 -18.16 -6.94 -23.43
C VAL A 389 -19.09 -7.35 -22.29
N GLY A 390 -20.14 -6.59 -22.00
CA GLY A 390 -21.11 -6.95 -20.98
C GLY A 390 -20.61 -6.85 -19.56
N ASN A 391 -19.81 -5.84 -19.25
CA ASN A 391 -19.29 -5.64 -17.88
C ASN A 391 -20.34 -5.40 -16.78
N GLN A 392 -21.50 -4.88 -17.15
CA GLN A 392 -22.64 -4.72 -16.25
C GLN A 392 -23.53 -5.94 -16.06
N LEU A 393 -23.38 -6.95 -16.90
CA LEU A 393 -24.24 -8.17 -16.87
C LEU A 393 -24.20 -9.00 -15.61
N PRO A 394 -23.01 -9.12 -14.96
CA PRO A 394 -22.96 -9.82 -13.67
C PRO A 394 -23.75 -9.21 -12.52
N PHE A 395 -24.16 -7.95 -12.65
CA PHE A 395 -24.83 -7.18 -11.61
C PHE A 395 -26.31 -6.95 -11.81
N ILE A 396 -26.89 -7.47 -12.90
CA ILE A 396 -28.32 -7.39 -13.13
C ILE A 396 -29.03 -8.20 -12.04
N GLY A 397 -29.90 -7.53 -11.29
CA GLY A 397 -30.66 -8.11 -10.20
C GLY A 397 -30.22 -7.61 -8.84
N PHE A 398 -29.11 -6.89 -8.76
CA PHE A 398 -28.59 -6.46 -7.48
C PHE A 398 -29.47 -5.47 -6.77
N THR A 399 -30.06 -4.54 -7.52
CA THR A 399 -30.90 -3.50 -6.96
C THR A 399 -32.06 -4.11 -6.15
N TYR A 400 -32.26 -3.61 -4.94
CA TYR A 400 -33.28 -4.09 -3.99
C TYR A 400 -33.75 -2.87 -3.21
N TYR A 401 -35.06 -2.61 -3.25
CA TYR A 401 -35.70 -1.51 -2.50
C TYR A 401 -36.70 -2.19 -1.57
N ARG A 402 -36.47 -2.11 -0.25
CA ARG A 402 -37.30 -2.77 0.75
C ARG A 402 -38.61 -2.02 0.95
N ALA B 9 -39.61 8.13 -1.72
CA ALA B 9 -41.04 7.65 -1.70
C ALA B 9 -41.90 8.26 -2.80
N SER B 10 -41.80 9.59 -3.01
CA SER B 10 -42.42 10.27 -4.16
C SER B 10 -41.73 9.92 -5.50
N ARG B 11 -40.39 9.83 -5.47
CA ARG B 11 -39.64 9.26 -6.57
C ARG B 11 -39.99 7.78 -6.89
N GLN B 12 -40.28 6.98 -5.86
CA GLN B 12 -40.72 5.59 -6.05
C GLN B 12 -42.15 5.53 -6.55
N ARG B 13 -43.02 6.44 -6.09
CA ARG B 13 -44.38 6.59 -6.64
C ARG B 13 -44.37 6.91 -8.15
N LYS B 14 -43.57 7.93 -8.52
CA LYS B 14 -43.42 8.36 -9.94
C LYS B 14 -42.92 7.25 -10.84
N LEU B 15 -41.88 6.55 -10.37
CA LEU B 15 -41.26 5.44 -11.13
C LEU B 15 -42.20 4.27 -11.37
N GLU B 16 -42.95 3.90 -10.33
CA GLU B 16 -43.98 2.84 -10.44
C GLU B 16 -45.11 3.22 -11.41
N ALA B 17 -45.48 4.50 -11.41
CA ALA B 17 -46.52 5.05 -12.33
C ALA B 17 -46.15 4.95 -13.81
N LEU B 18 -44.88 5.20 -14.14
CA LEU B 18 -44.36 4.95 -15.50
C LEU B 18 -44.49 3.47 -15.90
N ILE B 19 -44.18 2.56 -14.99
CA ILE B 19 -44.23 1.11 -15.24
C ILE B 19 -45.66 0.56 -15.38
N ARG B 20 -46.62 1.13 -14.64
CA ARG B 20 -48.04 0.74 -14.78
C ARG B 20 -48.69 1.19 -16.11
N ASP B 21 -48.21 2.30 -16.69
CA ASP B 21 -48.76 2.90 -17.91
C ASP B 21 -48.56 1.94 -19.11
N PRO B 22 -49.65 1.51 -19.79
CA PRO B 22 -49.47 0.64 -20.97
C PRO B 22 -48.82 1.30 -22.21
N ARG B 23 -48.87 2.63 -22.30
CA ARG B 23 -48.16 3.41 -23.33
C ARG B 23 -46.66 3.61 -23.06
N SER B 24 -46.17 3.24 -21.88
CA SER B 24 -44.79 3.51 -21.48
C SER B 24 -43.81 2.53 -22.16
N PRO B 25 -42.65 3.05 -22.58
CA PRO B 25 -41.58 2.15 -23.05
C PRO B 25 -40.97 1.22 -21.99
N ILE B 26 -41.12 1.56 -20.72
CA ILE B 26 -40.64 0.71 -19.61
C ILE B 26 -41.77 0.07 -18.80
N ASN B 27 -42.90 -0.24 -19.43
CA ASN B 27 -43.89 -1.15 -18.82
C ASN B 27 -43.34 -2.58 -18.68
N VAL B 28 -44.07 -3.42 -17.95
CA VAL B 28 -43.55 -4.74 -17.55
C VAL B 28 -43.31 -5.63 -18.78
N GLU B 29 -44.26 -5.65 -19.71
CA GLU B 29 -44.09 -6.40 -20.97
C GLU B 29 -42.88 -5.98 -21.74
N SER B 30 -42.65 -4.66 -21.85
CA SER B 30 -41.43 -4.14 -22.50
C SER B 30 -40.17 -4.54 -21.78
N LEU B 31 -40.20 -4.47 -20.45
CA LEU B 31 -39.08 -4.93 -19.64
C LEU B 31 -38.79 -6.44 -19.84
N LEU B 32 -39.83 -7.27 -19.86
CA LEU B 32 -39.69 -8.68 -20.24
C LEU B 32 -39.16 -8.93 -21.64
N ASP B 33 -39.63 -8.14 -22.61
CA ASP B 33 -39.04 -8.17 -23.96
C ASP B 33 -37.56 -7.86 -23.89
N GLY B 34 -37.21 -6.80 -23.15
CA GLY B 34 -35.83 -6.41 -22.86
C GLY B 34 -34.97 -7.58 -22.44
N LEU B 35 -35.46 -8.35 -21.46
CA LEU B 35 -34.74 -9.53 -20.93
C LEU B 35 -34.68 -10.65 -21.94
N ASN B 36 -35.82 -11.00 -22.58
CA ASN B 36 -35.86 -12.05 -23.62
C ASN B 36 -34.93 -11.77 -24.80
N SER B 37 -35.04 -10.56 -25.32
CA SER B 37 -34.27 -10.12 -26.47
C SER B 37 -32.76 -10.09 -26.16
N LEU B 38 -32.41 -9.70 -24.95
CA LEU B 38 -31.02 -9.73 -24.51
C LEU B 38 -30.47 -11.15 -24.50
N VAL B 39 -31.24 -12.08 -23.92
CA VAL B 39 -30.84 -13.49 -23.87
C VAL B 39 -30.73 -14.10 -25.27
N LEU B 40 -31.69 -13.81 -26.16
CA LEU B 40 -31.60 -14.26 -27.55
C LEU B 40 -30.37 -13.73 -28.28
N ASP B 41 -30.12 -12.42 -28.13
CA ASP B 41 -28.94 -11.78 -28.76
C ASP B 41 -27.57 -12.19 -28.21
N LEU B 42 -27.54 -12.70 -26.97
CA LEU B 42 -26.30 -13.19 -26.35
C LEU B 42 -26.04 -14.70 -26.47
N ASP B 43 -27.10 -15.53 -26.51
CA ASP B 43 -26.97 -16.99 -26.37
C ASP B 43 -26.55 -17.64 -27.68
N PHE B 44 -25.25 -17.55 -27.95
CA PHE B 44 -24.60 -18.15 -29.10
C PHE B 44 -23.23 -18.63 -28.65
N PRO B 45 -22.84 -19.89 -29.00
CA PRO B 45 -21.62 -20.50 -28.42
C PRO B 45 -20.34 -19.65 -28.51
N ALA B 46 -20.21 -18.86 -29.58
CA ALA B 46 -19.10 -17.92 -29.77
C ALA B 46 -19.06 -16.81 -28.73
N LEU B 47 -20.21 -16.16 -28.53
CA LEU B 47 -20.38 -15.07 -27.55
C LEU B 47 -20.19 -15.55 -26.10
N ARG B 48 -20.62 -16.78 -25.82
CA ARG B 48 -20.38 -17.41 -24.50
C ARG B 48 -18.90 -17.74 -24.14
N LYS B 49 -17.95 -17.54 -25.06
CA LYS B 49 -16.51 -17.48 -24.71
C LYS B 49 -16.18 -16.32 -23.74
N ASN B 50 -16.98 -15.27 -23.77
CA ASN B 50 -16.97 -14.18 -22.78
C ASN B 50 -17.67 -14.65 -21.50
N LYS B 51 -16.92 -14.66 -20.39
CA LYS B 51 -17.43 -15.11 -19.09
C LYS B 51 -18.61 -14.27 -18.56
N ASN B 52 -18.54 -12.95 -18.75
CA ASN B 52 -19.68 -12.04 -18.44
C ASN B 52 -20.99 -12.50 -19.06
N ILE B 53 -20.94 -12.78 -20.36
CA ILE B 53 -22.08 -13.30 -21.10
C ILE B 53 -22.46 -14.72 -20.63
N ASP B 54 -21.47 -15.61 -20.50
CA ASP B 54 -21.74 -17.00 -20.12
C ASP B 54 -22.45 -17.10 -18.76
N ASN B 55 -21.89 -16.42 -17.76
CA ASN B 55 -22.43 -16.45 -16.39
C ASN B 55 -23.82 -15.82 -16.30
N PHE B 56 -24.01 -14.68 -16.97
CA PHE B 56 -25.33 -14.04 -17.08
C PHE B 56 -26.40 -14.97 -17.65
N LEU B 57 -26.08 -15.62 -18.77
CA LEU B 57 -26.98 -16.61 -19.36
C LEU B 57 -27.26 -17.81 -18.43
N ASN B 58 -26.26 -18.28 -17.70
CA ASN B 58 -26.47 -19.35 -16.71
C ASN B 58 -27.45 -18.92 -15.61
N ARG B 59 -27.31 -17.69 -15.10
CA ARG B 59 -28.27 -17.13 -14.14
C ARG B 59 -29.71 -17.03 -14.64
N TYR B 60 -29.88 -16.62 -15.90
CA TYR B 60 -31.23 -16.36 -16.47
C TYR B 60 -31.77 -17.40 -17.48
N GLU B 61 -31.09 -18.53 -17.66
CA GLU B 61 -31.54 -19.59 -18.60
C GLU B 61 -32.91 -20.14 -18.20
N LYS B 62 -32.98 -20.66 -16.97
CA LYS B 62 -34.18 -21.34 -16.44
C LYS B 62 -35.41 -20.42 -16.51
N ILE B 63 -35.31 -19.28 -15.86
CA ILE B 63 -36.45 -18.37 -15.68
C ILE B 63 -36.99 -17.80 -17.02
N VAL B 64 -36.09 -17.53 -17.97
CA VAL B 64 -36.48 -17.09 -19.31
C VAL B 64 -37.22 -18.18 -20.10
N LYS B 65 -36.70 -19.42 -20.05
CA LYS B 65 -37.38 -20.60 -20.61
C LYS B 65 -38.79 -20.72 -19.98
N LYS B 66 -38.87 -20.55 -18.66
CA LYS B 66 -40.14 -20.57 -17.93
C LYS B 66 -41.10 -19.44 -18.37
N ILE B 67 -40.60 -18.21 -18.55
CA ILE B 67 -41.37 -17.08 -19.06
C ILE B 67 -41.90 -17.34 -20.46
N ARG B 68 -41.00 -17.78 -21.35
CA ARG B 68 -41.34 -18.12 -22.75
C ARG B 68 -42.50 -19.13 -22.87
N GLY B 69 -42.46 -20.16 -22.03
CA GLY B 69 -43.54 -21.13 -21.91
C GLY B 69 -44.87 -20.54 -21.50
N LEU B 70 -44.86 -19.61 -20.52
CA LEU B 70 -46.06 -18.92 -20.05
C LEU B 70 -46.59 -17.89 -21.03
N GLN B 71 -45.70 -17.11 -21.62
CA GLN B 71 -46.10 -16.01 -22.51
C GLN B 71 -46.77 -16.52 -23.79
N MET B 72 -47.58 -15.63 -24.37
CA MET B 72 -48.32 -15.93 -25.59
C MET B 72 -47.36 -16.14 -26.74
N LYS B 73 -47.70 -17.11 -27.59
CA LYS B 73 -46.84 -17.52 -28.70
C LYS B 73 -47.67 -18.11 -29.86
N ALA B 74 -47.02 -18.26 -31.00
CA ALA B 74 -47.64 -18.77 -32.24
C ALA B 74 -48.33 -20.13 -32.10
N GLU B 75 -47.73 -21.03 -31.30
CA GLU B 75 -48.27 -22.37 -31.04
C GLU B 75 -49.63 -22.37 -30.32
N ASP B 76 -49.96 -21.28 -29.62
CA ASP B 76 -51.31 -21.08 -29.05
C ASP B 76 -52.44 -20.93 -30.08
N TYR B 77 -52.11 -20.60 -31.33
CA TYR B 77 -53.08 -20.34 -32.38
C TYR B 77 -52.96 -21.39 -33.49
N ASP B 78 -54.10 -21.90 -33.93
CA ASP B 78 -54.21 -22.82 -35.06
C ASP B 78 -54.42 -22.01 -36.34
N VAL B 79 -53.51 -22.13 -37.30
CA VAL B 79 -53.61 -21.48 -38.61
C VAL B 79 -54.65 -22.22 -39.46
N VAL B 80 -55.73 -21.51 -39.78
CA VAL B 80 -56.78 -22.04 -40.67
C VAL B 80 -56.38 -21.85 -42.12
N LYS B 81 -56.06 -20.62 -42.46
CA LYS B 81 -55.81 -20.23 -43.87
C LYS B 81 -55.02 -18.92 -43.86
N VAL B 82 -54.15 -18.76 -44.85
CA VAL B 82 -53.52 -17.45 -45.13
C VAL B 82 -54.52 -16.64 -45.98
N ILE B 83 -55.00 -15.54 -45.42
CA ILE B 83 -56.01 -14.67 -46.05
C ILE B 83 -55.42 -13.41 -46.73
N GLY B 84 -54.09 -13.29 -46.76
CA GLY B 84 -53.42 -12.16 -47.33
C GLY B 84 -51.92 -12.18 -47.19
N ARG B 85 -51.23 -11.54 -48.14
CA ARG B 85 -49.77 -11.45 -48.17
C ARG B 85 -49.36 -10.03 -48.49
N GLY B 86 -48.22 -9.58 -47.95
CA GLY B 86 -47.76 -8.20 -48.10
C GLY B 86 -46.27 -8.05 -47.90
N ALA B 87 -45.85 -6.79 -47.70
CA ALA B 87 -44.45 -6.35 -47.75
C ALA B 87 -43.44 -7.29 -47.07
N PHE B 88 -43.55 -7.45 -45.76
CA PHE B 88 -42.58 -8.27 -45.00
C PHE B 88 -43.24 -9.48 -44.30
N GLY B 89 -44.35 -9.97 -44.86
CA GLY B 89 -45.12 -11.01 -44.21
C GLY B 89 -46.50 -11.27 -44.79
N GLU B 90 -47.44 -11.59 -43.90
CA GLU B 90 -48.74 -12.18 -44.28
C GLU B 90 -49.76 -12.05 -43.18
N VAL B 91 -51.03 -12.24 -43.54
CA VAL B 91 -52.17 -12.20 -42.59
C VAL B 91 -52.81 -13.57 -42.69
N GLN B 92 -52.97 -14.23 -41.53
CA GLN B 92 -53.56 -15.55 -41.46
C GLN B 92 -54.79 -15.50 -40.60
N LEU B 93 -55.82 -16.24 -41.04
CA LEU B 93 -56.99 -16.52 -40.22
C LEU B 93 -56.56 -17.61 -39.24
N VAL B 94 -56.71 -17.33 -37.94
CA VAL B 94 -56.34 -18.26 -36.88
C VAL B 94 -57.46 -18.45 -35.87
N ARG B 95 -57.44 -19.59 -35.18
CA ARG B 95 -58.26 -19.85 -34.01
C ARG B 95 -57.33 -20.02 -32.83
N HIS B 96 -57.56 -19.24 -31.77
CA HIS B 96 -56.87 -19.44 -30.49
C HIS B 96 -57.36 -20.76 -29.88
N LYS B 97 -56.43 -21.69 -29.62
CA LYS B 97 -56.77 -23.07 -29.21
C LYS B 97 -57.59 -23.18 -27.93
N ALA B 98 -57.15 -22.49 -26.89
CA ALA B 98 -57.79 -22.59 -25.57
C ALA B 98 -59.15 -21.88 -25.51
N SER B 99 -59.21 -20.66 -26.04
CA SER B 99 -60.48 -19.85 -26.09
C SER B 99 -61.43 -20.20 -27.25
N GLN B 100 -60.94 -20.90 -28.28
CA GLN B 100 -61.69 -21.21 -29.52
C GLN B 100 -62.15 -19.96 -30.31
N LYS B 101 -61.56 -18.79 -30.07
CA LYS B 101 -61.99 -17.52 -30.65
C LYS B 101 -61.16 -17.29 -31.89
N VAL B 102 -61.80 -16.75 -32.91
CA VAL B 102 -61.20 -16.54 -34.22
C VAL B 102 -60.70 -15.10 -34.33
N TYR B 103 -59.52 -14.96 -34.93
CA TYR B 103 -58.79 -13.70 -35.07
C TYR B 103 -58.09 -13.69 -36.41
N ALA B 104 -57.80 -12.50 -36.90
CA ALA B 104 -56.83 -12.29 -37.99
C ALA B 104 -55.51 -11.96 -37.33
N MET B 105 -54.46 -12.67 -37.76
CA MET B 105 -53.11 -12.54 -37.18
C MET B 105 -52.12 -12.20 -38.28
N LYS B 106 -51.46 -11.04 -38.14
CA LYS B 106 -50.47 -10.56 -39.09
C LYS B 106 -49.09 -10.96 -38.60
N LEU B 107 -48.32 -11.62 -39.46
CA LEU B 107 -46.91 -11.95 -39.20
C LEU B 107 -46.02 -10.99 -39.95
N LEU B 108 -44.90 -10.59 -39.34
CA LEU B 108 -43.87 -9.77 -40.00
C LEU B 108 -42.50 -10.35 -39.72
N SER B 109 -41.74 -10.65 -40.79
CA SER B 109 -40.40 -11.22 -40.69
C SER B 109 -39.39 -10.20 -40.15
N LYS B 110 -38.79 -10.54 -39.00
CA LYS B 110 -37.73 -9.70 -38.43
C LYS B 110 -36.53 -9.58 -39.36
N PHE B 111 -36.09 -10.70 -39.94
CA PHE B 111 -34.94 -10.66 -40.86
C PHE B 111 -35.16 -9.71 -42.04
N GLU B 112 -36.28 -9.89 -42.72
CA GLU B 112 -36.61 -9.09 -43.89
C GLU B 112 -36.74 -7.59 -43.58
N MET B 113 -37.34 -7.27 -42.42
CA MET B 113 -37.41 -5.88 -41.93
C MET B 113 -36.04 -5.30 -41.62
N ILE B 114 -35.17 -6.05 -40.96
CA ILE B 114 -33.78 -5.60 -40.72
C ILE B 114 -33.05 -5.44 -42.06
N LYS B 115 -33.20 -6.42 -42.96
CA LYS B 115 -32.53 -6.41 -44.26
C LYS B 115 -33.01 -5.26 -45.17
N ARG B 116 -34.33 -5.11 -45.36
CA ARG B 116 -34.88 -4.16 -46.35
C ARG B 116 -35.63 -2.95 -45.81
N SER B 117 -36.19 -3.03 -44.59
CA SER B 117 -36.97 -1.90 -44.00
C SER B 117 -36.08 -0.76 -43.51
N ASP B 118 -36.20 0.38 -44.17
CA ASP B 118 -35.56 1.65 -43.75
C ASP B 118 -36.18 2.39 -42.54
N SER B 119 -37.41 2.04 -42.16
CA SER B 119 -38.12 2.63 -41.00
C SER B 119 -38.79 1.53 -40.15
N ALA B 120 -39.05 1.83 -38.88
CA ALA B 120 -39.72 0.92 -37.93
C ALA B 120 -41.24 1.21 -37.91
N PHE B 121 -41.82 0.97 -39.07
CA PHE B 121 -43.23 1.17 -39.39
C PHE B 121 -44.23 0.47 -38.46
N PHE B 122 -43.84 -0.69 -37.93
CA PHE B 122 -44.70 -1.54 -37.07
C PHE B 122 -45.16 -0.89 -35.75
N TRP B 123 -44.38 0.06 -35.23
CA TRP B 123 -44.73 0.77 -34.01
C TRP B 123 -46.05 1.50 -34.12
N GLU B 124 -46.16 2.36 -35.13
CA GLU B 124 -47.43 3.08 -35.37
C GLU B 124 -48.57 2.13 -35.77
N GLU B 125 -48.26 1.11 -36.58
CA GLU B 125 -49.27 0.08 -36.93
C GLU B 125 -49.87 -0.59 -35.69
N ARG B 126 -49.00 -0.99 -34.79
CA ARG B 126 -49.42 -1.58 -33.55
C ARG B 126 -50.20 -0.60 -32.67
N ASP B 127 -49.61 0.58 -32.43
CA ASP B 127 -50.23 1.60 -31.58
C ASP B 127 -51.62 2.05 -32.02
N ILE B 128 -51.82 2.25 -33.32
CA ILE B 128 -53.14 2.67 -33.84
C ILE B 128 -54.22 1.63 -33.53
N MET B 129 -53.93 0.38 -33.88
CA MET B 129 -54.90 -0.70 -33.67
C MET B 129 -55.09 -1.01 -32.18
N ALA B 130 -54.04 -0.86 -31.39
CA ALA B 130 -54.12 -1.04 -29.93
C ALA B 130 -54.95 0.03 -29.21
N PHE B 131 -54.81 1.29 -29.64
CA PHE B 131 -55.25 2.46 -28.85
C PHE B 131 -56.24 3.44 -29.47
N ALA B 132 -56.68 3.19 -30.71
CA ALA B 132 -57.69 4.03 -31.37
C ALA B 132 -59.03 4.07 -30.63
N ASN B 133 -59.45 2.92 -30.10
CA ASN B 133 -60.79 2.72 -29.53
C ASN B 133 -61.88 3.36 -30.43
N SER B 134 -61.82 3.00 -31.71
CA SER B 134 -62.72 3.51 -32.73
C SER B 134 -63.33 2.32 -33.47
N PRO B 135 -64.66 2.34 -33.71
CA PRO B 135 -65.22 1.28 -34.56
C PRO B 135 -64.79 1.31 -36.03
N TRP B 136 -64.17 2.40 -36.49
CA TRP B 136 -63.62 2.51 -37.84
C TRP B 136 -62.19 1.98 -38.04
N VAL B 137 -61.52 1.58 -36.95
CA VAL B 137 -60.13 1.08 -37.01
C VAL B 137 -60.15 -0.36 -36.51
N VAL B 138 -59.44 -1.25 -37.21
CA VAL B 138 -59.33 -2.64 -36.78
C VAL B 138 -58.61 -2.66 -35.44
N GLN B 139 -59.22 -3.36 -34.48
CA GLN B 139 -58.73 -3.44 -33.12
C GLN B 139 -57.71 -4.56 -33.02
N LEU B 140 -56.61 -4.27 -32.32
CA LEU B 140 -55.57 -5.23 -31.98
C LEU B 140 -55.88 -5.70 -30.55
N PHE B 141 -55.95 -7.01 -30.36
CA PHE B 141 -56.16 -7.64 -29.07
C PHE B 141 -54.86 -8.02 -28.38
N TYR B 142 -53.91 -8.56 -29.14
CA TYR B 142 -52.58 -8.96 -28.65
C TYR B 142 -51.51 -8.66 -29.71
N ALA B 143 -50.33 -8.31 -29.23
CA ALA B 143 -49.10 -8.24 -30.02
C ALA B 143 -48.08 -9.04 -29.25
N PHE B 144 -47.35 -9.89 -29.96
CA PHE B 144 -46.30 -10.71 -29.34
C PHE B 144 -45.23 -11.02 -30.38
N GLN B 145 -44.18 -11.70 -29.94
CA GLN B 145 -43.05 -12.01 -30.78
C GLN B 145 -42.32 -13.31 -30.38
N ASP B 146 -41.64 -13.90 -31.35
CA ASP B 146 -40.60 -14.92 -31.13
C ASP B 146 -39.35 -14.39 -31.79
N ASP B 147 -38.33 -15.24 -31.84
CA ASP B 147 -37.06 -14.86 -32.47
C ASP B 147 -37.13 -14.53 -33.96
N ARG B 148 -38.10 -15.12 -34.69
CA ARG B 148 -38.23 -14.94 -36.16
C ARG B 148 -39.23 -13.86 -36.58
N TYR B 149 -40.37 -13.76 -35.89
CA TYR B 149 -41.53 -12.92 -36.32
C TYR B 149 -42.19 -12.06 -35.23
N LEU B 150 -42.70 -10.88 -35.64
CA LEU B 150 -43.69 -10.13 -34.88
C LEU B 150 -45.08 -10.58 -35.27
N TYR B 151 -46.00 -10.55 -34.31
CA TYR B 151 -47.38 -11.04 -34.47
C TYR B 151 -48.34 -9.99 -33.97
N MET B 152 -49.36 -9.69 -34.76
CA MET B 152 -50.43 -8.77 -34.35
C MET B 152 -51.76 -9.47 -34.49
N VAL B 153 -52.46 -9.70 -33.37
CA VAL B 153 -53.71 -10.44 -33.34
C VAL B 153 -54.82 -9.38 -33.31
N MET B 154 -55.64 -9.39 -34.35
CA MET B 154 -56.64 -8.36 -34.66
C MET B 154 -57.99 -9.01 -34.81
N GLU B 155 -59.05 -8.20 -34.73
CA GLU B 155 -60.41 -8.69 -35.03
C GLU B 155 -60.45 -9.12 -36.49
N TYR B 156 -61.08 -10.26 -36.75
CA TYR B 156 -61.27 -10.78 -38.12
C TYR B 156 -62.45 -10.03 -38.73
N MET B 157 -62.32 -9.66 -40.01
CA MET B 157 -63.33 -8.93 -40.74
C MET B 157 -63.84 -9.85 -41.87
N PRO B 158 -64.90 -10.65 -41.60
CA PRO B 158 -65.31 -11.70 -42.53
C PRO B 158 -66.02 -11.20 -43.80
N GLY B 159 -66.43 -9.94 -43.84
CA GLY B 159 -67.08 -9.35 -45.01
C GLY B 159 -66.27 -9.14 -46.27
N GLY B 160 -64.94 -9.29 -46.19
CA GLY B 160 -64.07 -9.10 -47.35
C GLY B 160 -63.74 -7.63 -47.51
N ASP B 161 -62.92 -7.35 -48.53
CA ASP B 161 -62.59 -5.96 -48.89
C ASP B 161 -63.54 -5.35 -49.94
N LEU B 162 -63.42 -4.04 -50.12
CA LEU B 162 -64.19 -3.34 -51.17
C LEU B 162 -63.86 -3.69 -52.62
N VAL B 163 -62.65 -4.21 -52.86
CA VAL B 163 -62.28 -4.73 -54.20
C VAL B 163 -63.22 -5.89 -54.55
N ASN B 164 -63.29 -6.84 -53.61
CA ASN B 164 -64.19 -7.98 -53.67
C ASN B 164 -65.66 -7.60 -53.83
N LEU B 165 -66.09 -6.57 -53.11
CA LEU B 165 -67.45 -6.05 -53.25
C LEU B 165 -67.71 -5.51 -54.66
N MET B 166 -66.81 -4.66 -55.14
CA MET B 166 -66.96 -4.03 -56.46
C MET B 166 -66.95 -5.01 -57.62
N SER B 167 -66.18 -6.09 -57.49
CA SER B 167 -66.15 -7.15 -58.53
C SER B 167 -67.42 -8.00 -58.55
N ASN B 168 -68.10 -8.16 -57.41
CA ASN B 168 -69.37 -8.94 -57.29
C ASN B 168 -70.69 -8.16 -57.39
N TYR B 169 -70.66 -6.83 -57.28
CA TYR B 169 -71.87 -5.99 -57.43
C TYR B 169 -71.62 -4.79 -58.33
N ASP B 170 -72.60 -4.45 -59.20
CA ASP B 170 -72.71 -3.08 -59.70
C ASP B 170 -73.12 -2.25 -58.50
N VAL B 171 -72.33 -1.23 -58.19
CA VAL B 171 -72.58 -0.42 -57.01
C VAL B 171 -73.47 0.76 -57.38
N PRO B 172 -74.73 0.80 -56.89
CA PRO B 172 -75.52 2.02 -57.10
C PRO B 172 -75.05 3.18 -56.22
N GLU B 173 -75.49 4.40 -56.58
CA GLU B 173 -75.09 5.65 -55.91
C GLU B 173 -75.46 5.68 -54.43
N LYS B 174 -76.63 5.15 -54.08
CA LYS B 174 -77.06 5.01 -52.66
C LYS B 174 -76.06 4.20 -51.79
N TRP B 175 -75.51 3.14 -52.38
CA TRP B 175 -74.49 2.32 -51.70
C TRP B 175 -73.17 3.07 -51.65
N ALA B 176 -72.76 3.66 -52.78
CA ALA B 176 -71.50 4.43 -52.84
C ALA B 176 -71.46 5.55 -51.82
N LYS B 177 -72.57 6.27 -51.72
CA LYS B 177 -72.82 7.25 -50.65
C LYS B 177 -72.54 6.74 -49.23
N PHE B 178 -73.04 5.53 -48.96
CA PHE B 178 -72.86 4.88 -47.66
C PHE B 178 -71.39 4.54 -47.38
N TYR B 179 -70.74 3.82 -48.30
CA TYR B 179 -69.35 3.38 -48.08
C TYR B 179 -68.38 4.55 -48.05
N THR B 180 -68.61 5.54 -48.91
CA THR B 180 -67.79 6.77 -48.94
C THR B 180 -67.90 7.53 -47.62
N ALA B 181 -69.13 7.71 -47.15
CA ALA B 181 -69.37 8.33 -45.82
C ALA B 181 -68.65 7.57 -44.68
N GLU B 182 -68.65 6.24 -44.74
CA GLU B 182 -67.93 5.45 -43.72
C GLU B 182 -66.41 5.61 -43.85
N VAL B 183 -65.91 5.67 -45.08
CA VAL B 183 -64.49 5.99 -45.32
C VAL B 183 -64.14 7.37 -44.73
N VAL B 184 -65.03 8.35 -44.94
CA VAL B 184 -64.79 9.72 -44.45
C VAL B 184 -64.58 9.75 -42.93
N LEU B 185 -65.54 9.17 -42.21
CA LEU B 185 -65.49 9.09 -40.75
C LEU B 185 -64.31 8.30 -40.23
N ALA B 186 -63.99 7.21 -40.95
CA ALA B 186 -62.81 6.42 -40.66
C ALA B 186 -61.54 7.26 -40.72
N LEU B 187 -61.36 7.92 -41.86
CA LEU B 187 -60.19 8.82 -42.03
C LEU B 187 -60.15 10.01 -41.07
N ASP B 188 -61.31 10.60 -40.81
CA ASP B 188 -61.42 11.65 -39.80
C ASP B 188 -60.95 11.20 -38.40
N ALA B 189 -61.30 9.97 -38.04
CA ALA B 189 -60.88 9.38 -36.77
C ALA B 189 -59.35 9.20 -36.70
N ILE B 190 -58.77 8.65 -37.78
CA ILE B 190 -57.31 8.53 -37.98
C ILE B 190 -56.63 9.90 -37.91
N HIS B 191 -57.15 10.85 -38.68
CA HIS B 191 -56.62 12.22 -38.71
C HIS B 191 -56.70 12.92 -37.36
N SER B 192 -57.79 12.70 -36.63
CA SER B 192 -57.93 13.18 -35.25
C SER B 192 -56.94 12.59 -34.23
N MET B 193 -56.40 11.41 -34.52
CA MET B 193 -55.28 10.84 -33.74
C MET B 193 -53.88 11.38 -34.12
N GLY B 194 -53.80 12.22 -35.17
CA GLY B 194 -52.55 12.88 -35.58
C GLY B 194 -51.79 12.11 -36.65
N LEU B 195 -52.48 11.27 -37.41
CA LEU B 195 -51.84 10.25 -38.27
C LEU B 195 -52.42 10.38 -39.66
N ILE B 196 -51.58 10.11 -40.66
CA ILE B 196 -51.99 10.01 -42.08
C ILE B 196 -51.81 8.54 -42.51
N HIS B 197 -52.81 7.97 -43.17
CA HIS B 197 -52.77 6.57 -43.63
C HIS B 197 -51.74 6.36 -44.77
N ARG B 198 -51.81 7.24 -45.77
CA ARG B 198 -50.94 7.21 -46.97
C ARG B 198 -51.15 6.01 -47.94
N ASP B 199 -52.24 5.26 -47.76
CA ASP B 199 -52.48 4.02 -48.54
C ASP B 199 -53.97 3.63 -48.54
N VAL B 200 -54.79 4.66 -48.77
CA VAL B 200 -56.22 4.52 -48.75
C VAL B 200 -56.54 3.93 -50.11
N LYS B 201 -57.04 2.71 -50.12
CA LYS B 201 -57.47 2.02 -51.32
C LYS B 201 -58.45 0.92 -50.92
N PRO B 202 -59.33 0.47 -51.83
CA PRO B 202 -60.35 -0.52 -51.45
C PRO B 202 -59.82 -1.85 -50.87
N ASP B 203 -58.58 -2.23 -51.19
CA ASP B 203 -57.91 -3.42 -50.56
C ASP B 203 -57.80 -3.31 -49.04
N ASN B 204 -57.60 -2.08 -48.56
CA ASN B 204 -57.45 -1.76 -47.13
C ASN B 204 -58.72 -1.27 -46.42
N MET B 205 -59.87 -1.40 -47.09
CA MET B 205 -61.19 -1.15 -46.52
C MET B 205 -61.87 -2.51 -46.36
N LEU B 206 -62.12 -2.88 -45.11
CA LEU B 206 -62.66 -4.21 -44.80
C LEU B 206 -64.05 -4.10 -44.19
N LEU B 207 -64.86 -5.11 -44.46
CA LEU B 207 -66.21 -5.20 -43.98
C LEU B 207 -66.28 -6.23 -42.82
N ASP B 208 -66.89 -5.81 -41.73
CA ASP B 208 -67.14 -6.66 -40.55
C ASP B 208 -68.32 -7.59 -40.82
N LYS B 209 -68.66 -8.42 -39.83
CA LYS B 209 -69.81 -9.34 -39.92
C LYS B 209 -71.15 -8.68 -40.32
N HIS B 210 -71.31 -7.39 -40.01
CA HIS B 210 -72.48 -6.59 -40.30
C HIS B 210 -72.49 -5.80 -41.64
N GLY B 211 -71.41 -5.91 -42.43
CA GLY B 211 -71.26 -5.13 -43.65
C GLY B 211 -70.87 -3.66 -43.45
N HIS B 212 -70.33 -3.33 -42.26
CA HIS B 212 -69.81 -1.99 -41.96
C HIS B 212 -68.30 -1.97 -42.06
N LEU B 213 -67.80 -0.81 -42.44
CA LEU B 213 -66.43 -0.64 -42.89
C LEU B 213 -65.50 -0.40 -41.71
N LYS B 214 -64.28 -0.90 -41.83
CA LYS B 214 -63.13 -0.44 -41.05
C LYS B 214 -61.89 -0.37 -41.94
N LEU B 215 -61.00 0.57 -41.63
CA LEU B 215 -59.69 0.65 -42.29
C LEU B 215 -58.69 -0.33 -41.69
N ALA B 216 -57.71 -0.70 -42.51
CA ALA B 216 -56.66 -1.68 -42.17
C ALA B 216 -55.35 -1.34 -42.91
N ASP B 217 -54.31 -2.14 -42.67
CA ASP B 217 -52.96 -1.91 -43.15
C ASP B 217 -52.45 -0.51 -42.80
N PHE B 218 -52.17 -0.35 -41.50
CA PHE B 218 -51.61 0.89 -40.98
C PHE B 218 -50.06 0.83 -40.94
N GLY B 219 -49.45 0.04 -41.84
CA GLY B 219 -48.02 -0.04 -41.99
C GLY B 219 -47.29 1.05 -42.77
N THR B 220 -48.04 2.00 -43.33
CA THR B 220 -47.48 3.16 -44.03
C THR B 220 -47.86 4.47 -43.32
N CYS B 221 -48.30 4.41 -42.05
CA CYS B 221 -48.66 5.61 -41.29
C CYS B 221 -47.43 6.40 -40.88
N MET B 222 -47.47 7.71 -41.10
CA MET B 222 -46.52 8.67 -40.51
C MET B 222 -47.29 9.58 -39.55
N LYS B 223 -46.63 9.97 -38.45
CA LYS B 223 -47.22 10.86 -37.43
C LYS B 223 -47.06 12.31 -37.92
N MET B 224 -48.17 13.05 -37.99
CA MET B 224 -48.14 14.50 -38.33
C MET B 224 -47.51 15.34 -37.20
N ASP B 225 -46.86 16.44 -37.60
CA ASP B 225 -46.35 17.47 -36.69
C ASP B 225 -46.97 18.84 -37.04
N THR B 238 -48.94 0.34 -55.24
CA THR B 238 -49.64 0.47 -56.53
C THR B 238 -50.15 1.92 -56.80
N PRO B 239 -50.00 2.40 -58.06
CA PRO B 239 -50.13 3.82 -58.36
C PRO B 239 -51.54 4.40 -58.55
N ASP B 240 -52.55 3.55 -58.79
CA ASP B 240 -53.93 4.01 -59.10
C ASP B 240 -54.50 5.03 -58.09
N TYR B 241 -54.18 4.82 -56.81
CA TYR B 241 -54.69 5.64 -55.69
C TYR B 241 -53.71 6.72 -55.14
N ILE B 242 -52.52 6.85 -55.74
CA ILE B 242 -51.50 7.77 -55.24
C ILE B 242 -51.78 9.19 -55.76
N SER B 243 -51.64 10.17 -54.87
CA SER B 243 -51.91 11.58 -55.17
C SER B 243 -50.70 12.18 -55.87
N PRO B 244 -50.90 13.27 -56.66
CA PRO B 244 -49.78 13.84 -57.44
C PRO B 244 -48.67 14.49 -56.61
N GLU B 245 -49.03 15.12 -55.49
CA GLU B 245 -48.05 15.66 -54.53
C GLU B 245 -47.11 14.58 -53.97
N VAL B 246 -47.64 13.36 -53.72
CA VAL B 246 -46.82 12.22 -53.28
C VAL B 246 -45.81 11.79 -54.35
N LEU B 247 -46.22 11.83 -55.63
CA LEU B 247 -45.31 11.50 -56.75
C LEU B 247 -44.15 12.51 -56.93
N LYS B 248 -44.44 13.81 -56.84
CA LYS B 248 -43.40 14.87 -56.97
C LYS B 248 -42.41 14.93 -55.79
N SER B 249 -42.89 14.65 -54.56
CA SER B 249 -42.05 14.59 -53.35
C SER B 249 -40.94 13.53 -53.39
N GLN B 250 -41.22 12.39 -54.02
CA GLN B 250 -40.20 11.40 -54.36
C GLN B 250 -39.66 11.81 -55.68
N PHE B 255 -42.62 17.09 -48.96
CA PHE B 255 -43.48 16.99 -47.78
C PHE B 255 -44.95 17.22 -48.14
N TYR B 256 -45.83 16.67 -47.30
CA TYR B 256 -47.30 16.63 -47.56
C TYR B 256 -48.08 16.26 -46.28
N GLY B 257 -49.41 16.47 -46.30
CA GLY B 257 -50.31 16.30 -45.16
C GLY B 257 -51.55 15.44 -45.44
N ARG B 258 -52.61 15.66 -44.66
CA ARG B 258 -53.77 14.75 -44.61
C ARG B 258 -54.58 14.66 -45.90
N GLU B 259 -54.58 15.76 -46.66
CA GLU B 259 -55.23 15.83 -47.98
C GLU B 259 -54.84 14.74 -48.99
N CYS B 260 -53.64 14.16 -48.89
CA CYS B 260 -53.28 12.98 -49.72
C CYS B 260 -54.18 11.74 -49.52
N ASP B 261 -54.69 11.55 -48.30
CA ASP B 261 -55.72 10.53 -48.07
C ASP B 261 -57.04 10.88 -48.77
N TRP B 262 -57.43 12.16 -48.71
CA TRP B 262 -58.68 12.63 -49.30
C TRP B 262 -58.73 12.53 -50.83
N TRP B 263 -57.57 12.64 -51.49
CA TRP B 263 -57.44 12.34 -52.92
C TRP B 263 -58.01 10.97 -53.22
N SER B 264 -57.49 10.00 -52.49
CA SER B 264 -57.79 8.58 -52.66
C SER B 264 -59.27 8.27 -52.47
N VAL B 265 -59.94 9.03 -51.59
CA VAL B 265 -61.41 8.93 -51.44
C VAL B 265 -62.13 9.33 -52.75
N GLY B 266 -61.65 10.40 -53.39
CA GLY B 266 -62.12 10.78 -54.72
C GLY B 266 -61.96 9.66 -55.73
N VAL B 267 -60.77 9.04 -55.73
CA VAL B 267 -60.47 7.91 -56.63
C VAL B 267 -61.40 6.72 -56.35
N PHE B 268 -61.57 6.42 -55.06
CA PHE B 268 -62.46 5.36 -54.60
C PHE B 268 -63.89 5.50 -55.13
N LEU B 269 -64.44 6.69 -54.94
CA LEU B 269 -65.83 7.01 -55.38
C LEU B 269 -66.01 6.94 -56.89
N TYR B 270 -65.00 7.39 -57.64
CA TYR B 270 -65.01 7.23 -59.09
C TYR B 270 -65.02 5.75 -59.45
N GLU B 271 -64.14 4.95 -58.80
CA GLU B 271 -64.07 3.52 -59.13
C GLU B 271 -65.38 2.79 -58.89
N MET B 272 -66.01 3.06 -57.75
CA MET B 272 -67.29 2.40 -57.43
C MET B 272 -68.42 2.74 -58.40
N LEU B 273 -68.52 4.02 -58.78
CA LEU B 273 -69.64 4.51 -59.60
C LEU B 273 -69.47 4.29 -61.11
N VAL B 274 -68.22 4.28 -61.58
CA VAL B 274 -67.88 4.07 -62.99
C VAL B 274 -67.61 2.59 -63.29
N GLY B 275 -66.87 1.91 -62.41
CA GLY B 275 -66.37 0.55 -62.65
C GLY B 275 -64.95 0.48 -63.19
N ASP B 276 -64.31 1.63 -63.40
CA ASP B 276 -62.91 1.74 -63.77
C ASP B 276 -62.25 2.79 -62.89
N THR B 277 -60.92 2.70 -62.79
CA THR B 277 -60.12 3.73 -62.13
C THR B 277 -60.06 5.01 -63.01
N PRO B 278 -60.15 6.23 -62.40
CA PRO B 278 -60.15 7.49 -63.19
C PRO B 278 -58.92 7.75 -64.05
N PHE B 279 -57.75 7.26 -63.61
CA PHE B 279 -56.50 7.39 -64.35
C PHE B 279 -55.92 6.02 -64.74
N TYR B 280 -56.77 5.10 -65.20
CA TYR B 280 -56.34 3.78 -65.70
C TYR B 280 -55.42 3.92 -66.93
N ALA B 281 -54.38 3.07 -67.00
CA ALA B 281 -53.41 3.05 -68.13
C ALA B 281 -52.71 1.69 -68.24
N ASP B 282 -52.06 1.46 -69.39
CA ASP B 282 -51.45 0.15 -69.71
C ASP B 282 -50.20 -0.08 -68.89
N SER B 283 -49.28 0.90 -68.92
CA SER B 283 -48.06 0.91 -68.09
C SER B 283 -48.29 1.67 -66.78
N LEU B 284 -47.29 1.58 -65.89
CA LEU B 284 -47.20 2.46 -64.70
C LEU B 284 -46.92 3.91 -65.09
N VAL B 285 -45.95 4.10 -65.99
CA VAL B 285 -45.58 5.45 -66.49
C VAL B 285 -46.77 6.22 -67.11
N GLY B 286 -47.69 5.51 -67.77
CA GLY B 286 -48.93 6.09 -68.27
C GLY B 286 -49.81 6.60 -67.16
N THR B 287 -50.00 5.76 -66.13
CA THR B 287 -50.81 6.10 -64.95
C THR B 287 -50.27 7.32 -64.23
N TYR B 288 -48.97 7.30 -63.94
CA TYR B 288 -48.27 8.42 -63.31
C TYR B 288 -48.47 9.73 -64.09
N SER B 289 -48.30 9.66 -65.41
CA SER B 289 -48.50 10.82 -66.29
C SER B 289 -49.94 11.34 -66.31
N LYS B 290 -50.92 10.42 -66.33
CA LYS B 290 -52.35 10.81 -66.24
C LYS B 290 -52.70 11.47 -64.91
N ILE B 291 -52.16 10.93 -63.81
CA ILE B 291 -52.37 11.51 -62.46
C ILE B 291 -51.84 12.94 -62.38
N MET B 292 -50.62 13.17 -62.87
CA MET B 292 -50.04 14.52 -62.91
C MET B 292 -50.84 15.50 -63.77
N ASP B 293 -51.45 14.97 -64.84
CA ASP B 293 -52.35 15.72 -65.73
C ASP B 293 -53.86 15.56 -65.35
N HIS B 294 -54.15 15.44 -64.06
CA HIS B 294 -55.54 15.29 -63.55
C HIS B 294 -56.53 16.42 -63.89
N LYS B 295 -56.01 17.65 -64.09
CA LYS B 295 -56.85 18.79 -64.51
C LYS B 295 -57.52 18.53 -65.88
N ASN B 296 -56.78 17.90 -66.79
CA ASN B 296 -57.30 17.49 -68.11
C ASN B 296 -57.79 16.05 -68.15
N SER B 297 -57.00 15.11 -67.63
CA SER B 297 -57.23 13.66 -67.80
C SER B 297 -58.43 13.07 -67.07
N LEU B 298 -58.94 13.75 -66.05
CA LEU B 298 -60.17 13.31 -65.36
C LEU B 298 -61.36 13.57 -66.28
N CYS B 299 -62.12 12.52 -66.56
CA CYS B 299 -63.18 12.57 -67.56
C CYS B 299 -64.19 11.45 -67.32
N PHE B 300 -65.44 11.84 -67.06
CA PHE B 300 -66.53 10.89 -66.80
C PHE B 300 -67.06 10.34 -68.14
N PRO B 301 -66.99 9.00 -68.37
CA PRO B 301 -67.43 8.49 -69.67
C PRO B 301 -68.94 8.63 -69.85
N GLU B 302 -69.33 9.02 -71.05
CA GLU B 302 -70.69 9.52 -71.31
C GLU B 302 -71.82 8.50 -71.08
N ASP B 303 -71.52 7.20 -71.17
CA ASP B 303 -72.51 6.12 -70.86
C ASP B 303 -72.68 5.78 -69.39
N ALA B 304 -71.71 6.15 -68.53
CA ALA B 304 -71.88 5.96 -67.06
C ALA B 304 -72.77 7.08 -66.54
N GLU B 305 -73.88 6.69 -65.93
CA GLU B 305 -74.87 7.66 -65.44
C GLU B 305 -74.47 8.04 -64.03
N ILE B 306 -73.74 9.13 -63.92
CA ILE B 306 -73.33 9.72 -62.63
C ILE B 306 -74.17 10.99 -62.36
N SER B 307 -74.52 11.26 -61.09
CA SER B 307 -75.21 12.50 -60.71
C SER B 307 -74.28 13.73 -60.71
N LYS B 308 -74.89 14.91 -60.80
CA LYS B 308 -74.17 16.19 -60.72
C LYS B 308 -73.41 16.32 -59.39
N HIS B 309 -74.05 15.95 -58.28
CA HIS B 309 -73.43 15.99 -56.95
C HIS B 309 -72.25 15.01 -56.80
N ALA B 310 -72.40 13.79 -57.35
CA ALA B 310 -71.30 12.81 -57.36
C ALA B 310 -70.10 13.25 -58.18
N LYS B 311 -70.36 13.85 -59.35
CA LYS B 311 -69.30 14.51 -60.13
C LYS B 311 -68.64 15.66 -59.33
N ASN B 312 -69.47 16.48 -58.70
CA ASN B 312 -69.00 17.62 -57.90
C ASN B 312 -68.09 17.18 -56.75
N LEU B 313 -68.47 16.09 -56.07
CA LEU B 313 -67.66 15.57 -54.97
C LEU B 313 -66.35 14.95 -55.45
N ILE B 314 -66.41 14.14 -56.50
CA ILE B 314 -65.20 13.55 -57.08
C ILE B 314 -64.26 14.67 -57.51
N CYS B 315 -64.79 15.63 -58.27
CA CYS B 315 -64.00 16.79 -58.72
C CYS B 315 -63.40 17.64 -57.58
N ALA B 316 -64.11 17.75 -56.46
CA ALA B 316 -63.60 18.49 -55.29
C ALA B 316 -62.40 17.81 -54.59
N PHE B 317 -62.37 16.48 -54.59
CA PHE B 317 -61.19 15.72 -54.08
C PHE B 317 -60.04 15.64 -55.06
N LEU B 318 -60.35 15.50 -56.35
CA LEU B 318 -59.32 15.31 -57.37
C LEU B 318 -58.83 16.65 -57.93
N THR B 319 -58.22 17.47 -57.05
CA THR B 319 -57.62 18.77 -57.40
C THR B 319 -56.18 18.83 -56.88
N ASP B 320 -55.51 19.94 -57.19
CA ASP B 320 -54.26 20.32 -56.55
C ASP B 320 -54.46 20.38 -55.03
N ARG B 321 -53.40 19.98 -54.30
CA ARG B 321 -53.40 19.92 -52.83
C ARG B 321 -53.95 21.16 -52.11
N GLU B 322 -53.60 22.36 -52.61
CA GLU B 322 -53.88 23.62 -51.91
C GLU B 322 -55.36 24.00 -51.83
N VAL B 323 -56.15 23.58 -52.83
CA VAL B 323 -57.60 23.85 -52.87
C VAL B 323 -58.45 22.58 -52.62
N ARG B 324 -57.81 21.48 -52.16
CA ARG B 324 -58.48 20.19 -52.03
C ARG B 324 -59.42 20.10 -50.85
N LEU B 325 -60.53 19.41 -51.08
CA LEU B 325 -61.59 19.25 -50.09
C LEU B 325 -61.07 18.28 -49.02
N GLY B 326 -61.23 18.67 -47.77
CA GLY B 326 -60.53 18.04 -46.63
C GLY B 326 -59.28 18.74 -46.12
N ARG B 327 -58.84 19.81 -46.77
CA ARG B 327 -57.82 20.72 -46.21
C ARG B 327 -58.33 21.40 -44.94
N ASN B 328 -59.51 22.03 -45.03
CA ASN B 328 -60.15 22.73 -43.92
C ASN B 328 -61.01 21.77 -43.07
N GLY B 329 -60.40 20.67 -42.62
CA GLY B 329 -61.10 19.64 -41.85
C GLY B 329 -62.13 18.79 -42.59
N VAL B 330 -62.81 17.95 -41.82
CA VAL B 330 -63.92 17.11 -42.31
C VAL B 330 -65.25 17.87 -42.61
N GLU B 331 -65.44 19.09 -42.08
CA GLU B 331 -66.79 19.72 -42.02
C GLU B 331 -67.38 20.05 -43.40
N GLU B 332 -66.53 20.58 -44.29
CA GLU B 332 -66.94 20.85 -45.68
C GLU B 332 -67.31 19.57 -46.45
N ILE B 333 -66.67 18.44 -46.11
CA ILE B 333 -67.03 17.12 -46.67
C ILE B 333 -68.42 16.70 -46.18
N ARG B 334 -68.67 16.83 -44.88
CA ARG B 334 -69.95 16.38 -44.28
C ARG B 334 -71.17 17.11 -44.83
N GLN B 335 -71.05 18.43 -45.01
CA GLN B 335 -72.15 19.25 -45.56
C GLN B 335 -72.37 19.15 -47.10
N HIS B 336 -71.53 18.40 -47.81
CA HIS B 336 -71.67 18.26 -49.29
C HIS B 336 -73.00 17.57 -49.65
N PRO B 337 -73.79 18.15 -50.61
CA PRO B 337 -75.16 17.66 -50.86
C PRO B 337 -75.31 16.21 -51.37
N PHE B 338 -74.31 15.72 -52.07
CA PHE B 338 -74.12 14.28 -52.31
C PHE B 338 -74.53 13.34 -51.17
N PHE B 339 -74.10 13.68 -49.95
CA PHE B 339 -74.41 12.85 -48.77
C PHE B 339 -75.84 12.96 -48.21
N LYS B 340 -76.68 13.87 -48.72
CA LYS B 340 -78.10 13.98 -48.30
C LYS B 340 -78.84 12.68 -48.65
N ASN B 341 -79.54 12.09 -47.68
CA ASN B 341 -80.28 10.83 -47.90
C ASN B 341 -81.35 10.55 -46.84
N ASP B 342 -82.25 9.61 -47.16
CA ASP B 342 -83.33 9.18 -46.25
C ASP B 342 -82.95 8.04 -45.27
N GLN B 343 -81.82 7.36 -45.48
CA GLN B 343 -81.46 6.14 -44.72
C GLN B 343 -80.64 6.36 -43.42
N TRP B 344 -79.80 7.40 -43.37
CA TRP B 344 -78.83 7.59 -42.24
C TRP B 344 -78.33 9.03 -42.10
N HIS B 345 -77.95 9.41 -40.89
CA HIS B 345 -77.21 10.64 -40.57
C HIS B 345 -75.76 10.30 -40.20
N TRP B 346 -74.91 11.32 -40.15
CA TRP B 346 -73.47 11.15 -39.81
C TRP B 346 -73.23 10.59 -38.43
N ASP B 347 -74.03 11.05 -37.47
CA ASP B 347 -73.99 10.55 -36.09
C ASP B 347 -74.42 9.08 -35.87
N ASN B 348 -75.17 8.48 -36.80
CA ASN B 348 -75.70 7.10 -36.66
C ASN B 348 -75.46 6.13 -37.84
N ILE B 349 -74.69 6.53 -38.84
CA ILE B 349 -74.43 5.70 -40.02
C ILE B 349 -74.03 4.27 -39.67
N ARG B 350 -73.13 4.10 -38.70
CA ARG B 350 -72.61 2.77 -38.35
C ARG B 350 -73.60 1.85 -37.62
N GLU B 351 -74.68 2.45 -37.11
CA GLU B 351 -75.85 1.83 -36.52
C GLU B 351 -77.04 1.61 -37.53
N THR B 352 -76.85 1.86 -38.82
CA THR B 352 -77.89 1.66 -39.85
C THR B 352 -77.56 0.42 -40.66
N ALA B 353 -78.56 -0.04 -41.40
CA ALA B 353 -78.46 -1.30 -42.16
C ALA B 353 -77.51 -1.17 -43.31
N ALA B 354 -76.43 -1.95 -43.29
CA ALA B 354 -75.45 -1.93 -44.39
C ALA B 354 -76.07 -2.39 -45.72
N PRO B 355 -75.58 -1.87 -46.86
CA PRO B 355 -76.10 -2.31 -48.16
C PRO B 355 -75.98 -3.80 -48.44
N VAL B 356 -74.81 -4.37 -48.17
CA VAL B 356 -74.50 -5.79 -48.37
C VAL B 356 -74.20 -6.37 -47.00
N VAL B 357 -75.14 -7.16 -46.51
CA VAL B 357 -75.02 -7.89 -45.27
C VAL B 357 -74.35 -9.24 -45.60
N PRO B 358 -73.10 -9.50 -45.09
CA PRO B 358 -72.41 -10.77 -45.39
C PRO B 358 -73.21 -12.01 -45.04
N GLU B 359 -73.17 -12.99 -45.95
CA GLU B 359 -73.90 -14.27 -45.77
C GLU B 359 -72.84 -15.32 -45.46
N LEU B 360 -72.62 -15.57 -44.17
CA LEU B 360 -71.49 -16.34 -43.69
C LEU B 360 -71.97 -17.67 -43.15
N SER B 361 -71.26 -18.73 -43.52
CA SER B 361 -71.61 -20.13 -43.17
C SER B 361 -71.02 -20.61 -41.84
N SER B 362 -70.02 -19.88 -41.31
CA SER B 362 -69.36 -20.22 -40.03
C SER B 362 -68.43 -19.08 -39.58
N ASP B 363 -67.82 -19.21 -38.39
CA ASP B 363 -66.84 -18.25 -37.91
C ASP B 363 -65.47 -18.21 -38.62
N ILE B 364 -65.19 -19.19 -39.47
CA ILE B 364 -64.00 -19.25 -40.34
C ILE B 364 -64.29 -19.16 -41.83
N ASP B 365 -65.54 -18.79 -42.19
CA ASP B 365 -65.92 -18.51 -43.57
C ASP B 365 -65.04 -17.34 -44.06
N SER B 366 -64.15 -17.68 -45.01
CA SER B 366 -63.33 -16.70 -45.73
C SER B 366 -63.67 -16.65 -47.22
N SER B 367 -64.94 -16.87 -47.56
CA SER B 367 -65.39 -16.91 -48.95
C SER B 367 -65.40 -15.53 -49.63
N ASN B 368 -65.40 -14.44 -48.85
CA ASN B 368 -65.23 -13.07 -49.37
C ASN B 368 -63.74 -12.65 -49.55
N PHE B 369 -62.80 -13.60 -49.46
CA PHE B 369 -61.39 -13.40 -49.75
C PHE B 369 -60.86 -14.39 -50.77
N ASP B 370 -60.00 -13.89 -51.66
CA ASP B 370 -59.40 -14.71 -52.69
C ASP B 370 -58.35 -15.64 -52.11
N ASP B 371 -58.21 -16.82 -52.70
CA ASP B 371 -57.18 -17.79 -52.31
C ASP B 371 -55.79 -17.29 -52.67
N ILE B 372 -54.77 -17.81 -51.97
CA ILE B 372 -53.38 -17.28 -52.05
C ILE B 372 -52.37 -18.43 -52.15
N GLU B 373 -51.36 -18.24 -53.00
CA GLU B 373 -50.29 -19.24 -53.27
C GLU B 373 -48.98 -18.91 -52.50
N ASP B 378 -47.97 -19.80 -52.55
CA ASP B 378 -46.62 -19.56 -51.93
C ASP B 378 -45.45 -19.80 -52.88
N GLU B 380 -36.24 -17.19 -44.94
CA GLU B 380 -34.84 -17.14 -44.50
C GLU B 380 -34.58 -16.31 -43.20
N THR B 381 -33.51 -16.63 -42.48
CA THR B 381 -33.24 -16.12 -41.12
C THR B 381 -31.90 -15.37 -41.05
N PHE B 382 -31.63 -14.80 -39.87
CA PHE B 382 -30.32 -14.20 -39.58
C PHE B 382 -29.26 -15.31 -39.51
N PRO B 383 -28.00 -15.01 -39.92
CA PRO B 383 -26.92 -15.96 -39.67
C PRO B 383 -26.56 -16.02 -38.18
N ILE B 384 -25.98 -17.14 -37.73
CA ILE B 384 -25.43 -17.27 -36.39
C ILE B 384 -24.24 -16.32 -36.36
N PRO B 385 -24.33 -15.22 -35.55
CA PRO B 385 -23.27 -14.22 -35.58
C PRO B 385 -22.03 -14.67 -34.79
N LYS B 386 -20.87 -14.10 -35.18
CA LYS B 386 -19.60 -14.34 -34.50
C LYS B 386 -19.49 -13.49 -33.22
N ALA B 387 -20.03 -12.26 -33.24
CA ALA B 387 -20.11 -11.35 -32.06
C ALA B 387 -21.47 -10.65 -32.00
N PHE B 388 -21.71 -9.90 -30.91
CA PHE B 388 -22.98 -9.22 -30.67
C PHE B 388 -23.39 -8.27 -31.81
N VAL B 389 -24.59 -8.51 -32.36
CA VAL B 389 -25.23 -7.63 -33.37
C VAL B 389 -26.53 -6.98 -32.92
N GLY B 390 -27.26 -7.59 -31.98
CA GLY B 390 -28.47 -7.01 -31.45
C GLY B 390 -29.65 -6.98 -32.41
N ASN B 391 -29.83 -8.06 -33.19
CA ASN B 391 -30.97 -8.15 -34.12
C ASN B 391 -32.36 -8.11 -33.51
N GLN B 392 -32.50 -8.52 -32.24
CA GLN B 392 -33.78 -8.43 -31.50
C GLN B 392 -34.06 -7.07 -30.86
N LEU B 393 -33.05 -6.18 -30.77
CA LEU B 393 -33.19 -4.88 -30.09
C LEU B 393 -34.22 -3.90 -30.67
N PRO B 394 -34.37 -3.85 -32.00
CA PRO B 394 -35.42 -2.98 -32.58
C PRO B 394 -36.87 -3.35 -32.24
N PHE B 395 -37.08 -4.57 -31.72
CA PHE B 395 -38.42 -5.10 -31.37
C PHE B 395 -38.73 -5.16 -29.88
N ILE B 396 -37.82 -4.68 -29.03
CA ILE B 396 -38.09 -4.54 -27.59
C ILE B 396 -39.20 -3.50 -27.43
N GLY B 397 -40.30 -3.92 -26.80
CA GLY B 397 -41.47 -3.09 -26.56
C GLY B 397 -42.66 -3.50 -27.39
N PHE B 398 -42.48 -4.44 -28.34
CA PHE B 398 -43.57 -4.81 -29.24
C PHE B 398 -44.71 -5.51 -28.52
N THR B 399 -44.38 -6.37 -27.55
CA THR B 399 -45.39 -7.12 -26.82
C THR B 399 -46.44 -6.21 -26.18
N TYR B 400 -47.70 -6.54 -26.37
CA TYR B 400 -48.86 -5.86 -25.79
C TYR B 400 -49.92 -6.94 -25.52
N TYR B 401 -50.39 -7.02 -24.27
CA TYR B 401 -51.43 -7.95 -23.84
CA TYR B 401 -51.41 -7.96 -23.82
C TYR B 401 -52.58 -7.11 -23.32
N ARG B 402 -53.77 -7.28 -23.93
CA ARG B 402 -55.02 -6.64 -23.45
C ARG B 402 -55.51 -7.29 -22.14
N ALA C 9 55.21 -2.48 24.12
CA ALA C 9 55.47 -2.49 22.63
C ALA C 9 54.69 -3.59 21.89
N SER C 10 54.70 -4.81 22.43
CA SER C 10 53.92 -5.93 21.88
C SER C 10 52.40 -5.76 22.06
N ARG C 11 52.01 -5.25 23.22
CA ARG C 11 50.62 -4.84 23.44
C ARG C 11 50.12 -3.72 22.50
N GLN C 12 51.00 -2.78 22.18
CA GLN C 12 50.68 -1.74 21.18
C GLN C 12 50.68 -2.30 19.76
N ARG C 13 51.59 -3.24 19.46
CA ARG C 13 51.60 -3.97 18.17
C ARG C 13 50.29 -4.73 17.92
N LYS C 14 49.87 -5.51 18.92
CA LYS C 14 48.58 -6.25 18.91
C LYS C 14 47.38 -5.34 18.69
N LEU C 15 47.35 -4.22 19.43
CA LEU C 15 46.24 -3.25 19.34
C LEU C 15 46.11 -2.60 17.95
N GLU C 16 47.25 -2.22 17.37
CA GLU C 16 47.35 -1.70 16.01
C GLU C 16 46.87 -2.71 14.96
N ALA C 17 47.20 -3.99 15.16
CA ALA C 17 46.78 -5.08 14.27
C ALA C 17 45.26 -5.30 14.20
N LEU C 18 44.60 -5.17 15.34
CA LEU C 18 43.13 -5.23 15.39
C LEU C 18 42.50 -4.10 14.59
N ILE C 19 43.05 -2.89 14.71
CA ILE C 19 42.55 -1.71 14.01
C ILE C 19 42.80 -1.74 12.49
N ARG C 20 43.93 -2.32 12.06
CA ARG C 20 44.20 -2.49 10.60
C ARG C 20 43.28 -3.52 9.90
N ASP C 21 42.80 -4.52 10.63
CA ASP C 21 41.97 -5.62 10.07
C ASP C 21 40.64 -5.08 9.54
N PRO C 22 40.31 -5.26 8.23
CA PRO C 22 39.00 -4.79 7.71
C PRO C 22 37.76 -5.53 8.24
N ARG C 23 37.94 -6.74 8.76
CA ARG C 23 36.88 -7.49 9.46
C ARG C 23 36.59 -7.03 10.90
N SER C 24 37.43 -6.14 11.47
CA SER C 24 37.41 -5.84 12.89
C SER C 24 36.26 -4.93 13.28
N PRO C 25 35.62 -5.20 14.43
CA PRO C 25 34.65 -4.23 14.98
C PRO C 25 35.23 -2.87 15.40
N ILE C 26 36.54 -2.81 15.65
CA ILE C 26 37.24 -1.59 15.98
C ILE C 26 38.25 -1.15 14.91
N ASN C 27 37.97 -1.42 13.62
CA ASN C 27 38.68 -0.70 12.53
C ASN C 27 38.33 0.80 12.51
N VAL C 28 39.05 1.58 11.70
CA VAL C 28 38.94 3.05 11.68
C VAL C 28 37.53 3.50 11.32
N GLU C 29 36.96 2.89 10.28
CA GLU C 29 35.58 3.19 9.86
C GLU C 29 34.58 2.94 10.97
N SER C 30 34.73 1.83 11.66
CA SER C 30 33.86 1.52 12.82
C SER C 30 34.04 2.50 13.96
N LEU C 31 35.30 2.87 14.22
CA LEU C 31 35.58 3.88 15.21
C LEU C 31 34.98 5.25 14.86
N LEU C 32 35.10 5.67 13.59
CA LEU C 32 34.42 6.89 13.12
C LEU C 32 32.91 6.81 13.18
N ASP C 33 32.32 5.65 12.86
CA ASP C 33 30.89 5.44 13.09
C ASP C 33 30.54 5.67 14.55
N GLY C 34 31.36 5.07 15.43
CA GLY C 34 31.27 5.27 16.90
C GLY C 34 31.13 6.73 17.29
N LEU C 35 32.02 7.56 16.75
CA LEU C 35 32.02 9.01 17.03
C LEU C 35 30.82 9.71 16.41
N ASN C 36 30.55 9.45 15.12
CA ASN C 36 29.42 10.10 14.40
C ASN C 36 28.08 9.76 15.02
N SER C 37 27.87 8.48 15.25
CA SER C 37 26.62 7.97 15.83
C SER C 37 26.38 8.52 17.25
N LEU C 38 27.48 8.62 18.02
CA LEU C 38 27.41 9.23 19.35
C LEU C 38 26.96 10.67 19.27
N VAL C 39 27.58 11.45 18.39
CA VAL C 39 27.24 12.85 18.17
C VAL C 39 25.80 13.04 17.70
N LEU C 40 25.33 12.20 16.77
CA LEU C 40 23.93 12.20 16.33
C LEU C 40 22.96 11.93 17.46
N ASP C 41 23.23 10.88 18.24
CA ASP C 41 22.39 10.50 19.39
C ASP C 41 22.39 11.51 20.55
N LEU C 42 23.43 12.34 20.67
CA LEU C 42 23.53 13.37 21.73
C LEU C 42 23.09 14.80 21.32
N ASP C 43 23.21 15.16 20.03
CA ASP C 43 23.05 16.58 19.59
C ASP C 43 21.58 16.93 19.43
N PHE C 44 20.93 17.17 20.59
CA PHE C 44 19.53 17.56 20.68
C PHE C 44 19.41 18.53 21.85
N PRO C 45 18.77 19.70 21.65
CA PRO C 45 18.81 20.79 22.66
C PRO C 45 18.44 20.38 24.10
N ALA C 46 17.52 19.41 24.23
CA ALA C 46 17.12 18.86 25.55
C ALA C 46 18.27 18.16 26.27
N LEU C 47 18.92 17.26 25.55
CA LEU C 47 20.06 16.47 26.12
C LEU C 47 21.30 17.34 26.40
N ARG C 48 21.48 18.37 25.57
CA ARG C 48 22.51 19.41 25.76
C ARG C 48 22.37 20.31 27.01
N LYS C 49 21.26 20.20 27.77
CA LYS C 49 21.17 20.77 29.13
C LYS C 49 22.20 20.14 30.11
N ASN C 50 22.65 18.91 29.82
CA ASN C 50 23.79 18.28 30.47
C ASN C 50 25.10 18.88 29.94
N LYS C 51 25.88 19.49 30.83
CA LYS C 51 27.17 20.13 30.50
C LYS C 51 28.20 19.16 29.89
N ASN C 52 28.26 17.93 30.42
CA ASN C 52 29.08 16.85 29.86
C ASN C 52 28.85 16.66 28.36
N ILE C 53 27.58 16.55 27.99
CA ILE C 53 27.16 16.42 26.59
C ILE C 53 27.43 17.71 25.82
N ASP C 54 27.05 18.87 26.39
CA ASP C 54 27.21 20.14 25.68
C ASP C 54 28.68 20.41 25.31
N ASN C 55 29.55 20.29 26.30
CA ASN C 55 30.99 20.55 26.12
C ASN C 55 31.66 19.60 25.16
N PHE C 56 31.34 18.31 25.29
CA PHE C 56 31.81 17.29 24.35
C PHE C 56 31.41 17.60 22.90
N LEU C 57 30.14 17.94 22.68
CA LEU C 57 29.65 18.37 21.36
C LEU C 57 30.36 19.60 20.82
N ASN C 58 30.61 20.59 21.68
CA ASN C 58 31.37 21.79 21.28
C ASN C 58 32.80 21.43 20.83
N ARG C 59 33.47 20.56 21.58
CA ARG C 59 34.80 20.02 21.19
C ARG C 59 34.83 19.29 19.84
N TYR C 60 33.81 18.49 19.56
CA TYR C 60 33.74 17.70 18.32
C TYR C 60 32.77 18.25 17.25
N GLU C 61 32.29 19.49 17.36
CA GLU C 61 31.40 20.09 16.33
C GLU C 61 32.14 20.22 15.00
N LYS C 62 33.24 20.98 15.01
CA LYS C 62 34.03 21.27 13.82
C LYS C 62 34.47 20.01 13.08
N ILE C 63 35.21 19.17 13.79
CA ILE C 63 35.85 18.00 13.23
C ILE C 63 34.83 16.96 12.67
N VAL C 64 33.68 16.81 13.32
CA VAL C 64 32.59 15.96 12.80
C VAL C 64 31.99 16.50 11.50
N LYS C 65 31.72 17.80 11.46
CA LYS C 65 31.29 18.48 10.23
C LYS C 65 32.32 18.25 9.10
N LYS C 66 33.61 18.39 9.45
CA LYS C 66 34.69 18.11 8.50
C LYS C 66 34.73 16.63 8.02
N ILE C 67 34.55 15.67 8.94
CA ILE C 67 34.46 14.23 8.59
C ILE C 67 33.26 13.94 7.67
N ARG C 68 32.10 14.48 8.04
CA ARG C 68 30.84 14.32 7.27
C ARG C 68 30.97 14.77 5.81
N GLY C 69 31.64 15.90 5.60
CA GLY C 69 31.97 16.39 4.26
C GLY C 69 32.85 15.43 3.46
N LEU C 70 33.88 14.92 4.10
CA LEU C 70 34.87 14.02 3.46
C LEU C 70 34.34 12.63 3.21
N GLN C 71 33.62 12.07 4.18
CA GLN C 71 33.10 10.72 4.08
C GLN C 71 32.07 10.56 2.97
N MET C 72 31.96 9.32 2.49
CA MET C 72 31.01 8.96 1.48
C MET C 72 29.59 9.15 1.98
N LYS C 73 28.74 9.64 1.10
CA LYS C 73 27.34 9.96 1.43
C LYS C 73 26.44 9.89 0.18
N ALA C 74 25.12 9.88 0.40
CA ALA C 74 24.13 9.70 -0.67
C ALA C 74 24.23 10.72 -1.80
N GLU C 75 24.53 11.97 -1.44
CA GLU C 75 24.70 13.09 -2.40
C GLU C 75 25.87 12.89 -3.36
N ASP C 76 26.86 12.06 -3.02
CA ASP C 76 27.93 11.63 -3.98
C ASP C 76 27.42 10.82 -5.20
N TYR C 77 26.22 10.23 -5.09
CA TYR C 77 25.61 9.41 -6.11
C TYR C 77 24.36 10.11 -6.72
N ASP C 78 24.20 10.03 -8.05
CA ASP C 78 22.97 10.43 -8.74
C ASP C 78 22.06 9.23 -8.86
N VAL C 79 20.85 9.32 -8.32
CA VAL C 79 19.80 8.30 -8.50
C VAL C 79 19.22 8.37 -9.89
N VAL C 80 19.43 7.30 -10.64
CA VAL C 80 18.92 7.17 -12.01
C VAL C 80 17.49 6.66 -11.96
N LYS C 81 17.27 5.56 -11.26
CA LYS C 81 15.99 4.84 -11.27
C LYS C 81 15.93 3.90 -10.07
N VAL C 82 14.73 3.70 -9.52
CA VAL C 82 14.48 2.62 -8.55
C VAL C 82 14.24 1.34 -9.32
N ILE C 83 15.12 0.35 -9.14
CA ILE C 83 15.04 -0.94 -9.86
C ILE C 83 14.45 -2.10 -9.00
N GLY C 84 13.93 -1.79 -7.81
CA GLY C 84 13.33 -2.82 -6.96
C GLY C 84 13.15 -2.45 -5.51
N ARG C 85 12.24 -3.16 -4.86
CA ARG C 85 11.65 -2.79 -3.58
C ARG C 85 11.58 -4.07 -2.72
N GLY C 86 11.70 -3.91 -1.40
CA GLY C 86 11.77 -5.04 -0.50
C GLY C 86 11.52 -4.67 0.94
N ALA C 87 11.87 -5.61 1.84
CA ALA C 87 11.46 -5.61 3.25
C ALA C 87 11.49 -4.25 3.94
N PHE C 88 12.68 -3.69 4.11
CA PHE C 88 12.83 -2.38 4.81
C PHE C 88 13.42 -1.28 3.93
N GLY C 89 13.21 -1.39 2.62
CA GLY C 89 13.78 -0.45 1.69
C GLY C 89 13.68 -0.82 0.24
N GLU C 90 14.75 -0.51 -0.51
CA GLU C 90 14.72 -0.51 -1.98
C GLU C 90 16.12 -0.56 -2.56
N VAL C 91 16.19 -0.87 -3.84
CA VAL C 91 17.44 -0.95 -4.59
C VAL C 91 17.30 0.01 -5.75
N GLN C 92 18.28 0.89 -5.88
CA GLN C 92 18.24 1.97 -6.87
C GLN C 92 19.50 1.94 -7.71
N LEU C 93 19.31 2.15 -9.01
CA LEU C 93 20.39 2.30 -9.95
C LEU C 93 20.94 3.70 -9.79
N VAL C 94 22.25 3.80 -9.55
CA VAL C 94 22.93 5.08 -9.27
C VAL C 94 24.20 5.23 -10.12
N ARG C 95 24.63 6.47 -10.30
CA ARG C 95 25.91 6.81 -10.89
C ARG C 95 26.68 7.61 -9.86
N HIS C 96 27.88 7.15 -9.50
CA HIS C 96 28.78 7.89 -8.60
C HIS C 96 29.29 9.11 -9.40
N LYS C 97 29.05 10.33 -8.91
CA LYS C 97 29.24 11.59 -9.69
C LYS C 97 30.66 11.82 -10.18
N ALA C 98 31.62 11.69 -9.26
CA ALA C 98 33.02 12.01 -9.55
C ALA C 98 33.68 10.98 -10.50
N SER C 99 33.46 9.69 -10.23
CA SER C 99 33.96 8.59 -11.08
C SER C 99 33.10 8.27 -12.32
N GLN C 100 31.84 8.72 -12.34
CA GLN C 100 30.86 8.40 -13.38
C GLN C 100 30.51 6.93 -13.54
N LYS C 101 30.79 6.12 -12.51
CA LYS C 101 30.67 4.66 -12.59
C LYS C 101 29.30 4.27 -12.05
N VAL C 102 28.69 3.25 -12.67
CA VAL C 102 27.32 2.82 -12.34
C VAL C 102 27.35 1.71 -11.31
N TYR C 103 26.44 1.78 -10.34
CA TYR C 103 26.28 0.78 -9.29
C TYR C 103 24.81 0.57 -9.00
N ALA C 104 24.49 -0.59 -8.41
CA ALA C 104 23.22 -0.80 -7.71
C ALA C 104 23.46 -0.47 -6.24
N MET C 105 22.56 0.33 -5.67
CA MET C 105 22.65 0.81 -4.29
C MET C 105 21.40 0.45 -3.51
N LYS C 106 21.54 -0.34 -2.46
CA LYS C 106 20.43 -0.79 -1.61
C LYS C 106 20.30 0.14 -0.43
N LEU C 107 19.10 0.64 -0.20
CA LEU C 107 18.75 1.46 0.96
C LEU C 107 17.97 0.65 1.95
N LEU C 108 18.22 0.88 3.25
CA LEU C 108 17.47 0.24 4.33
C LEU C 108 17.09 1.29 5.36
N SER C 109 15.80 1.38 5.70
CA SER C 109 15.30 2.34 6.68
C SER C 109 15.69 1.93 8.11
N LYS C 110 16.46 2.79 8.77
CA LYS C 110 16.80 2.54 10.19
C LYS C 110 15.55 2.51 11.08
N PHE C 111 14.63 3.46 10.88
CA PHE C 111 13.38 3.51 11.66
C PHE C 111 12.58 2.19 11.56
N GLU C 112 12.33 1.75 10.33
CA GLU C 112 11.54 0.54 10.10
C GLU C 112 12.17 -0.71 10.69
N MET C 113 13.49 -0.82 10.58
CA MET C 113 14.23 -1.94 11.20
C MET C 113 14.17 -1.92 12.72
N ILE C 114 14.34 -0.74 13.32
CA ILE C 114 14.19 -0.61 14.78
C ILE C 114 12.74 -0.93 15.18
N LYS C 115 11.77 -0.36 14.45
CA LYS C 115 10.34 -0.48 14.80
C LYS C 115 9.85 -1.92 14.63
N ARG C 116 10.07 -2.51 13.46
CA ARG C 116 9.76 -3.96 13.25
C ARG C 116 10.77 -4.97 13.88
N SER C 117 11.86 -4.46 14.47
CA SER C 117 12.76 -5.20 15.37
C SER C 117 13.69 -6.20 14.66
N ASP C 118 13.74 -6.19 13.32
CA ASP C 118 14.41 -7.20 12.49
C ASP C 118 13.77 -7.16 11.10
N ALA C 120 18.66 -7.67 12.81
CA ALA C 120 20.15 -7.62 12.62
C ALA C 120 20.76 -8.24 11.32
N PHE C 121 19.89 -8.60 10.39
CA PHE C 121 20.18 -9.28 9.13
C PHE C 121 21.25 -8.65 8.25
N PHE C 122 21.34 -7.32 8.27
CA PHE C 122 22.22 -6.53 7.38
C PHE C 122 23.73 -6.77 7.58
N TRP C 123 24.13 -7.20 8.79
CA TRP C 123 25.53 -7.54 9.05
C TRP C 123 26.01 -8.68 8.12
N GLU C 124 25.28 -9.81 8.13
CA GLU C 124 25.60 -10.89 7.19
C GLU C 124 25.48 -10.53 5.73
N GLU C 125 24.45 -9.78 5.39
CA GLU C 125 24.27 -9.31 4.00
C GLU C 125 25.47 -8.49 3.54
N ARG C 126 25.91 -7.55 4.38
CA ARG C 126 27.09 -6.72 4.07
C ARG C 126 28.36 -7.58 3.97
N ASP C 127 28.62 -8.38 5.00
CA ASP C 127 29.83 -9.22 5.06
C ASP C 127 29.98 -10.20 3.87
N ILE C 128 28.90 -10.85 3.45
CA ILE C 128 28.95 -11.80 2.32
C ILE C 128 29.36 -11.07 1.03
N MET C 129 28.70 -9.97 0.72
CA MET C 129 29.00 -9.18 -0.48
C MET C 129 30.37 -8.51 -0.41
N ALA C 130 30.78 -8.11 0.78
CA ALA C 130 32.13 -7.54 0.98
C ALA C 130 33.28 -8.54 0.82
N PHE C 131 33.08 -9.77 1.32
CA PHE C 131 34.19 -10.71 1.58
C PHE C 131 34.15 -12.09 0.94
N ALA C 132 33.09 -12.41 0.20
CA ALA C 132 33.02 -13.69 -0.53
C ALA C 132 34.10 -13.86 -1.58
N ASN C 133 34.43 -12.76 -2.27
CA ASN C 133 35.43 -12.75 -3.39
C ASN C 133 35.15 -13.95 -4.34
N SER C 134 33.89 -14.05 -4.75
CA SER C 134 33.36 -15.15 -5.56
C SER C 134 32.60 -14.52 -6.72
N PRO C 135 32.82 -15.03 -7.96
CA PRO C 135 32.00 -14.52 -9.06
C PRO C 135 30.51 -14.85 -9.00
N TRP C 136 30.10 -15.80 -8.14
CA TRP C 136 28.70 -16.13 -7.90
C TRP C 136 27.94 -15.24 -6.89
N VAL C 137 28.64 -14.35 -6.20
CA VAL C 137 28.05 -13.47 -5.17
C VAL C 137 28.24 -12.04 -5.65
N VAL C 138 27.17 -11.26 -5.55
CA VAL C 138 27.21 -9.84 -5.95
C VAL C 138 28.16 -9.13 -4.99
N GLN C 139 29.09 -8.38 -5.56
CA GLN C 139 30.16 -7.75 -4.82
C GLN C 139 29.72 -6.40 -4.27
N LEU C 140 30.13 -6.09 -3.05
CA LEU C 140 29.93 -4.82 -2.37
C LEU C 140 31.23 -4.06 -2.51
N PHE C 141 31.14 -2.82 -2.99
CA PHE C 141 32.29 -1.90 -3.07
C PHE C 141 32.31 -0.99 -1.85
N TYR C 142 31.15 -0.41 -1.49
CA TYR C 142 31.04 0.53 -0.35
C TYR C 142 29.77 0.28 0.44
N ALA C 143 29.89 0.44 1.75
CA ALA C 143 28.76 0.56 2.65
C ALA C 143 28.94 1.85 3.43
N PHE C 144 27.88 2.61 3.57
CA PHE C 144 27.90 3.83 4.38
C PHE C 144 26.52 4.08 4.98
N GLN C 145 26.41 5.15 5.74
CA GLN C 145 25.17 5.51 6.40
C GLN C 145 24.97 7.02 6.57
N ASP C 146 23.70 7.42 6.64
CA ASP C 146 23.21 8.73 7.05
C ASP C 146 22.49 8.54 8.38
N ASP C 147 21.94 9.60 8.94
CA ASP C 147 21.03 9.50 10.08
C ASP C 147 19.76 8.66 9.85
N ARG C 148 19.28 8.56 8.61
CA ARG C 148 18.03 7.87 8.27
C ARG C 148 18.21 6.46 7.70
N TYR C 149 19.27 6.25 6.87
CA TYR C 149 19.42 4.99 6.08
C TYR C 149 20.80 4.29 6.13
N LEU C 150 20.81 2.95 5.95
CA LEU C 150 22.02 2.20 5.57
C LEU C 150 22.07 2.13 4.06
N TYR C 151 23.28 2.21 3.50
CA TYR C 151 23.49 2.15 2.04
C TYR C 151 24.49 1.07 1.72
N MET C 152 24.20 0.25 0.68
CA MET C 152 25.15 -0.76 0.20
C MET C 152 25.31 -0.61 -1.30
N VAL C 153 26.53 -0.30 -1.73
CA VAL C 153 26.85 0.02 -3.11
C VAL C 153 27.50 -1.26 -3.67
N MET C 154 26.85 -1.79 -4.69
CA MET C 154 27.08 -3.15 -5.21
C MET C 154 27.25 -3.09 -6.70
N GLU C 155 27.89 -4.11 -7.28
CA GLU C 155 28.05 -4.18 -8.73
C GLU C 155 26.66 -4.30 -9.35
N TYR C 156 26.45 -3.55 -10.43
CA TYR C 156 25.18 -3.53 -11.12
C TYR C 156 25.18 -4.70 -12.08
N MET C 157 24.07 -5.42 -12.09
CA MET C 157 23.89 -6.67 -12.88
C MET C 157 22.83 -6.35 -13.94
N PRO C 158 23.29 -5.90 -15.13
CA PRO C 158 22.31 -5.26 -16.07
C PRO C 158 21.43 -6.29 -16.82
N GLY C 159 21.79 -7.58 -16.77
CA GLY C 159 21.02 -8.63 -17.40
C GLY C 159 19.67 -8.99 -16.80
N GLY C 160 19.32 -8.45 -15.62
CA GLY C 160 18.00 -8.69 -15.04
C GLY C 160 17.94 -10.00 -14.30
N ASP C 161 16.74 -10.31 -13.74
CA ASP C 161 16.56 -11.57 -13.02
C ASP C 161 16.02 -12.72 -13.90
N LEU C 162 16.04 -13.91 -13.32
CA LEU C 162 15.48 -15.11 -13.96
C LEU C 162 13.95 -15.11 -14.15
N VAL C 163 13.23 -14.32 -13.34
CA VAL C 163 11.78 -14.13 -13.52
C VAL C 163 11.55 -13.47 -14.89
N ASN C 164 12.26 -12.37 -15.09
CA ASN C 164 12.28 -11.64 -16.34
C ASN C 164 12.67 -12.49 -17.55
N LEU C 165 13.67 -13.33 -17.38
CA LEU C 165 14.08 -14.26 -18.43
C LEU C 165 12.97 -15.26 -18.79
N MET C 166 12.39 -15.89 -17.76
CA MET C 166 11.32 -16.88 -17.97
C MET C 166 10.06 -16.32 -18.60
N SER C 167 9.73 -15.06 -18.31
CA SER C 167 8.56 -14.40 -18.91
C SER C 167 8.79 -14.01 -20.38
N ASN C 168 10.05 -13.76 -20.78
CA ASN C 168 10.46 -13.37 -22.14
C ASN C 168 10.95 -14.48 -23.08
N TYR C 169 11.32 -15.64 -22.54
CA TYR C 169 11.73 -16.81 -23.32
C TYR C 169 11.04 -18.08 -22.80
N ASP C 170 10.59 -18.95 -23.69
CA ASP C 170 10.39 -20.39 -23.37
C ASP C 170 11.81 -20.90 -23.17
N VAL C 171 12.08 -21.48 -22.00
CA VAL C 171 13.42 -21.96 -21.68
C VAL C 171 13.55 -23.42 -22.12
N PRO C 172 14.38 -23.69 -23.17
CA PRO C 172 14.65 -25.10 -23.48
C PRO C 172 15.57 -25.78 -22.45
N GLU C 173 15.61 -27.12 -22.50
CA GLU C 173 16.31 -27.94 -21.52
C GLU C 173 17.81 -27.65 -21.45
N LYS C 174 18.44 -27.42 -22.60
CA LYS C 174 19.85 -27.03 -22.69
C LYS C 174 20.19 -25.77 -21.89
N TRP C 175 19.29 -24.78 -21.94
CA TRP C 175 19.45 -23.54 -21.18
C TRP C 175 19.20 -23.78 -19.71
N ALA C 176 18.11 -24.50 -19.40
CA ALA C 176 17.76 -24.84 -18.00
C ALA C 176 18.90 -25.55 -17.28
N LYS C 177 19.49 -26.51 -17.97
CA LYS C 177 20.73 -27.17 -17.54
C LYS C 177 21.86 -26.22 -17.15
N PHE C 178 22.07 -25.19 -17.98
CA PHE C 178 23.10 -24.17 -17.75
C PHE C 178 22.81 -23.33 -16.48
N TYR C 179 21.60 -22.78 -16.39
CA TYR C 179 21.23 -21.94 -15.24
C TYR C 179 21.19 -22.73 -13.93
N THR C 180 20.68 -23.96 -14.01
CA THR C 180 20.63 -24.86 -12.85
C THR C 180 22.03 -25.18 -12.33
N ALA C 181 22.91 -25.54 -13.25
CA ALA C 181 24.31 -25.77 -12.93
C ALA C 181 24.99 -24.54 -12.28
N GLU C 182 24.67 -23.35 -12.78
CA GLU C 182 25.19 -22.12 -12.21
C GLU C 182 24.62 -21.85 -10.82
N VAL C 183 23.33 -22.13 -10.62
CA VAL C 183 22.72 -22.04 -9.29
C VAL C 183 23.41 -23.01 -8.33
N VAL C 184 23.69 -24.25 -8.79
CA VAL C 184 24.33 -25.25 -7.95
C VAL C 184 25.66 -24.76 -7.40
N LEU C 185 26.53 -24.34 -8.31
CA LEU C 185 27.86 -23.83 -7.97
C LEU C 185 27.80 -22.57 -7.11
N ALA C 186 26.83 -21.70 -7.40
CA ALA C 186 26.57 -20.52 -6.60
C ALA C 186 26.26 -20.88 -5.17
N LEU C 187 25.27 -21.76 -5.00
CA LEU C 187 24.91 -22.25 -3.67
C LEU C 187 26.00 -23.00 -2.94
N ASP C 188 26.73 -23.84 -3.66
CA ASP C 188 27.89 -24.51 -3.09
C ASP C 188 28.95 -23.54 -2.55
N ALA C 189 29.18 -22.44 -3.27
CA ALA C 189 30.11 -21.38 -2.80
C ALA C 189 29.64 -20.70 -1.49
N ILE C 190 28.34 -20.35 -1.46
CA ILE C 190 27.68 -19.81 -0.25
C ILE C 190 27.76 -20.82 0.91
N HIS C 191 27.36 -22.08 0.63
CA HIS C 191 27.43 -23.17 1.62
C HIS C 191 28.82 -23.42 2.15
N SER C 192 29.83 -23.37 1.29
CA SER C 192 31.25 -23.48 1.70
C SER C 192 31.76 -22.34 2.58
N MET C 193 31.10 -21.17 2.55
CA MET C 193 31.35 -20.07 3.51
C MET C 193 30.64 -20.25 4.87
N GLY C 194 29.87 -21.33 5.07
CA GLY C 194 29.16 -21.63 6.32
C GLY C 194 27.74 -21.09 6.38
N LEU C 195 27.13 -20.81 5.22
CA LEU C 195 25.96 -19.94 5.14
C LEU C 195 24.87 -20.60 4.33
N ILE C 196 23.62 -20.37 4.71
CA ILE C 196 22.44 -20.83 3.96
C ILE C 196 21.71 -19.56 3.43
N HIS C 197 21.29 -19.58 2.18
CA HIS C 197 20.58 -18.45 1.54
C HIS C 197 19.17 -18.28 2.10
N ARG C 198 18.42 -19.38 2.13
CA ARG C 198 17.02 -19.43 2.69
C ARG C 198 15.95 -18.63 1.89
N ASP C 199 16.29 -18.22 0.66
CA ASP C 199 15.38 -17.45 -0.19
C ASP C 199 15.82 -17.57 -1.66
N VAL C 200 16.11 -18.80 -2.06
CA VAL C 200 16.58 -19.13 -3.39
C VAL C 200 15.31 -19.11 -4.22
N LYS C 201 15.27 -18.17 -5.14
CA LYS C 201 14.14 -18.02 -6.08
C LYS C 201 14.63 -17.22 -7.27
N PRO C 202 13.98 -17.35 -8.45
CA PRO C 202 14.47 -16.64 -9.65
C PRO C 202 14.59 -15.09 -9.51
N ASP C 203 13.82 -14.49 -8.62
CA ASP C 203 13.90 -13.02 -8.33
C ASP C 203 15.29 -12.63 -7.78
N ASN C 204 15.91 -13.54 -7.01
CA ASN C 204 17.24 -13.37 -6.43
C ASN C 204 18.43 -13.95 -7.21
N MET C 205 18.17 -14.37 -8.45
CA MET C 205 19.18 -14.83 -9.38
C MET C 205 19.31 -13.75 -10.45
N LEU C 206 20.47 -13.13 -10.52
CA LEU C 206 20.69 -11.94 -11.39
C LEU C 206 21.74 -12.28 -12.43
N LEU C 207 21.57 -11.69 -13.61
CA LEU C 207 22.45 -11.89 -14.75
C LEU C 207 23.33 -10.66 -14.95
N ASP C 208 24.64 -10.91 -15.05
CA ASP C 208 25.65 -9.87 -15.33
C ASP C 208 25.64 -9.52 -16.81
N LYS C 209 26.49 -8.57 -17.21
CA LYS C 209 26.58 -8.14 -18.62
C LYS C 209 26.87 -9.27 -19.65
N HIS C 210 27.45 -10.38 -19.17
CA HIS C 210 27.76 -11.57 -20.00
C HIS C 210 26.74 -12.73 -19.92
N GLY C 211 25.60 -12.50 -19.25
CA GLY C 211 24.60 -13.54 -19.05
C GLY C 211 24.88 -14.63 -18.07
N HIS C 212 25.81 -14.36 -17.14
CA HIS C 212 26.16 -15.29 -16.08
C HIS C 212 25.57 -14.86 -14.77
N LEU C 213 25.24 -15.86 -13.97
CA LEU C 213 24.42 -15.70 -12.81
C LEU C 213 25.23 -15.26 -11.59
N LYS C 214 24.60 -14.43 -10.77
CA LYS C 214 24.99 -14.21 -9.38
C LYS C 214 23.78 -14.22 -8.51
N LEU C 215 23.97 -14.72 -7.29
CA LEU C 215 22.95 -14.65 -6.27
C LEU C 215 22.97 -13.29 -5.57
N ALA C 216 21.78 -12.89 -5.13
CA ALA C 216 21.57 -11.60 -4.45
C ALA C 216 20.53 -11.75 -3.35
N ASP C 217 20.34 -10.65 -2.62
CA ASP C 217 19.47 -10.61 -1.44
C ASP C 217 19.88 -11.66 -0.41
N PHE C 218 20.98 -11.35 0.25
CA PHE C 218 21.49 -12.14 1.37
C PHE C 218 20.99 -11.58 2.72
N GLY C 219 19.77 -11.01 2.73
CA GLY C 219 19.11 -10.56 3.97
C GLY C 219 18.40 -11.62 4.81
N THR C 220 18.36 -12.87 4.33
CA THR C 220 17.82 -14.02 5.06
C THR C 220 18.90 -15.07 5.31
N CYS C 221 20.18 -14.70 5.17
CA CYS C 221 21.30 -15.61 5.49
C CYS C 221 21.43 -15.83 6.99
N MET C 222 21.57 -17.09 7.38
CA MET C 222 22.02 -17.48 8.72
C MET C 222 23.36 -18.20 8.59
N LYS C 223 24.22 -18.03 9.61
CA LYS C 223 25.45 -18.82 9.77
C LYS C 223 25.08 -20.20 10.33
N MET C 224 25.52 -21.26 9.66
CA MET C 224 25.46 -22.64 10.18
C MET C 224 26.36 -22.85 11.41
N ASP C 225 25.92 -23.74 12.30
CA ASP C 225 26.67 -24.13 13.49
C ASP C 225 27.59 -25.28 13.09
N THR C 238 7.62 -14.59 -0.86
CA THR C 238 6.70 -15.50 -1.54
C THR C 238 6.93 -16.99 -1.17
N PRO C 239 5.83 -17.76 -0.98
CA PRO C 239 5.92 -19.14 -0.48
C PRO C 239 6.27 -20.25 -1.50
N ASP C 240 6.12 -19.97 -2.80
CA ASP C 240 6.29 -21.01 -3.87
C ASP C 240 7.58 -21.86 -3.75
N TYR C 241 8.68 -21.19 -3.35
CA TYR C 241 10.03 -21.78 -3.28
C TYR C 241 10.47 -22.28 -1.87
N ILE C 242 9.61 -22.16 -0.86
CA ILE C 242 9.98 -22.53 0.52
C ILE C 242 9.76 -24.04 0.70
N SER C 243 10.73 -24.69 1.35
CA SER C 243 10.71 -26.13 1.59
C SER C 243 9.81 -26.45 2.80
N PRO C 244 9.29 -27.69 2.86
CA PRO C 244 8.27 -28.00 3.88
C PRO C 244 8.77 -28.02 5.32
N GLU C 245 10.00 -28.46 5.53
CA GLU C 245 10.65 -28.38 6.85
C GLU C 245 10.75 -26.95 7.41
N VAL C 246 11.00 -25.97 6.52
CA VAL C 246 10.99 -24.53 6.89
C VAL C 246 9.60 -24.07 7.35
N LEU C 247 8.55 -24.55 6.69
CA LEU C 247 7.17 -24.22 7.07
C LEU C 247 6.74 -24.79 8.45
N LYS C 248 7.09 -26.05 8.73
CA LYS C 248 6.77 -26.69 10.03
C LYS C 248 7.56 -26.11 11.23
N SER C 249 8.83 -25.74 10.99
CA SER C 249 9.68 -25.09 12.01
C SER C 249 9.16 -23.74 12.52
N GLN C 250 8.52 -22.97 11.63
CA GLN C 250 7.82 -21.70 12.00
C GLN C 250 6.68 -21.91 13.03
N GLY C 251 6.03 -23.09 12.97
CA GLY C 251 5.07 -23.51 13.99
C GLY C 251 5.76 -23.97 15.25
N GLY C 254 11.76 -26.20 15.87
CA GLY C 254 12.77 -26.98 15.14
C GLY C 254 13.89 -26.18 14.48
N PHE C 255 14.77 -26.91 13.78
CA PHE C 255 15.95 -26.37 13.06
C PHE C 255 16.17 -27.08 11.72
N TYR C 256 16.97 -26.47 10.83
CA TYR C 256 17.20 -26.96 9.45
C TYR C 256 18.52 -26.42 8.87
N GLY C 257 18.92 -26.99 7.74
CA GLY C 257 20.25 -26.80 7.15
C GLY C 257 20.25 -26.46 5.68
N ARG C 258 21.34 -26.81 5.02
CA ARG C 258 21.61 -26.43 3.62
C ARG C 258 20.64 -27.02 2.59
N GLU C 259 20.07 -28.18 2.91
CA GLU C 259 19.03 -28.83 2.12
C GLU C 259 17.82 -27.97 1.72
N CYS C 260 17.45 -26.98 2.54
CA CYS C 260 16.39 -26.02 2.19
C CYS C 260 16.68 -25.20 0.92
N ASP C 261 17.94 -24.88 0.67
CA ASP C 261 18.33 -24.28 -0.61
C ASP C 261 18.16 -25.24 -1.78
N TRP C 262 18.53 -26.51 -1.57
CA TRP C 262 18.45 -27.52 -2.63
C TRP C 262 17.01 -27.86 -3.06
N TRP C 263 16.07 -27.76 -2.13
CA TRP C 263 14.62 -27.82 -2.47
C TRP C 263 14.31 -26.83 -3.57
N SER C 264 14.67 -25.57 -3.30
CA SER C 264 14.38 -24.45 -4.19
C SER C 264 14.94 -24.61 -5.60
N VAL C 265 16.09 -25.29 -5.70
CA VAL C 265 16.67 -25.66 -7.01
C VAL C 265 15.73 -26.60 -7.79
N GLY C 266 15.16 -27.58 -7.09
CA GLY C 266 14.11 -28.42 -7.66
C GLY C 266 12.94 -27.62 -8.19
N VAL C 267 12.47 -26.68 -7.37
CA VAL C 267 11.35 -25.79 -7.75
C VAL C 267 11.71 -24.93 -8.98
N PHE C 268 12.92 -24.38 -8.95
CA PHE C 268 13.47 -23.58 -10.05
C PHE C 268 13.44 -24.31 -11.40
N LEU C 269 13.98 -25.52 -11.39
CA LEU C 269 14.06 -26.36 -12.57
C LEU C 269 12.70 -26.78 -13.13
N TYR C 270 11.75 -27.06 -12.22
CA TYR C 270 10.39 -27.34 -12.65
C TYR C 270 9.81 -26.09 -13.30
N GLU C 271 9.99 -24.90 -12.67
CA GLU C 271 9.41 -23.67 -13.22
C GLU C 271 9.94 -23.36 -14.62
N MET C 272 11.26 -23.50 -14.81
CA MET C 272 11.86 -23.25 -16.12
C MET C 272 11.39 -24.15 -17.24
N LEU C 273 11.24 -25.44 -16.93
CA LEU C 273 10.89 -26.45 -17.96
C LEU C 273 9.40 -26.56 -18.25
N VAL C 274 8.56 -26.31 -17.23
CA VAL C 274 7.10 -26.38 -17.35
C VAL C 274 6.48 -25.02 -17.74
N GLY C 275 6.99 -23.93 -17.14
CA GLY C 275 6.41 -22.59 -17.25
C GLY C 275 5.47 -22.22 -16.10
N ASP C 276 5.24 -23.14 -15.16
CA ASP C 276 4.43 -22.91 -13.97
C ASP C 276 5.18 -23.44 -12.75
N THR C 277 4.83 -22.93 -11.59
CA THR C 277 5.37 -23.42 -10.30
C THR C 277 4.75 -24.81 -9.99
N PRO C 278 5.57 -25.77 -9.46
CA PRO C 278 5.04 -27.13 -9.15
C PRO C 278 3.89 -27.20 -8.14
N PHE C 279 3.89 -26.27 -7.18
CA PHE C 279 2.84 -26.15 -6.17
C PHE C 279 2.03 -24.84 -6.27
N TYR C 280 1.76 -24.39 -7.50
CA TYR C 280 0.99 -23.15 -7.73
C TYR C 280 -0.42 -23.26 -7.17
N ALA C 281 -0.89 -22.17 -6.54
CA ALA C 281 -2.31 -22.00 -6.14
C ALA C 281 -2.72 -20.54 -6.14
N ASP C 282 -4.03 -20.28 -6.01
CA ASP C 282 -4.60 -18.92 -6.08
C ASP C 282 -4.20 -18.08 -4.86
N SER C 283 -4.37 -18.65 -3.69
CA SER C 283 -3.96 -18.06 -2.41
C SER C 283 -2.56 -18.53 -2.00
N LEU C 284 -2.02 -17.92 -0.94
CA LEU C 284 -0.82 -18.39 -0.23
C LEU C 284 -1.11 -19.72 0.50
N VAL C 285 -2.22 -19.77 1.22
CA VAL C 285 -2.64 -20.96 1.98
C VAL C 285 -2.78 -22.23 1.11
N GLY C 286 -3.23 -22.05 -0.13
CA GLY C 286 -3.27 -23.14 -1.12
C GLY C 286 -1.90 -23.67 -1.45
N THR C 287 -0.97 -22.74 -1.72
CA THR C 287 0.43 -23.06 -2.03
C THR C 287 1.09 -23.79 -0.88
N TYR C 288 0.98 -23.22 0.32
CA TYR C 288 1.47 -23.82 1.56
C TYR C 288 0.97 -25.26 1.74
N SER C 289 -0.33 -25.46 1.55
CA SER C 289 -0.94 -26.78 1.66
C SER C 289 -0.45 -27.80 0.62
N LYS C 290 -0.26 -27.33 -0.62
CA LYS C 290 0.33 -28.16 -1.70
C LYS C 290 1.77 -28.56 -1.39
N ILE C 291 2.57 -27.61 -0.89
CA ILE C 291 3.97 -27.86 -0.48
C ILE C 291 4.06 -28.94 0.61
N MET C 292 3.22 -28.82 1.65
CA MET C 292 3.16 -29.83 2.72
C MET C 292 2.75 -31.22 2.21
N ASP C 293 1.87 -31.24 1.20
CA ASP C 293 1.42 -32.45 0.52
C ASP C 293 2.24 -32.75 -0.79
N HIS C 294 3.53 -32.42 -0.79
CA HIS C 294 4.41 -32.63 -1.96
C HIS C 294 4.56 -34.07 -2.49
N LYS C 295 4.40 -35.06 -1.59
CA LYS C 295 4.44 -36.48 -2.00
C LYS C 295 3.32 -36.83 -2.97
N ASN C 296 2.13 -36.26 -2.74
CA ASN C 296 0.97 -36.42 -3.63
C ASN C 296 0.84 -35.29 -4.67
N SER C 297 0.97 -34.03 -4.23
CA SER C 297 0.67 -32.84 -5.06
C SER C 297 1.61 -32.56 -6.22
N LEU C 298 2.83 -33.10 -6.19
CA LEU C 298 3.79 -32.91 -7.30
C LEU C 298 3.34 -33.77 -8.46
N CYS C 299 3.14 -33.14 -9.61
CA CYS C 299 2.64 -33.82 -10.80
C CYS C 299 3.03 -33.04 -12.06
N PHE C 300 3.81 -33.68 -12.93
CA PHE C 300 4.25 -33.07 -14.20
C PHE C 300 3.11 -33.20 -15.23
N PRO C 301 2.62 -32.06 -15.80
CA PRO C 301 1.52 -32.21 -16.78
C PRO C 301 2.01 -32.89 -18.06
N GLU C 302 1.18 -33.78 -18.60
CA GLU C 302 1.60 -34.65 -19.72
C GLU C 302 1.95 -33.92 -21.02
N ASP C 303 1.45 -32.68 -21.21
CA ASP C 303 1.81 -31.81 -22.34
C ASP C 303 3.14 -31.02 -22.21
N ALA C 304 3.80 -31.06 -21.05
CA ALA C 304 5.15 -30.54 -20.89
C ALA C 304 6.18 -31.42 -21.59
N GLU C 305 7.03 -30.82 -22.42
CA GLU C 305 8.11 -31.53 -23.12
C GLU C 305 9.29 -31.59 -22.17
N ILE C 306 9.40 -32.70 -21.45
CA ILE C 306 10.36 -32.82 -20.35
C ILE C 306 10.99 -34.19 -20.34
N SER C 307 12.31 -34.22 -20.15
CA SER C 307 13.08 -35.46 -20.20
C SER C 307 12.95 -36.26 -18.91
N LYS C 308 13.23 -37.56 -19.01
CA LYS C 308 13.24 -38.46 -17.86
C LYS C 308 14.30 -38.04 -16.82
N HIS C 309 15.48 -37.65 -17.30
CA HIS C 309 16.55 -37.14 -16.41
C HIS C 309 16.18 -35.83 -15.68
N ALA C 310 15.52 -34.90 -16.40
CA ALA C 310 15.01 -33.66 -15.79
C ALA C 310 13.96 -33.92 -14.73
N LYS C 311 13.03 -34.85 -14.99
CA LYS C 311 12.11 -35.35 -13.96
C LYS C 311 12.86 -35.97 -12.77
N ASN C 312 13.85 -36.80 -13.06
CA ASN C 312 14.65 -37.48 -12.03
C ASN C 312 15.36 -36.47 -11.12
N LEU C 313 15.93 -35.40 -11.71
CA LEU C 313 16.61 -34.38 -10.92
C LEU C 313 15.65 -33.56 -10.07
N ILE C 314 14.54 -33.13 -10.66
CA ILE C 314 13.50 -32.39 -9.93
C ILE C 314 13.01 -33.25 -8.76
N CYS C 315 12.65 -34.50 -9.06
CA CYS C 315 12.13 -35.41 -8.02
C CYS C 315 13.14 -35.74 -6.91
N ALA C 316 14.43 -35.75 -7.24
CA ALA C 316 15.51 -35.94 -6.24
C ALA C 316 15.66 -34.79 -5.23
N PHE C 317 15.40 -33.56 -5.68
CA PHE C 317 15.35 -32.40 -4.79
C PHE C 317 14.04 -32.26 -4.03
N LEU C 318 12.92 -32.57 -4.67
CA LEU C 318 11.59 -32.35 -4.08
C LEU C 318 11.13 -33.55 -3.27
N THR C 319 11.85 -33.80 -2.17
CA THR C 319 11.52 -34.87 -1.21
C THR C 319 11.58 -34.33 0.21
N ASP C 320 11.26 -35.19 1.19
CA ASP C 320 11.58 -34.91 2.61
C ASP C 320 13.09 -34.66 2.75
N ARG C 321 13.45 -33.77 3.68
CA ARG C 321 14.85 -33.42 4.00
C ARG C 321 15.83 -34.60 4.16
N GLU C 322 15.36 -35.68 4.82
CA GLU C 322 16.19 -36.81 5.21
C GLU C 322 16.77 -37.64 4.04
N VAL C 323 16.06 -37.68 2.91
CA VAL C 323 16.56 -38.38 1.68
C VAL C 323 16.90 -37.41 0.53
N ARG C 324 16.92 -36.09 0.80
CA ARG C 324 17.06 -35.07 -0.24
C ARG C 324 18.49 -34.94 -0.77
N LEU C 325 18.59 -34.63 -2.07
CA LEU C 325 19.86 -34.53 -2.77
C LEU C 325 20.57 -33.26 -2.31
N GLY C 326 21.88 -33.38 -2.04
CA GLY C 326 22.67 -32.30 -1.45
C GLY C 326 22.89 -32.35 0.05
N ARG C 327 22.40 -33.41 0.72
CA ARG C 327 22.85 -33.75 2.09
C ARG C 327 24.34 -34.11 2.08
N ASN C 328 24.73 -35.06 1.22
CA ASN C 328 26.10 -35.60 1.18
C ASN C 328 27.00 -34.76 0.24
N GLY C 329 27.03 -33.44 0.45
CA GLY C 329 27.71 -32.51 -0.43
C GLY C 329 27.09 -32.30 -1.81
N VAL C 330 27.73 -31.41 -2.56
CA VAL C 330 27.37 -31.06 -3.94
C VAL C 330 27.69 -32.16 -5.00
N GLU C 331 28.56 -33.13 -4.71
CA GLU C 331 29.10 -34.05 -5.74
C GLU C 331 28.07 -34.96 -6.40
N GLU C 332 27.17 -35.50 -5.59
CA GLU C 332 26.03 -36.27 -6.10
C GLU C 332 25.10 -35.45 -7.03
N ILE C 333 24.99 -34.13 -6.78
CA ILE C 333 24.28 -33.20 -7.70
C ILE C 333 25.05 -33.10 -9.02
N ARG C 334 26.36 -32.88 -8.94
CA ARG C 334 27.18 -32.59 -10.11
C ARG C 334 27.21 -33.73 -11.12
N GLN C 335 27.36 -34.97 -10.62
CA GLN C 335 27.42 -36.13 -11.54
C GLN C 335 26.05 -36.68 -11.97
N HIS C 336 24.93 -36.02 -11.63
CA HIS C 336 23.61 -36.38 -12.17
C HIS C 336 23.58 -36.24 -13.72
N PRO C 337 23.06 -37.28 -14.43
CA PRO C 337 23.19 -37.31 -15.91
C PRO C 337 22.51 -36.19 -16.71
N PHE C 338 21.43 -35.65 -16.18
CA PHE C 338 20.88 -34.35 -16.58
C PHE C 338 21.88 -33.30 -17.03
N PHE C 339 22.94 -33.11 -16.25
CA PHE C 339 23.95 -32.09 -16.55
C PHE C 339 24.96 -32.42 -17.67
N LYS C 340 24.93 -33.65 -18.22
CA LYS C 340 25.84 -34.03 -19.32
C LYS C 340 25.60 -33.15 -20.55
N ASN C 341 26.66 -32.60 -21.12
CA ASN C 341 26.55 -31.68 -22.27
C ASN C 341 27.87 -31.49 -23.03
N ASP C 342 27.77 -30.92 -24.23
CA ASP C 342 28.92 -30.58 -25.07
C ASP C 342 29.55 -29.21 -24.84
N GLN C 343 28.86 -28.28 -24.16
CA GLN C 343 29.25 -26.84 -24.10
C GLN C 343 30.21 -26.45 -22.94
N TRP C 344 30.08 -27.12 -21.78
CA TRP C 344 30.78 -26.70 -20.56
C TRP C 344 31.01 -27.82 -19.58
N HIS C 345 32.06 -27.65 -18.78
CA HIS C 345 32.36 -28.47 -17.59
C HIS C 345 32.12 -27.63 -16.33
N TRP C 346 32.04 -28.31 -15.19
CA TRP C 346 31.81 -27.66 -13.87
C TRP C 346 32.91 -26.67 -13.49
N ASP C 347 34.15 -27.03 -13.79
CA ASP C 347 35.30 -26.14 -13.57
C ASP C 347 35.36 -24.85 -14.41
N ASN C 348 34.63 -24.78 -15.55
CA ASN C 348 34.68 -23.67 -16.49
C ASN C 348 33.35 -23.06 -16.94
N ILE C 349 32.21 -23.53 -16.42
CA ILE C 349 30.88 -23.09 -16.93
C ILE C 349 30.75 -21.57 -16.98
N ARG C 350 31.20 -20.88 -15.92
CA ARG C 350 31.01 -19.44 -15.81
C ARG C 350 31.91 -18.61 -16.76
N GLU C 351 32.94 -19.26 -17.33
CA GLU C 351 33.80 -18.72 -18.39
C GLU C 351 33.36 -19.08 -19.82
N THR C 352 32.27 -19.82 -20.00
CA THR C 352 31.76 -20.22 -21.33
C THR C 352 30.62 -19.30 -21.76
N ALA C 353 30.25 -19.38 -23.02
CA ALA C 353 29.25 -18.50 -23.63
C ALA C 353 27.86 -18.77 -23.06
N ALA C 354 27.31 -17.81 -22.34
CA ALA C 354 25.97 -17.96 -21.74
C ALA C 354 24.91 -18.01 -22.85
N PRO C 355 23.75 -18.64 -22.57
CA PRO C 355 22.67 -18.71 -23.55
C PRO C 355 22.15 -17.38 -24.08
N VAL C 356 21.95 -16.42 -23.20
CA VAL C 356 21.50 -15.06 -23.53
C VAL C 356 22.48 -14.11 -22.87
N VAL C 357 23.34 -13.50 -23.68
CA VAL C 357 24.19 -12.39 -23.29
C VAL C 357 23.36 -11.12 -23.52
N PRO C 358 23.09 -10.33 -22.45
CA PRO C 358 22.33 -9.06 -22.65
C PRO C 358 22.97 -8.08 -23.65
N GLU C 359 22.14 -7.40 -24.44
CA GLU C 359 22.53 -6.37 -25.41
C GLU C 359 22.08 -5.05 -24.79
N LEU C 360 23.03 -4.22 -24.43
CA LEU C 360 22.75 -3.03 -23.63
C LEU C 360 23.17 -1.77 -24.38
N SER C 361 22.30 -0.76 -24.39
CA SER C 361 22.51 0.48 -25.22
C SER C 361 23.29 1.60 -24.50
N SER C 362 23.41 1.48 -23.19
CA SER C 362 24.20 2.39 -22.36
C SER C 362 24.52 1.72 -21.04
N ASP C 363 25.35 2.38 -20.24
CA ASP C 363 25.71 1.87 -18.89
C ASP C 363 24.59 1.97 -17.83
N ILE C 364 23.51 2.71 -18.13
CA ILE C 364 22.30 2.78 -17.28
C ILE C 364 21.05 2.10 -17.87
N ASP C 365 21.24 1.32 -18.94
CA ASP C 365 20.18 0.52 -19.55
C ASP C 365 19.67 -0.45 -18.48
N SER C 366 18.42 -0.22 -18.06
CA SER C 366 17.70 -1.08 -17.13
C SER C 366 16.49 -1.76 -17.79
N SER C 367 16.60 -2.07 -19.08
CA SER C 367 15.49 -2.64 -19.85
C SER C 367 15.15 -4.11 -19.48
N ASN C 368 16.09 -4.82 -18.85
CA ASN C 368 15.81 -6.15 -18.26
C ASN C 368 15.18 -6.13 -16.84
N PHE C 369 14.79 -4.95 -16.35
CA PHE C 369 14.01 -4.80 -15.11
C PHE C 369 12.71 -4.06 -15.34
N ASP C 370 11.64 -4.52 -14.69
CA ASP C 370 10.32 -3.86 -14.79
C ASP C 370 10.31 -2.55 -14.01
N ASP C 371 9.47 -1.60 -14.41
CA ASP C 371 9.30 -0.33 -13.66
C ASP C 371 8.62 -0.61 -12.32
N ILE C 372 9.01 0.21 -11.34
CA ILE C 372 8.53 0.09 -9.98
C ILE C 372 7.63 1.29 -9.64
N GLU C 373 6.53 1.01 -8.91
CA GLU C 373 5.59 2.04 -8.44
C GLU C 373 5.78 2.28 -6.93
N ASP C 378 5.39 3.48 -6.51
CA ASP C 378 5.41 3.89 -5.10
C ASP C 378 3.99 4.31 -4.67
N VAL C 379 7.35 6.43 4.57
CA VAL C 379 8.42 7.16 5.24
C VAL C 379 7.93 7.75 6.57
N GLU C 380 8.66 7.50 7.65
CA GLU C 380 8.53 8.22 8.93
C GLU C 380 9.81 8.06 9.80
N THR C 381 10.10 9.11 10.56
CA THR C 381 11.40 9.28 11.24
C THR C 381 11.28 9.01 12.74
N PHE C 382 12.42 9.01 13.41
CA PHE C 382 12.45 8.98 14.90
C PHE C 382 11.89 10.27 15.47
N PRO C 383 11.21 10.21 16.64
CA PRO C 383 10.91 11.45 17.34
C PRO C 383 12.18 12.07 17.94
N ILE C 384 12.15 13.40 18.06
CA ILE C 384 13.24 14.13 18.71
C ILE C 384 13.17 13.74 20.18
N PRO C 385 14.17 12.97 20.69
CA PRO C 385 14.00 12.35 21.98
C PRO C 385 14.26 13.30 23.14
N LYS C 386 13.59 13.04 24.25
CA LYS C 386 13.71 13.85 25.48
C LYS C 386 14.96 13.48 26.29
N ALA C 387 15.31 12.18 26.27
CA ALA C 387 16.56 11.65 26.84
C ALA C 387 17.26 10.73 25.84
N PHE C 388 18.49 10.34 26.19
CA PHE C 388 19.30 9.43 25.35
C PHE C 388 18.60 8.09 25.08
N VAL C 389 18.44 7.74 23.80
CA VAL C 389 17.87 6.44 23.36
C VAL C 389 18.82 5.53 22.55
N GLY C 390 19.82 6.12 21.88
CA GLY C 390 20.83 5.36 21.18
C GLY C 390 20.33 4.67 19.92
N ASN C 391 19.49 5.37 19.13
CA ASN C 391 18.99 4.81 17.84
C ASN C 391 20.08 4.52 16.78
N GLN C 392 21.22 5.19 16.86
CA GLN C 392 22.35 4.90 15.98
C GLN C 392 23.28 3.76 16.40
N LEU C 393 23.15 3.29 17.64
CA LEU C 393 24.04 2.26 18.21
C LEU C 393 24.05 0.90 17.50
N PRO C 394 22.86 0.43 17.01
CA PRO C 394 22.87 -0.86 16.30
C PRO C 394 23.61 -0.87 14.95
N PHE C 395 23.95 0.31 14.42
CA PHE C 395 24.59 0.49 13.10
C PHE C 395 26.04 0.99 13.15
N ILE C 396 26.62 1.10 14.36
CA ILE C 396 28.05 1.37 14.51
C ILE C 396 28.81 0.16 13.97
N GLY C 397 29.66 0.42 12.98
CA GLY C 397 30.47 -0.57 12.31
C GLY C 397 30.01 -0.89 10.92
N PHE C 398 28.85 -0.36 10.50
CA PHE C 398 28.33 -0.68 9.17
C PHE C 398 29.20 -0.15 8.05
N THR C 399 29.75 1.05 8.22
CA THR C 399 30.55 1.69 7.17
C THR C 399 31.73 0.78 6.76
N TYR C 400 31.90 0.61 5.45
CA TYR C 400 32.98 -0.17 4.84
C TYR C 400 33.41 0.55 3.57
N TYR C 401 34.71 0.86 3.47
CA TYR C 401 35.33 1.42 2.26
C TYR C 401 36.35 0.41 1.77
N ARG C 402 36.14 -0.11 0.56
CA ARG C 402 37.02 -1.10 -0.05
C ARG C 402 38.24 -0.40 -0.62
N ALA D 7 37.55 14.88 -4.29
CA ALA D 7 36.56 13.81 -4.71
C ALA D 7 37.17 12.40 -4.67
N GLY D 8 36.36 11.44 -4.20
CA GLY D 8 36.70 10.02 -4.20
C GLY D 8 37.88 9.61 -3.33
N ALA D 9 38.98 9.28 -3.99
CA ALA D 9 40.27 8.92 -3.36
C ALA D 9 40.92 10.03 -2.49
N SER D 10 40.83 11.27 -2.96
CA SER D 10 41.45 12.44 -2.31
C SER D 10 40.77 12.82 -0.98
N ARG D 11 39.45 12.72 -0.93
CA ARG D 11 38.71 12.86 0.33
C ARG D 11 39.06 11.79 1.38
N GLN D 12 39.31 10.56 0.94
CA GLN D 12 39.79 9.49 1.83
C GLN D 12 41.26 9.70 2.23
N ARG D 13 42.09 10.23 1.32
CA ARG D 13 43.46 10.66 1.67
C ARG D 13 43.48 11.72 2.78
N LYS D 14 42.67 12.78 2.60
CA LYS D 14 42.52 13.86 3.61
C LYS D 14 42.05 13.35 4.96
N LEU D 15 41.04 12.49 4.95
CA LEU D 15 40.45 11.91 6.17
C LEU D 15 41.44 11.05 6.96
N GLU D 16 42.20 10.21 6.24
CA GLU D 16 43.27 9.41 6.85
C GLU D 16 44.38 10.26 7.47
N ALA D 17 44.72 11.38 6.81
CA ALA D 17 45.73 12.34 7.30
C ALA D 17 45.36 13.03 8.62
N LEU D 18 44.08 13.37 8.78
CA LEU D 18 43.55 13.89 10.04
C LEU D 18 43.71 12.89 11.18
N ILE D 19 43.43 11.62 10.91
CA ILE D 19 43.48 10.54 11.90
C ILE D 19 44.93 10.17 12.29
N ARG D 20 45.86 10.24 11.34
CA ARG D 20 47.29 9.96 11.64
C ARG D 20 47.97 11.03 12.51
N ASP D 21 47.51 12.28 12.41
CA ASP D 21 48.06 13.42 13.17
C ASP D 21 47.90 13.20 14.69
N PRO D 22 49.02 13.16 15.46
CA PRO D 22 48.88 12.95 16.92
C PRO D 22 48.28 14.13 17.71
N ARG D 23 48.30 15.34 17.14
CA ARG D 23 47.58 16.50 17.70
C ARG D 23 46.07 16.52 17.43
N SER D 24 45.57 15.64 16.56
CA SER D 24 44.17 15.68 16.12
C SER D 24 43.20 15.17 17.18
N PRO D 25 42.03 15.84 17.32
CA PRO D 25 40.98 15.31 18.18
C PRO D 25 40.35 13.99 17.74
N ILE D 26 40.48 13.62 16.46
CA ILE D 26 39.96 12.30 15.96
C ILE D 26 41.06 11.27 15.62
N ASN D 27 42.19 11.36 16.31
CA ASN D 27 43.22 10.31 16.19
C ASN D 27 42.76 8.96 16.77
N VAL D 28 43.55 7.91 16.58
CA VAL D 28 43.14 6.53 16.93
C VAL D 28 42.92 6.37 18.42
N GLU D 29 43.85 6.91 19.23
CA GLU D 29 43.69 6.88 20.70
C GLU D 29 42.43 7.57 21.16
N SER D 30 42.13 8.74 20.55
CA SER D 30 40.87 9.47 20.83
C SER D 30 39.66 8.67 20.45
N LEU D 31 39.71 8.05 19.29
CA LEU D 31 38.62 7.16 18.85
C LEU D 31 38.43 5.97 19.80
N LEU D 32 39.52 5.32 20.23
CA LEU D 32 39.41 4.27 21.30
C LEU D 32 38.87 4.76 22.62
N ASP D 33 39.30 5.96 23.06
CA ASP D 33 38.69 6.60 24.24
C ASP D 33 37.20 6.77 24.05
N GLY D 34 36.82 7.29 22.87
CA GLY D 34 35.43 7.42 22.44
C GLY D 34 34.61 6.18 22.68
N LEU D 35 35.14 5.04 22.22
CA LEU D 35 34.48 3.75 22.36
C LEU D 35 34.45 3.27 23.80
N ASN D 36 35.58 3.33 24.50
CA ASN D 36 35.67 2.94 25.93
C ASN D 36 34.75 3.73 26.82
N SER D 37 34.79 5.06 26.65
CA SER D 37 33.98 5.97 27.42
C SER D 37 32.49 5.77 27.19
N LEU D 38 32.12 5.49 25.95
CA LEU D 38 30.74 5.15 25.61
C LEU D 38 30.27 3.89 26.34
N VAL D 39 31.08 2.84 26.28
CA VAL D 39 30.78 1.57 26.95
C VAL D 39 30.69 1.74 28.48
N LEU D 40 31.62 2.48 29.07
CA LEU D 40 31.56 2.81 30.53
C LEU D 40 30.31 3.56 30.91
N ASP D 41 29.99 4.60 30.14
CA ASP D 41 28.79 5.43 30.41
C ASP D 41 27.45 4.71 30.16
N LEU D 42 27.44 3.66 29.33
CA LEU D 42 26.22 2.86 29.02
C LEU D 42 26.02 1.60 29.85
N ASP D 43 27.10 0.94 30.29
CA ASP D 43 27.04 -0.36 30.96
C ASP D 43 26.63 -0.23 32.44
N PHE D 44 25.32 -0.06 32.62
CA PHE D 44 24.67 -0.02 33.93
C PHE D 44 23.32 -0.72 33.78
N PRO D 45 22.98 -1.68 34.65
CA PRO D 45 21.82 -2.56 34.42
C PRO D 45 20.49 -1.86 34.09
N ALA D 46 20.28 -0.67 34.66
CA ALA D 46 19.10 0.16 34.39
C ALA D 46 19.02 0.64 32.94
N LEU D 47 20.13 1.19 32.46
CA LEU D 47 20.28 1.66 31.07
C LEU D 47 20.17 0.53 30.04
N ARG D 48 20.66 -0.66 30.40
CA ARG D 48 20.49 -1.89 29.56
C ARG D 48 19.06 -2.42 29.40
N LYS D 49 18.07 -1.84 30.10
CA LYS D 49 16.64 -2.05 29.77
C LYS D 49 16.28 -1.55 28.36
N ASN D 50 17.04 -0.58 27.84
CA ASN D 50 17.02 -0.19 26.45
C ASN D 50 17.74 -1.24 25.58
N LYS D 51 17.00 -1.86 24.67
CA LYS D 51 17.54 -2.91 23.79
C LYS D 51 18.67 -2.43 22.87
N ASN D 52 18.54 -1.21 22.35
CA ASN D 52 19.61 -0.54 21.55
C ASN D 52 20.95 -0.55 22.29
N ILE D 53 20.91 -0.12 23.55
CA ILE D 53 22.08 -0.12 24.43
C ILE D 53 22.53 -1.55 24.76
N ASP D 54 21.58 -2.41 25.14
CA ASP D 54 21.93 -3.78 25.51
C ASP D 54 22.64 -4.54 24.40
N ASN D 55 22.04 -4.51 23.21
CA ASN D 55 22.59 -5.20 22.04
C ASN D 55 23.95 -4.65 21.61
N PHE D 56 24.09 -3.33 21.58
CA PHE D 56 25.38 -2.65 21.27
C PHE D 56 26.49 -3.11 22.22
N LEU D 57 26.21 -3.09 23.53
CA LEU D 57 27.18 -3.57 24.52
C LEU D 57 27.54 -5.06 24.35
N ASN D 58 26.53 -5.89 24.04
CA ASN D 58 26.76 -7.30 23.78
C ASN D 58 27.67 -7.52 22.57
N ARG D 59 27.45 -6.76 21.48
CA ARG D 59 28.36 -6.80 20.31
C ARG D 59 29.81 -6.42 20.64
N TYR D 60 29.98 -5.36 21.45
CA TYR D 60 31.31 -4.86 21.84
C TYR D 60 31.89 -5.36 23.19
N GLU D 61 31.27 -6.37 23.77
CA GLU D 61 31.73 -6.94 25.03
C GLU D 61 33.15 -7.51 24.94
N LYS D 62 33.33 -8.46 24.03
CA LYS D 62 34.63 -9.17 23.82
C LYS D 62 35.77 -8.19 23.55
N ILE D 63 35.61 -7.44 22.48
CA ILE D 63 36.68 -6.59 21.94
C ILE D 63 37.12 -5.47 22.90
N VAL D 64 36.17 -4.90 23.65
CA VAL D 64 36.46 -3.90 24.68
C VAL D 64 37.25 -4.49 25.84
N LYS D 65 36.83 -5.67 26.33
CA LYS D 65 37.64 -6.42 27.30
C LYS D 65 39.07 -6.67 26.77
N LYS D 66 39.17 -7.07 25.51
CA LYS D 66 40.47 -7.25 24.84
C LYS D 66 41.31 -5.96 24.75
N ILE D 67 40.69 -4.83 24.40
CA ILE D 67 41.35 -3.50 24.38
C ILE D 67 41.84 -3.09 25.77
N ARG D 68 40.96 -3.23 26.75
CA ARG D 68 41.24 -2.94 28.17
C ARG D 68 42.49 -3.66 28.70
N GLY D 69 42.62 -4.94 28.35
CA GLY D 69 43.80 -5.74 28.68
C GLY D 69 45.08 -5.20 28.07
N LEU D 70 45.01 -4.82 26.79
CA LEU D 70 46.20 -4.36 26.06
C LEU D 70 46.61 -2.95 26.41
N GLN D 71 45.63 -2.05 26.55
CA GLN D 71 45.93 -0.64 26.85
C GLN D 71 46.59 -0.44 28.20
N MET D 72 47.36 0.63 28.29
CA MET D 72 48.12 0.96 29.53
C MET D 72 47.12 1.27 30.64
N LYS D 73 47.46 0.82 31.84
CA LYS D 73 46.64 1.00 33.04
C LYS D 73 47.48 1.08 34.31
N ALA D 74 46.85 1.52 35.41
CA ALA D 74 47.53 1.73 36.70
C ALA D 74 48.26 0.49 37.25
N GLU D 75 47.66 -0.70 37.03
CA GLU D 75 48.23 -2.00 37.46
C GLU D 75 49.59 -2.32 36.80
N ASP D 76 49.89 -1.73 35.64
CA ASP D 76 51.23 -1.82 35.02
C ASP D 76 52.36 -1.13 35.81
N TYR D 77 52.02 -0.24 36.75
CA TYR D 77 52.98 0.47 37.64
C TYR D 77 52.88 0.00 39.11
N ASP D 78 54.01 -0.14 39.79
CA ASP D 78 54.11 -0.30 41.23
C ASP D 78 54.26 1.07 41.87
N VAL D 79 53.39 1.39 42.82
CA VAL D 79 53.49 2.62 43.59
C VAL D 79 54.56 2.45 44.65
N VAL D 80 55.65 3.23 44.54
CA VAL D 80 56.71 3.27 45.54
C VAL D 80 56.30 4.16 46.72
N LYS D 81 55.92 5.39 46.41
CA LYS D 81 55.67 6.42 47.44
C LYS D 81 54.86 7.55 46.84
N VAL D 82 53.97 8.15 47.64
CA VAL D 82 53.29 9.39 47.26
C VAL D 82 54.24 10.55 47.59
N ILE D 83 54.64 11.29 46.57
CA ILE D 83 55.62 12.39 46.71
C ILE D 83 55.00 13.80 46.70
N GLY D 84 53.69 13.90 46.52
CA GLY D 84 53.04 15.19 46.30
C GLY D 84 51.53 15.11 46.21
N ARG D 85 50.85 16.15 46.68
CA ARG D 85 49.39 16.21 46.73
C ARG D 85 48.98 17.59 46.20
N GLY D 86 47.84 17.62 45.54
CA GLY D 86 47.34 18.84 44.91
C GLY D 86 45.86 18.83 44.73
N ALA D 87 45.37 19.87 44.03
CA ALA D 87 43.94 20.21 43.89
C ALA D 87 43.00 19.01 43.74
N PHE D 88 43.14 18.25 42.64
CA PHE D 88 42.21 17.13 42.36
C PHE D 88 42.88 15.74 42.42
N GLY D 89 44.04 15.63 43.06
CA GLY D 89 44.76 14.34 43.13
C GLY D 89 46.14 14.44 43.73
N GLU D 90 47.08 13.69 43.15
CA GLU D 90 48.39 13.44 43.77
C GLU D 90 49.43 13.05 42.74
N VAL D 91 50.70 13.12 43.16
CA VAL D 91 51.85 12.67 42.37
C VAL D 91 52.51 11.54 43.15
N GLN D 92 52.69 10.42 42.48
CA GLN D 92 53.27 9.22 43.08
C GLN D 92 54.49 8.82 42.29
N LEU D 93 55.53 8.46 43.03
CA LEU D 93 56.75 7.87 42.46
C LEU D 93 56.39 6.41 42.16
N VAL D 94 56.56 6.01 40.91
CA VAL D 94 56.18 4.68 40.43
C VAL D 94 57.31 4.00 39.68
N ARG D 95 57.27 2.68 39.65
CA ARG D 95 58.14 1.85 38.79
C ARG D 95 57.23 1.07 37.87
N HIS D 96 57.42 1.23 36.56
CA HIS D 96 56.71 0.42 35.55
C HIS D 96 57.22 -1.02 35.65
N LYS D 97 56.31 -1.96 35.89
CA LYS D 97 56.62 -3.35 36.27
C LYS D 97 57.47 -4.12 35.26
N ALA D 98 57.06 -4.08 34.00
CA ALA D 98 57.73 -4.84 32.92
C ALA D 98 59.10 -4.25 32.57
N SER D 99 59.15 -2.93 32.36
CA SER D 99 60.40 -2.20 31.99
C SER D 99 61.33 -1.86 33.18
N GLN D 100 60.82 -1.92 34.42
CA GLN D 100 61.55 -1.55 35.65
C GLN D 100 61.98 -0.06 35.70
N LYS D 101 61.36 0.79 34.88
CA LYS D 101 61.77 2.18 34.72
C LYS D 101 60.95 3.04 35.64
N VAL D 102 61.60 4.03 36.24
CA VAL D 102 61.00 4.86 37.27
C VAL D 102 60.48 6.14 36.65
N TYR D 103 59.28 6.52 37.08
CA TYR D 103 58.59 7.74 36.60
C TYR D 103 57.87 8.40 37.77
N ALA D 104 57.55 9.69 37.60
CA ALA D 104 56.54 10.37 38.42
C ALA D 104 55.22 10.25 37.67
N MET D 105 54.17 9.84 38.40
CA MET D 105 52.82 9.68 37.85
C MET D 105 51.84 10.54 38.60
N LYS D 106 51.18 11.44 37.88
CA LYS D 106 50.17 12.33 38.45
C LYS D 106 48.80 11.74 38.22
N LEU D 107 48.01 11.63 39.29
CA LEU D 107 46.62 11.20 39.26
C LEU D 107 45.72 12.43 39.40
N LEU D 108 44.55 12.42 38.73
CA LEU D 108 43.51 13.44 38.91
C LEU D 108 42.13 12.75 38.96
N SER D 109 41.37 12.98 40.03
CA SER D 109 40.03 12.37 40.20
C SER D 109 39.02 13.01 39.23
N LYS D 110 38.44 12.18 38.38
CA LYS D 110 37.39 12.59 37.45
C LYS D 110 36.17 13.12 38.20
N PHE D 111 35.72 12.43 39.24
CA PHE D 111 34.60 12.91 40.09
C PHE D 111 34.84 14.33 40.61
N GLU D 112 35.99 14.54 41.26
CA GLU D 112 36.31 15.83 41.87
C GLU D 112 36.36 16.97 40.85
N MET D 113 36.93 16.69 39.68
CA MET D 113 36.98 17.65 38.57
C MET D 113 35.61 17.98 38.01
N ILE D 114 34.75 16.96 37.83
CA ILE D 114 33.38 17.20 37.40
C ILE D 114 32.64 18.00 38.47
N LYS D 115 32.79 17.60 39.74
CA LYS D 115 32.13 18.28 40.86
C LYS D 115 32.59 19.74 41.04
N ARG D 116 33.90 19.98 41.04
CA ARG D 116 34.47 21.25 41.50
C ARG D 116 35.29 22.03 40.48
N SER D 117 35.84 21.37 39.44
CA SER D 117 36.63 22.08 38.36
C SER D 117 35.73 22.88 37.42
N ASP D 118 35.92 24.20 37.44
CA ASP D 118 35.32 25.12 36.44
C ASP D 118 35.91 25.12 35.01
N SER D 119 37.10 24.54 34.82
CA SER D 119 37.79 24.44 33.52
C SER D 119 38.29 23.01 33.30
N ALA D 120 38.55 22.67 32.03
CA ALA D 120 39.25 21.44 31.62
C ALA D 120 40.76 21.75 31.49
N PHE D 121 41.32 22.09 32.64
CA PHE D 121 42.73 22.50 32.81
C PHE D 121 43.77 21.47 32.34
N PHE D 122 43.41 20.20 32.48
CA PHE D 122 44.27 19.04 32.19
C PHE D 122 44.72 18.91 30.72
N TRP D 123 43.92 19.45 29.78
CA TRP D 123 44.27 19.42 28.36
C TRP D 123 45.58 20.15 28.09
N GLU D 124 45.67 21.41 28.52
CA GLU D 124 46.91 22.19 28.35
C GLU D 124 48.06 21.59 29.18
N GLU D 125 47.78 21.13 30.40
CA GLU D 125 48.82 20.49 31.22
C GLU D 125 49.43 19.26 30.52
N ARG D 126 48.56 18.43 29.94
CA ARG D 126 49.01 17.29 29.16
C ARG D 126 49.78 17.71 27.91
N ASP D 127 49.19 18.59 27.11
CA ASP D 127 49.79 19.05 25.84
C ASP D 127 51.16 19.69 25.98
N ILE D 128 51.36 20.53 27.01
CA ILE D 128 52.66 21.21 27.21
C ILE D 128 53.74 20.17 27.49
N MET D 129 53.48 19.27 28.43
CA MET D 129 54.45 18.22 28.78
C MET D 129 54.67 17.22 27.64
N ALA D 130 53.62 16.94 26.87
CA ALA D 130 53.72 16.05 25.70
C ALA D 130 54.53 16.63 24.54
N PHE D 131 54.38 17.93 24.27
CA PHE D 131 54.82 18.55 22.99
C PHE D 131 55.82 19.71 23.06
N ALA D 132 56.23 20.14 24.26
CA ALA D 132 57.21 21.24 24.42
C ALA D 132 58.56 20.95 23.80
N ASN D 133 59.04 19.69 23.90
CA ASN D 133 60.39 19.30 23.49
C ASN D 133 61.44 20.29 23.96
N SER D 134 61.38 20.55 25.26
CA SER D 134 62.24 21.52 25.91
C SER D 134 62.87 20.85 27.10
N PRO D 135 64.18 21.00 27.29
CA PRO D 135 64.76 20.55 28.57
C PRO D 135 64.29 21.30 29.82
N TRP D 136 63.63 22.46 29.66
CA TRP D 136 63.03 23.22 30.76
C TRP D 136 61.63 22.79 31.21
N VAL D 137 61.01 21.88 30.48
CA VAL D 137 59.65 21.42 30.77
C VAL D 137 59.70 19.94 31.05
N VAL D 138 59.00 19.53 32.09
CA VAL D 138 58.92 18.14 32.46
C VAL D 138 58.20 17.41 31.34
N GLN D 139 58.80 16.30 30.91
CA GLN D 139 58.34 15.55 29.75
C GLN D 139 57.28 14.55 30.16
N LEU D 140 56.23 14.45 29.34
CA LEU D 140 55.16 13.45 29.49
C LEU D 140 55.47 12.33 28.52
N PHE D 141 55.50 11.11 29.02
CA PHE D 141 55.70 9.92 28.20
C PHE D 141 54.39 9.23 27.86
N TYR D 142 53.50 9.11 28.83
CA TYR D 142 52.18 8.46 28.68
C TYR D 142 51.12 9.26 29.40
N ALA D 143 49.93 9.26 28.82
CA ALA D 143 48.70 9.65 29.48
C ALA D 143 47.71 8.53 29.23
N PHE D 144 46.99 8.13 30.26
CA PHE D 144 45.92 7.13 30.12
C PHE D 144 44.85 7.37 31.18
N GLN D 145 43.79 6.57 31.14
CA GLN D 145 42.68 6.73 32.07
C GLN D 145 41.95 5.43 32.41
N ASP D 146 41.34 5.43 33.59
CA ASP D 146 40.43 4.43 34.11
C ASP D 146 39.04 5.14 34.23
N ASP D 147 38.04 4.42 34.72
CA ASP D 147 36.76 5.04 35.10
C ASP D 147 36.85 6.12 36.18
N ARG D 148 37.84 6.05 37.08
CA ARG D 148 37.95 6.96 38.23
C ARG D 148 38.94 8.12 38.03
N TYR D 149 40.06 7.86 37.34
CA TYR D 149 41.21 8.79 37.29
C TYR D 149 41.80 9.03 35.89
N LEU D 150 42.35 10.23 35.69
CA LEU D 150 43.36 10.50 34.66
C LEU D 150 44.73 10.26 35.24
N TYR D 151 45.64 9.79 34.38
CA TYR D 151 47.03 9.50 34.76
C TYR D 151 47.95 10.16 33.76
N MET D 152 49.00 10.83 34.25
CA MET D 152 50.06 11.38 33.43
C MET D 152 51.40 10.86 33.94
N VAL D 153 52.12 10.18 33.06
CA VAL D 153 53.40 9.55 33.38
C VAL D 153 54.47 10.47 32.84
N MET D 154 55.33 10.93 33.76
CA MET D 154 56.29 12.00 33.49
C MET D 154 57.68 11.61 33.96
N GLU D 155 58.73 12.28 33.43
CA GLU D 155 60.09 12.04 33.92
C GLU D 155 60.16 12.46 35.39
N TYR D 156 60.82 11.63 36.19
CA TYR D 156 60.99 11.85 37.61
C TYR D 156 62.13 12.82 37.80
N MET D 157 61.98 13.73 38.76
CA MET D 157 62.94 14.81 39.02
C MET D 157 63.45 14.62 40.45
N PRO D 158 64.53 13.83 40.66
CA PRO D 158 64.89 13.38 42.01
C PRO D 158 65.53 14.45 42.88
N GLY D 159 65.94 15.58 42.31
CA GLY D 159 66.50 16.67 43.07
C GLY D 159 65.59 17.46 44.00
N GLY D 160 64.28 17.27 43.90
CA GLY D 160 63.32 18.03 44.75
C GLY D 160 63.07 19.42 44.24
N ASP D 161 62.26 20.18 44.97
CA ASP D 161 61.89 21.58 44.55
C ASP D 161 62.78 22.64 45.17
N LEU D 162 62.66 23.87 44.66
CA LEU D 162 63.37 25.04 45.24
C LEU D 162 62.96 25.42 46.66
N VAL D 163 61.75 25.05 47.10
CA VAL D 163 61.33 25.27 48.52
C VAL D 163 62.26 24.49 49.42
N ASN D 164 62.38 23.19 49.09
CA ASN D 164 63.27 22.27 49.75
C ASN D 164 64.72 22.73 49.77
N LEU D 165 65.19 23.24 48.64
CA LEU D 165 66.56 23.77 48.56
C LEU D 165 66.74 24.98 49.51
N MET D 166 65.82 25.93 49.44
CA MET D 166 65.89 27.15 50.26
C MET D 166 65.82 26.88 51.76
N SER D 167 65.07 25.85 52.17
CA SER D 167 64.97 25.47 53.57
C SER D 167 66.25 24.78 54.09
N ASN D 168 66.98 24.06 53.22
CA ASN D 168 68.24 23.35 53.56
C ASN D 168 69.57 24.07 53.33
N TYR D 169 69.58 25.10 52.51
CA TYR D 169 70.78 25.96 52.33
C TYR D 169 70.45 27.47 52.48
N ASP D 170 71.36 28.28 53.04
CA ASP D 170 71.45 29.71 52.72
C ASP D 170 71.85 29.76 51.27
N VAL D 171 71.06 30.45 50.45
CA VAL D 171 71.35 30.53 49.01
C VAL D 171 72.23 31.73 48.74
N PRO D 172 73.53 31.54 48.37
CA PRO D 172 74.31 32.70 47.88
C PRO D 172 73.85 33.16 46.51
N GLU D 173 74.19 34.40 46.21
CA GLU D 173 73.77 35.09 44.99
C GLU D 173 74.24 34.39 43.71
N LYS D 174 75.45 33.80 43.71
CA LYS D 174 75.97 32.95 42.60
C LYS D 174 75.04 31.81 42.22
N TRP D 175 74.46 31.17 43.21
CA TRP D 175 73.48 30.09 43.00
C TRP D 175 72.16 30.69 42.52
N ALA D 176 71.70 31.74 43.21
CA ALA D 176 70.46 32.44 42.85
C ALA D 176 70.44 32.91 41.40
N LYS D 177 71.53 33.49 40.97
CA LYS D 177 71.81 33.85 39.57
C LYS D 177 71.60 32.69 38.61
N PHE D 178 72.13 31.52 38.97
CA PHE D 178 71.99 30.29 38.15
C PHE D 178 70.53 29.84 38.02
N TYR D 179 69.85 29.69 39.15
CA TYR D 179 68.47 29.21 39.15
C TYR D 179 67.52 30.20 38.49
N THR D 180 67.72 31.49 38.76
CA THR D 180 66.93 32.56 38.15
C THR D 180 67.09 32.56 36.63
N ALA D 181 68.34 32.49 36.17
CA ALA D 181 68.62 32.40 34.75
C ALA D 181 67.97 31.18 34.08
N GLU D 182 67.96 30.05 34.77
CA GLU D 182 67.27 28.85 34.27
C GLU D 182 65.74 29.03 34.26
N VAL D 183 65.21 29.68 35.28
CA VAL D 183 63.78 30.05 35.30
C VAL D 183 63.43 30.96 34.12
N VAL D 184 64.28 31.93 33.83
CA VAL D 184 64.08 32.86 32.70
C VAL D 184 63.94 32.10 31.38
N LEU D 185 64.93 31.25 31.08
CA LEU D 185 64.92 30.41 29.86
C LEU D 185 63.76 29.44 29.80
N ALA D 186 63.41 28.90 30.97
CA ALA D 186 62.25 28.06 31.10
C ALA D 186 60.99 28.77 30.70
N LEU D 187 60.76 29.92 31.33
CA LEU D 187 59.64 30.79 30.99
C LEU D 187 59.61 31.29 29.55
N ASP D 188 60.77 31.66 29.03
CA ASP D 188 60.89 32.04 27.62
C ASP D 188 60.42 30.92 26.67
N ALA D 189 60.76 29.66 27.00
CA ALA D 189 60.33 28.50 26.21
C ALA D 189 58.80 28.33 26.23
N ILE D 190 58.22 28.41 27.44
CA ILE D 190 56.75 28.36 27.66
C ILE D 190 56.07 29.53 26.91
N HIS D 191 56.57 30.74 27.12
CA HIS D 191 56.02 31.94 26.47
C HIS D 191 56.13 31.91 24.97
N SER D 192 57.24 31.37 24.44
CA SER D 192 57.37 31.14 22.97
C SER D 192 56.40 30.11 22.36
N MET D 193 55.87 29.21 23.19
CA MET D 193 54.78 28.32 22.79
C MET D 193 53.38 28.94 22.85
N GLY D 194 53.24 30.18 23.35
CA GLY D 194 51.94 30.89 23.43
C GLY D 194 51.17 30.66 24.71
N LEU D 195 51.90 30.38 25.78
CA LEU D 195 51.34 29.93 27.06
C LEU D 195 51.87 30.74 28.22
N ILE D 196 51.05 30.92 29.26
CA ILE D 196 51.44 31.58 30.50
C ILE D 196 51.25 30.55 31.63
N HIS D 197 52.21 30.47 32.54
CA HIS D 197 52.18 29.53 33.66
C HIS D 197 51.12 29.90 34.71
N ARG D 198 51.12 31.18 35.12
CA ARG D 198 50.22 31.71 36.16
C ARG D 198 50.42 31.21 37.60
N ASP D 199 51.48 30.45 37.86
CA ASP D 199 51.72 29.84 39.20
C ASP D 199 53.21 29.52 39.37
N VAL D 200 54.04 30.47 38.93
CA VAL D 200 55.47 30.38 39.01
C VAL D 200 55.78 30.64 40.46
N LYS D 201 56.30 29.60 41.10
CA LYS D 201 56.63 29.61 42.48
C LYS D 201 57.60 28.48 42.72
N PRO D 202 58.43 28.58 43.78
CA PRO D 202 59.50 27.58 43.98
C PRO D 202 59.04 26.12 44.10
N ASP D 203 57.80 25.89 44.54
CA ASP D 203 57.21 24.54 44.62
C ASP D 203 57.12 23.84 43.26
N ASN D 204 56.90 24.62 42.20
CA ASN D 204 56.74 24.14 40.82
C ASN D 204 58.05 24.23 39.96
N MET D 205 59.19 24.48 40.61
CA MET D 205 60.53 24.46 40.01
C MET D 205 61.21 23.23 40.60
N LEU D 206 61.47 22.22 39.75
CA LEU D 206 62.08 20.95 40.20
C LEU D 206 63.48 20.82 39.65
N LEU D 207 64.33 20.17 40.43
CA LEU D 207 65.69 19.85 40.03
C LEU D 207 65.78 18.36 39.58
N ASP D 208 66.38 18.17 38.41
CA ASP D 208 66.63 16.87 37.84
C ASP D 208 67.83 16.18 38.53
N LYS D 209 68.20 14.97 38.08
CA LYS D 209 69.34 14.23 38.63
C LYS D 209 70.68 15.00 38.68
N HIS D 210 70.85 15.98 37.79
CA HIS D 210 72.05 16.82 37.69
C HIS D 210 72.00 18.18 38.43
N GLY D 211 70.89 18.44 39.11
CA GLY D 211 70.64 19.73 39.76
C GLY D 211 70.28 20.89 38.85
N HIS D 212 69.82 20.58 37.62
CA HIS D 212 69.29 21.57 36.69
C HIS D 212 67.78 21.61 36.74
N LEU D 213 67.25 22.80 36.51
CA LEU D 213 65.87 23.14 36.79
C LEU D 213 64.97 22.75 35.65
N LYS D 214 63.74 22.35 36.00
CA LYS D 214 62.60 22.34 35.05
C LYS D 214 61.33 22.81 35.76
N LEU D 215 60.44 23.43 34.99
CA LEU D 215 59.13 23.82 35.46
C LEU D 215 58.15 22.64 35.40
N ALA D 216 57.17 22.70 36.31
CA ALA D 216 56.15 21.68 36.50
C ALA D 216 54.82 22.35 36.92
N ASP D 217 53.80 21.53 37.07
CA ASP D 217 52.44 21.95 37.42
C ASP D 217 51.89 22.99 36.44
N PHE D 218 51.56 22.50 35.26
CA PHE D 218 51.00 23.30 34.18
C PHE D 218 49.46 23.28 34.21
N GLY D 219 48.85 23.06 35.38
CA GLY D 219 47.39 23.03 35.53
C GLY D 219 46.68 24.37 35.68
N THR D 220 47.43 25.48 35.74
CA THR D 220 46.85 26.84 35.65
C THR D 220 47.30 27.53 34.37
N CYS D 221 47.80 26.77 33.39
CA CYS D 221 48.17 27.31 32.08
C CYS D 221 46.95 27.72 31.29
N MET D 222 46.99 28.95 30.81
CA MET D 222 46.03 29.51 29.89
C MET D 222 46.75 29.82 28.57
N LYS D 223 46.03 29.59 27.48
CA LYS D 223 46.51 29.90 26.13
C LYS D 223 46.41 31.42 25.86
N MET D 224 47.48 32.04 25.35
CA MET D 224 47.41 33.44 24.91
C MET D 224 46.54 33.64 23.65
N ASP D 225 45.98 34.85 23.52
CA ASP D 225 45.33 35.35 22.29
C ASP D 225 46.44 35.79 21.31
N GLU D 226 46.06 36.28 20.12
CA GLU D 226 47.04 36.91 19.18
C GLU D 226 47.68 38.21 19.71
N THR D 227 47.05 38.88 20.69
CA THR D 227 47.61 40.04 21.40
C THR D 227 48.45 39.72 22.67
N GLY D 228 48.55 38.44 23.05
CA GLY D 228 49.37 37.99 24.20
C GLY D 228 48.73 37.98 25.60
N MET D 229 47.39 37.99 25.62
CA MET D 229 46.57 38.14 26.84
C MET D 229 45.61 36.95 27.04
N VAL D 230 45.10 36.78 28.27
CA VAL D 230 44.03 35.80 28.59
C VAL D 230 43.29 36.13 29.90
N HIS D 231 41.98 35.90 29.90
CA HIS D 231 41.10 36.28 31.01
C HIS D 231 41.03 35.15 32.03
N THR D 234 40.74 32.33 35.83
CA THR D 234 40.01 31.75 36.96
C THR D 234 40.72 32.07 38.31
N ALA D 235 41.11 31.08 39.13
CA ALA D 235 41.86 31.28 40.41
C ALA D 235 43.39 31.19 40.23
N VAL D 236 44.10 31.50 41.30
CA VAL D 236 45.54 31.26 41.46
C VAL D 236 45.73 30.64 42.86
N GLY D 237 46.82 29.90 43.04
CA GLY D 237 47.16 29.23 44.30
C GLY D 237 47.60 30.18 45.40
N THR D 238 48.92 30.25 45.66
CA THR D 238 49.46 30.96 46.85
C THR D 238 49.69 32.46 46.59
N PRO D 239 49.32 33.33 47.58
CA PRO D 239 49.26 34.78 47.35
C PRO D 239 50.58 35.55 47.46
N ASP D 240 51.58 35.01 48.17
CA ASP D 240 52.94 35.59 48.23
C ASP D 240 53.52 35.92 46.82
N TYR D 241 53.26 35.04 45.84
CA TYR D 241 53.75 35.12 44.46
C TYR D 241 52.80 35.74 43.43
N ILE D 242 51.58 36.10 43.84
CA ILE D 242 50.58 36.63 42.93
C ILE D 242 50.84 38.11 42.67
N SER D 243 50.77 38.48 41.40
CA SER D 243 51.02 39.84 40.94
C SER D 243 49.79 40.71 41.16
N PRO D 244 49.96 42.04 41.26
CA PRO D 244 48.81 42.90 41.62
C PRO D 244 47.70 42.98 40.55
N GLU D 245 48.09 42.97 39.28
CA GLU D 245 47.14 42.89 38.18
C GLU D 245 46.23 41.65 38.23
N VAL D 246 46.80 40.50 38.63
CA VAL D 246 46.02 39.25 38.80
C VAL D 246 45.00 39.37 39.94
N LEU D 247 45.37 40.05 41.03
CA LEU D 247 44.45 40.29 42.16
C LEU D 247 43.26 41.19 41.83
N LYS D 248 43.49 42.29 41.10
CA LYS D 248 42.38 43.20 40.70
C LYS D 248 41.43 42.60 39.63
N SER D 249 41.99 41.81 38.70
CA SER D 249 41.20 41.10 37.67
C SER D 249 40.17 40.09 38.21
N GLN D 250 40.50 39.44 39.33
CA GLN D 250 39.56 38.62 40.12
C GLN D 250 39.39 39.23 41.52
N GLY D 254 38.72 40.67 34.53
CA GLY D 254 39.94 41.31 34.03
C GLY D 254 40.92 40.39 33.31
N PHE D 255 41.84 41.01 32.58
CA PHE D 255 42.71 40.33 31.61
C PHE D 255 44.15 40.79 31.77
N TYR D 256 45.07 39.90 31.39
CA TYR D 256 46.52 40.04 31.67
C TYR D 256 47.37 39.10 30.80
N GLY D 257 48.69 39.32 30.76
CA GLY D 257 49.63 38.65 29.84
C GLY D 257 50.84 38.01 30.53
N ARG D 258 51.91 37.82 29.76
CA ARG D 258 53.11 37.08 30.19
C ARG D 258 53.88 37.71 31.34
N GLU D 259 53.81 39.04 31.43
CA GLU D 259 54.40 39.82 32.53
C GLU D 259 54.01 39.38 33.94
N CYS D 260 52.83 38.80 34.15
CA CYS D 260 52.44 38.25 35.48
C CYS D 260 53.36 37.08 35.95
N ASP D 261 53.87 36.28 35.00
CA ASP D 261 54.92 35.29 35.34
C ASP D 261 56.22 35.98 35.76
N TRP D 262 56.60 37.05 35.05
CA TRP D 262 57.84 37.78 35.35
C TRP D 262 57.84 38.49 36.71
N TRP D 263 56.67 38.91 37.19
CA TRP D 263 56.51 39.40 38.58
C TRP D 263 57.07 38.37 39.54
N SER D 264 56.54 37.15 39.39
CA SER D 264 56.87 36.01 40.26
C SER D 264 58.35 35.68 40.28
N VAL D 265 59.03 35.90 39.17
CA VAL D 265 60.50 35.79 39.09
C VAL D 265 61.19 36.79 40.02
N GLY D 266 60.71 38.03 40.02
CA GLY D 266 61.14 39.04 40.98
C GLY D 266 60.94 38.57 42.41
N VAL D 267 59.77 38.02 42.71
CA VAL D 267 59.44 37.49 44.05
C VAL D 267 60.37 36.34 44.42
N PHE D 268 60.57 35.43 43.48
CA PHE D 268 61.47 34.26 43.62
C PHE D 268 62.88 34.69 44.03
N LEU D 269 63.44 35.63 43.27
CA LEU D 269 64.79 36.14 43.49
C LEU D 269 64.94 36.87 44.83
N TYR D 270 63.93 37.62 45.22
CA TYR D 270 63.88 38.23 46.54
C TYR D 270 63.89 37.14 47.60
N GLU D 271 63.05 36.09 47.44
CA GLU D 271 62.98 35.00 48.40
C GLU D 271 64.31 34.30 48.59
N MET D 272 64.98 34.00 47.49
CA MET D 272 66.28 33.33 47.52
C MET D 272 67.37 34.10 48.22
N LEU D 273 67.43 35.41 47.97
CA LEU D 273 68.49 36.28 48.49
C LEU D 273 68.24 36.77 49.93
N VAL D 274 66.98 36.96 50.30
CA VAL D 274 66.60 37.52 51.58
C VAL D 274 66.20 36.42 52.58
N GLY D 275 65.46 35.41 52.13
CA GLY D 275 64.93 34.32 52.98
C GLY D 275 63.52 34.55 53.51
N ASP D 276 62.89 35.63 53.07
CA ASP D 276 61.48 35.92 53.33
C ASP D 276 60.83 36.39 52.03
N THR D 277 59.50 36.31 51.98
CA THR D 277 58.73 36.91 50.87
C THR D 277 58.74 38.46 50.97
N PRO D 278 58.89 39.19 49.84
CA PRO D 278 58.89 40.68 49.87
C PRO D 278 57.64 41.35 50.44
N PHE D 279 56.49 40.71 50.25
CA PHE D 279 55.22 41.17 50.76
C PHE D 279 54.60 40.26 51.85
N TYR D 280 55.45 39.69 52.71
CA TYR D 280 54.99 38.88 53.85
C TYR D 280 54.13 39.69 54.81
N ALA D 281 53.06 39.05 55.29
CA ALA D 281 52.22 39.56 56.39
C ALA D 281 51.58 38.41 57.18
N ASP D 282 50.97 38.74 58.32
CA ASP D 282 50.32 37.75 59.19
C ASP D 282 49.06 37.18 58.56
N SER D 283 48.19 38.09 58.11
CA SER D 283 46.96 37.73 57.37
C SER D 283 47.20 37.67 55.86
N LEU D 284 46.22 37.09 55.16
CA LEU D 284 46.16 37.15 53.69
C LEU D 284 45.87 38.56 53.19
N VAL D 285 44.89 39.22 53.82
CA VAL D 285 44.54 40.62 53.52
C VAL D 285 45.73 41.59 53.67
N GLY D 286 46.62 41.32 54.63
CA GLY D 286 47.87 42.08 54.76
C GLY D 286 48.78 41.90 53.56
N THR D 287 48.98 40.65 53.15
CA THR D 287 49.81 40.28 51.98
C THR D 287 49.30 40.93 50.72
N TYR D 288 48.01 40.75 50.45
CA TYR D 288 47.32 41.37 49.28
C TYR D 288 47.52 42.87 49.26
N SER D 289 47.31 43.52 50.42
CA SER D 289 47.47 44.97 50.55
C SER D 289 48.91 45.45 50.32
N LYS D 290 49.89 44.70 50.84
CA LYS D 290 51.31 44.99 50.64
C LYS D 290 51.72 44.86 49.18
N ILE D 291 51.23 43.80 48.51
CA ILE D 291 51.47 43.59 47.06
C ILE D 291 50.95 44.78 46.22
N MET D 292 49.72 45.22 46.49
CA MET D 292 49.15 46.38 45.79
C MET D 292 49.93 47.67 46.03
N ASP D 293 50.49 47.81 47.22
CA ASP D 293 51.34 48.92 47.63
C ASP D 293 52.85 48.61 47.47
N HIS D 294 53.21 47.83 46.46
CA HIS D 294 54.62 47.52 46.12
C HIS D 294 55.56 48.72 45.86
N LYS D 295 55.01 49.84 45.39
CA LYS D 295 55.77 51.10 45.23
C LYS D 295 56.41 51.59 46.54
N ASN D 296 55.68 51.44 47.65
CA ASN D 296 56.19 51.75 48.99
C ASN D 296 56.69 50.52 49.75
N SER D 297 55.90 49.44 49.75
CA SER D 297 56.14 48.26 50.61
C SER D 297 57.36 47.40 50.30
N LEU D 298 57.89 47.50 49.08
CA LEU D 298 59.13 46.80 48.73
C LEU D 298 60.30 47.50 49.43
N CYS D 299 61.04 46.73 50.20
CA CYS D 299 62.12 47.23 51.03
C CYS D 299 63.07 46.06 51.34
N PHE D 300 64.33 46.27 50.98
CA PHE D 300 65.42 45.37 51.28
C PHE D 300 65.87 45.53 52.71
N PRO D 301 65.78 44.47 53.56
CA PRO D 301 66.26 44.64 54.94
C PRO D 301 67.78 44.81 55.01
N GLU D 302 68.24 45.62 55.97
CA GLU D 302 69.66 45.96 56.08
C GLU D 302 70.63 44.80 56.36
N ASP D 303 70.13 43.67 56.87
CA ASP D 303 70.94 42.42 57.01
C ASP D 303 71.02 41.48 55.77
N ALA D 304 70.29 41.80 54.71
CA ALA D 304 70.21 40.95 53.51
C ALA D 304 71.48 41.01 52.67
N GLU D 305 72.03 39.83 52.30
CA GLU D 305 73.29 39.76 51.55
C GLU D 305 72.91 39.83 50.08
N ILE D 306 72.95 41.06 49.53
CA ILE D 306 72.39 41.31 48.19
C ILE D 306 73.16 42.41 47.48
N SER D 307 73.46 42.18 46.21
CA SER D 307 74.16 43.17 45.38
C SER D 307 73.21 44.27 44.92
N LYS D 308 73.80 45.40 44.49
CA LYS D 308 73.06 46.50 43.85
C LYS D 308 72.38 46.03 42.56
N HIS D 309 73.08 45.22 41.75
CA HIS D 309 72.46 44.63 40.54
C HIS D 309 71.25 43.72 40.80
N ALA D 310 71.34 42.90 41.83
CA ALA D 310 70.23 42.03 42.26
C ALA D 310 69.04 42.81 42.78
N LYS D 311 69.29 43.87 43.55
CA LYS D 311 68.23 44.83 43.92
C LYS D 311 67.58 45.48 42.70
N ASN D 312 68.43 45.93 41.76
CA ASN D 312 67.96 46.55 40.51
C ASN D 312 67.08 45.59 39.70
N LEU D 313 67.48 44.32 39.62
CA LEU D 313 66.72 43.32 38.86
C LEU D 313 65.39 43.00 39.53
N ILE D 314 65.39 42.79 40.85
CA ILE D 314 64.16 42.55 41.61
C ILE D 314 63.23 43.74 41.42
N CYS D 315 63.75 44.96 41.62
CA CYS D 315 62.96 46.19 41.43
C CYS D 315 62.39 46.38 40.01
N ALA D 316 63.12 45.93 39.00
CA ALA D 316 62.68 45.95 37.61
C ALA D 316 61.49 45.02 37.30
N PHE D 317 61.44 43.86 37.97
CA PHE D 317 60.27 42.94 37.87
C PHE D 317 59.09 43.36 38.73
N LEU D 318 59.36 43.82 39.94
CA LEU D 318 58.31 44.18 40.89
C LEU D 318 57.84 45.64 40.71
N THR D 319 57.25 45.92 39.55
CA THR D 319 56.66 47.19 39.17
C THR D 319 55.25 46.96 38.65
N ASP D 320 54.56 48.04 38.30
CA ASP D 320 53.32 48.01 37.52
C ASP D 320 53.57 47.27 36.21
N ARG D 321 52.54 46.55 35.72
CA ARG D 321 52.62 45.81 34.44
C ARG D 321 53.17 46.59 33.24
N GLU D 322 52.78 47.86 33.14
CA GLU D 322 53.05 48.71 31.97
C GLU D 322 54.53 49.07 31.78
N VAL D 323 55.31 49.14 32.87
CA VAL D 323 56.74 49.42 32.83
C VAL D 323 57.62 48.18 33.10
N ARG D 324 57.03 46.99 33.23
CA ARG D 324 57.72 45.81 33.78
C ARG D 324 58.71 45.15 32.83
N LEU D 325 59.79 44.60 33.38
CA LEU D 325 60.82 43.93 32.61
C LEU D 325 60.23 42.59 32.11
N GLY D 326 60.45 42.29 30.83
CA GLY D 326 59.84 41.12 30.17
C GLY D 326 58.54 41.35 29.41
N ARG D 327 58.10 42.62 29.29
CA ARG D 327 57.07 42.99 28.31
C ARG D 327 57.62 42.81 26.88
N ASN D 328 58.77 43.43 26.59
CA ASN D 328 59.31 43.49 25.22
C ASN D 328 60.25 42.31 24.94
N GLY D 329 59.76 41.09 25.21
CA GLY D 329 60.57 39.90 25.18
C GLY D 329 61.62 39.75 26.27
N VAL D 330 62.24 38.57 26.22
CA VAL D 330 63.25 38.12 27.16
C VAL D 330 64.64 38.82 27.05
N GLU D 331 64.94 39.50 25.93
CA GLU D 331 66.30 40.01 25.66
C GLU D 331 66.79 41.08 26.63
N GLU D 332 65.90 42.00 27.02
CA GLU D 332 66.21 42.98 28.08
C GLU D 332 66.54 42.32 29.45
N ILE D 333 65.92 41.17 29.73
CA ILE D 333 66.22 40.36 30.93
C ILE D 333 67.61 39.74 30.79
N ARG D 334 67.92 39.18 29.62
CA ARG D 334 69.21 38.51 29.39
C ARG D 334 70.42 39.44 29.53
N GLN D 335 70.30 40.64 28.98
CA GLN D 335 71.34 41.66 29.06
C GLN D 335 71.45 42.43 30.39
N HIS D 336 70.58 42.14 31.37
CA HIS D 336 70.70 42.73 32.71
C HIS D 336 72.05 42.36 33.39
N PRO D 337 72.79 43.35 33.95
CA PRO D 337 74.17 43.12 34.45
C PRO D 337 74.32 42.11 35.61
N PHE D 338 73.30 41.97 36.44
CA PHE D 338 73.10 40.82 37.33
C PHE D 338 73.58 39.48 36.79
N PHE D 339 73.21 39.17 35.56
CA PHE D 339 73.54 37.89 34.94
C PHE D 339 74.97 37.79 34.40
N LYS D 340 75.78 38.87 34.43
CA LYS D 340 77.22 38.79 34.10
C LYS D 340 77.90 37.89 35.13
N ASN D 341 78.63 36.89 34.65
CA ASN D 341 79.33 35.93 35.52
C ASN D 341 80.47 35.21 34.82
N ASP D 342 81.32 34.59 35.62
CA ASP D 342 82.47 33.82 35.16
C ASP D 342 82.21 32.35 34.82
N GLN D 343 81.07 31.80 35.23
CA GLN D 343 80.79 30.35 35.10
C GLN D 343 80.09 29.91 33.83
N TRP D 344 79.18 30.72 33.30
CA TRP D 344 78.26 30.30 32.21
C TRP D 344 77.75 31.45 31.36
N HIS D 345 77.39 31.12 30.12
CA HIS D 345 76.67 31.96 29.18
C HIS D 345 75.22 31.42 29.05
N TRP D 346 74.35 32.26 28.48
CA TRP D 346 72.96 31.93 28.23
C TRP D 346 72.76 30.72 27.32
N ASP D 347 73.59 30.64 26.29
CA ASP D 347 73.56 29.51 25.34
C ASP D 347 74.06 28.15 25.91
N ASN D 348 74.81 28.16 27.01
CA ASN D 348 75.36 26.93 27.61
C ASN D 348 75.07 26.63 29.07
N ILE D 349 74.22 27.44 29.70
CA ILE D 349 73.96 27.32 31.15
C ILE D 349 73.59 25.90 31.56
N ARG D 350 72.73 25.25 30.80
CA ARG D 350 72.20 23.90 31.16
C ARG D 350 73.25 22.78 31.01
N GLU D 351 74.33 23.06 30.28
CA GLU D 351 75.53 22.26 30.14
C GLU D 351 76.68 22.56 31.13
N THR D 352 76.45 23.45 32.11
CA THR D 352 77.45 23.78 33.13
C THR D 352 77.07 23.09 34.43
N ALA D 353 78.03 23.05 35.33
CA ALA D 353 77.88 22.40 36.62
C ALA D 353 76.92 23.14 37.51
N ALA D 354 75.80 22.50 37.84
CA ALA D 354 74.83 23.07 38.74
C ALA D 354 75.41 23.31 40.14
N PRO D 355 74.89 24.31 40.87
CA PRO D 355 75.40 24.60 42.23
C PRO D 355 75.28 23.45 43.23
N VAL D 356 74.12 22.79 43.22
CA VAL D 356 73.78 21.68 44.11
C VAL D 356 73.54 20.45 43.24
N VAL D 357 74.52 19.55 43.21
CA VAL D 357 74.42 18.27 42.49
C VAL D 357 73.83 17.27 43.48
N PRO D 358 72.65 16.68 43.19
CA PRO D 358 72.07 15.61 44.07
C PRO D 358 73.02 14.43 44.33
N GLU D 359 73.05 13.94 45.58
CA GLU D 359 73.80 12.70 45.91
C GLU D 359 72.72 11.63 46.13
N LEU D 360 72.34 10.92 45.07
CA LEU D 360 71.27 9.91 45.12
C LEU D 360 71.82 8.50 45.38
N SER D 361 71.12 7.75 46.24
CA SER D 361 71.49 6.42 46.65
C SER D 361 70.93 5.29 45.75
N SER D 362 69.92 5.61 44.93
CA SER D 362 69.24 4.65 44.05
C SER D 362 68.29 5.39 43.09
N ASP D 363 67.68 4.66 42.16
CA ASP D 363 66.67 5.22 41.24
C ASP D 363 65.31 5.56 41.85
N ILE D 364 65.05 5.10 43.10
CA ILE D 364 63.84 5.46 43.88
C ILE D 364 64.13 6.31 45.13
N ASP D 365 65.34 6.89 45.18
CA ASP D 365 65.69 7.86 46.21
C ASP D 365 64.74 9.06 46.05
N SER D 366 63.84 9.22 47.03
CA SER D 366 62.94 10.38 47.12
C SER D 366 63.24 11.28 48.33
N SER D 367 64.51 11.27 48.76
CA SER D 367 64.90 11.88 50.02
C SER D 367 64.91 13.44 49.96
N ASN D 368 64.95 14.03 48.77
CA ASN D 368 64.74 15.48 48.55
C ASN D 368 63.26 15.92 48.47
N PHE D 369 62.33 15.01 48.79
CA PHE D 369 60.89 15.36 48.98
C PHE D 369 60.39 15.01 50.38
N ASP D 370 59.58 15.89 50.96
CA ASP D 370 59.02 15.68 52.29
C ASP D 370 57.95 14.59 52.25
N ASP D 371 57.76 13.90 53.38
CA ASP D 371 56.67 12.92 53.54
C ASP D 371 55.32 13.65 53.57
N ILE D 372 54.25 12.91 53.26
CA ILE D 372 52.89 13.47 53.11
C ILE D 372 51.87 12.62 53.90
N GLU D 373 50.86 13.29 54.47
CA GLU D 373 49.99 12.73 55.53
C GLU D 373 48.65 12.20 54.99
N VAL D 379 37.76 10.23 49.37
CA VAL D 379 37.55 9.51 48.10
C VAL D 379 36.05 9.25 47.91
N GLU D 380 35.53 9.61 46.74
CA GLU D 380 34.13 9.30 46.36
C GLU D 380 33.93 9.29 44.84
N THR D 381 33.03 8.41 44.41
CA THR D 381 32.79 8.11 42.99
C THR D 381 31.50 8.74 42.51
N PHE D 382 31.28 8.65 41.19
CA PHE D 382 29.99 9.00 40.60
C PHE D 382 28.93 7.98 41.06
N PRO D 383 27.67 8.45 41.29
CA PRO D 383 26.62 7.48 41.61
C PRO D 383 26.23 6.66 40.40
N ILE D 384 25.74 5.44 40.64
CA ILE D 384 25.25 4.55 39.58
C ILE D 384 24.00 5.23 39.03
N PRO D 385 24.06 5.74 37.78
CA PRO D 385 23.03 6.64 37.33
C PRO D 385 21.77 5.91 36.87
N LYS D 386 20.64 6.61 36.94
CA LYS D 386 19.34 6.07 36.53
C LYS D 386 19.16 6.16 35.01
N ALA D 387 19.69 7.23 34.39
CA ALA D 387 19.80 7.39 32.94
C ALA D 387 21.20 7.87 32.55
N PHE D 388 21.48 7.90 31.25
CA PHE D 388 22.77 8.37 30.69
C PHE D 388 23.09 9.80 31.13
N VAL D 389 24.25 9.96 31.78
CA VAL D 389 24.80 11.26 32.20
C VAL D 389 26.13 11.65 31.52
N GLY D 390 26.87 10.68 30.99
CA GLY D 390 28.03 10.97 30.15
C GLY D 390 29.25 11.48 30.90
N ASN D 391 29.49 10.97 32.10
CA ASN D 391 30.58 11.46 32.96
C ASN D 391 32.00 11.22 32.41
N GLN D 392 32.19 10.23 31.54
CA GLN D 392 33.49 9.98 30.87
C GLN D 392 33.75 10.87 29.62
N LEU D 393 32.72 11.56 29.09
CA LEU D 393 32.82 12.34 27.85
C LEU D 393 33.82 13.50 27.85
N PRO D 394 33.99 14.21 29.00
CA PRO D 394 35.01 15.26 29.06
C PRO D 394 36.46 14.82 28.90
N PHE D 395 36.72 13.51 29.04
CA PHE D 395 38.07 12.95 29.02
C PHE D 395 38.36 12.11 27.75
N ILE D 396 37.45 12.07 26.78
CA ILE D 396 37.74 11.48 25.45
C ILE D 396 38.79 12.34 24.80
N GLY D 397 39.91 11.70 24.46
CA GLY D 397 41.07 12.37 23.87
C GLY D 397 42.25 12.41 24.81
N PHE D 398 42.07 12.09 26.09
CA PHE D 398 43.14 12.22 27.06
C PHE D 398 44.29 11.27 26.81
N THR D 399 43.98 10.03 26.42
CA THR D 399 45.00 9.02 26.21
C THR D 399 46.06 9.50 25.19
N TYR D 400 47.33 9.32 25.54
CA TYR D 400 48.49 9.66 24.70
C TYR D 400 49.57 8.62 24.96
N TYR D 401 50.05 7.97 23.89
CA TYR D 401 51.13 6.98 23.93
C TYR D 401 52.25 7.50 23.00
N ARG D 402 53.42 7.78 23.57
CA ARG D 402 54.51 8.46 22.87
C ARG D 402 55.23 7.52 21.92
#